data_2I7H
#
_entry.id   2I7H
#
_cell.length_a   242.719
_cell.length_b   87.217
_cell.length_c   81.189
_cell.angle_alpha   90.00
_cell.angle_beta   103.03
_cell.angle_gamma   90.00
#
_symmetry.space_group_name_H-M   'C 1 2 1'
#
loop_
_entity.id
_entity.type
_entity.pdbx_description
1 polymer 'Nitroreductase-like family protein'
2 non-polymer 'FLAVIN MONONUCLEOTIDE'
3 non-polymer 'SULFATE ION'
4 water water
#
_entity_poly.entity_id   1
_entity_poly.type   'polypeptide(L)'
_entity_poly.pdbx_seq_one_letter_code
;SNA(MSE)TTYTSIANVIKERRSVRTFTDKAVEKDLLIELLNDATWAPNHKHREPWNCKLYIGEGRKKLVDAVLNSFTEE
ERAKRGKILSDRFLSTPAQIVVY(MSE)NEDPRQIQRDEDYAATCAF(MSE)QNFQLLAWERGLGCVWKSGGLNYNPLFI
EGIGLTRGQRIVGILHIGYFDKAPEGKARTPITEK(MSE)EIIEG
;
_entity_poly.pdbx_strand_id   A,B,C,D,E,F
#
loop_
_chem_comp.id
_chem_comp.type
_chem_comp.name
_chem_comp.formula
FMN non-polymer 'FLAVIN MONONUCLEOTIDE' 'C17 H21 N4 O9 P'
SO4 non-polymer 'SULFATE ION' 'O4 S -2'
#
# COMPACT_ATOMS: atom_id res chain seq x y z
N ALA A 3 -7.75 -2.22 -0.27
CA ALA A 3 -6.35 -2.56 0.11
C ALA A 3 -6.31 -3.52 1.30
N MSE A 4 -5.92 -4.76 1.04
CA MSE A 4 -5.91 -5.78 2.08
C MSE A 4 -4.51 -6.30 2.35
O MSE A 4 -3.89 -6.90 1.47
CB MSE A 4 -6.81 -6.98 1.73
CG MSE A 4 -8.26 -6.65 1.50
SE MSE A 4 -9.13 -5.83 3.03
CE MSE A 4 -9.46 -7.41 4.11
N THR A 5 -4.03 -6.08 3.56
CA THR A 5 -2.80 -6.73 3.97
C THR A 5 -3.07 -8.15 4.43
N THR A 6 -2.12 -9.04 4.15
N THR A 6 -2.11 -9.02 4.17
CA THR A 6 -2.27 -10.46 4.47
CA THR A 6 -2.22 -10.44 4.47
C THR A 6 -1.46 -10.82 5.72
C THR A 6 -1.45 -10.80 5.75
N TYR A 7 -1.99 -11.76 6.49
CA TYR A 7 -1.39 -12.18 7.75
C TYR A 7 -1.16 -13.66 7.64
N THR A 8 -0.16 -14.00 6.82
CA THR A 8 0.24 -15.38 6.56
C THR A 8 1.12 -15.89 7.70
N SER A 9 0.73 -17.03 8.28
CA SER A 9 1.60 -17.82 9.17
C SER A 9 2.89 -18.22 8.45
N ILE A 10 4.03 -18.04 9.10
N ILE A 10 4.05 -18.00 9.07
CA ILE A 10 5.30 -18.46 8.53
CA ILE A 10 5.32 -18.46 8.48
C ILE A 10 5.37 -19.98 8.36
C ILE A 10 5.34 -19.98 8.31
N ALA A 11 4.51 -20.68 9.09
CA ALA A 11 4.28 -22.11 8.89
C ALA A 11 3.87 -22.40 7.44
N ASN A 12 3.04 -21.54 6.87
N ASN A 12 3.07 -21.51 6.88
CA ASN A 12 2.59 -21.75 5.51
CA ASN A 12 2.55 -21.68 5.53
C ASN A 12 3.72 -21.64 4.50
C ASN A 12 3.64 -21.57 4.46
N VAL A 13 4.52 -20.58 4.63
CA VAL A 13 5.69 -20.39 3.78
C VAL A 13 6.68 -21.57 3.89
N ILE A 14 7.00 -21.96 5.14
CA ILE A 14 7.90 -23.09 5.41
C ILE A 14 7.42 -24.38 4.72
N LYS A 15 6.13 -24.65 4.81
CA LYS A 15 5.59 -25.88 4.22
C LYS A 15 5.31 -25.82 2.72
N GLU A 16 5.16 -24.62 2.17
N GLU A 16 5.16 -24.60 2.20
CA GLU A 16 4.82 -24.46 0.78
CA GLU A 16 4.81 -24.33 0.82
C GLU A 16 6.07 -24.27 -0.10
C GLU A 16 6.06 -24.27 -0.06
N ARG A 17 7.12 -23.68 0.47
CA ARG A 17 8.43 -23.60 -0.18
C ARG A 17 8.83 -24.91 -0.85
N ARG A 18 9.23 -24.80 -2.12
CA ARG A 18 9.76 -25.93 -2.87
C ARG A 18 11.08 -25.51 -3.49
N SER A 19 11.99 -26.47 -3.60
CA SER A 19 13.17 -26.32 -4.45
C SER A 19 12.71 -26.21 -5.90
N VAL A 20 13.14 -25.13 -6.56
CA VAL A 20 12.75 -24.87 -7.94
C VAL A 20 14.03 -24.92 -8.77
N ARG A 21 14.00 -25.68 -9.86
CA ARG A 21 15.20 -25.95 -10.62
C ARG A 21 15.06 -25.45 -12.05
N THR A 22 13.86 -24.98 -12.40
N THR A 22 13.87 -24.91 -12.36
CA THR A 22 13.64 -24.38 -13.70
CA THR A 22 13.47 -24.45 -13.70
C THR A 22 12.87 -23.07 -13.61
C THR A 22 12.82 -23.05 -13.59
N PHE A 23 13.37 -22.08 -14.33
CA PHE A 23 12.93 -20.70 -14.17
C PHE A 23 12.38 -20.07 -15.43
N THR A 24 11.38 -19.21 -15.29
CA THR A 24 10.94 -18.38 -16.41
C THR A 24 12.02 -17.33 -16.70
N ASP A 25 11.93 -16.70 -17.87
N ASP A 25 11.96 -16.69 -17.87
CA ASP A 25 12.93 -15.71 -18.31
CA ASP A 25 12.97 -15.72 -18.26
C ASP A 25 12.54 -14.30 -17.84
C ASP A 25 12.71 -14.32 -17.69
N LYS A 26 11.75 -14.24 -16.77
CA LYS A 26 11.42 -13.00 -16.08
C LYS A 26 12.65 -12.47 -15.32
N ALA A 27 12.74 -11.15 -15.21
CA ALA A 27 13.96 -10.52 -14.74
C ALA A 27 13.98 -10.46 -13.23
N VAL A 28 15.08 -10.89 -12.62
CA VAL A 28 15.23 -10.80 -11.18
C VAL A 28 16.04 -9.54 -10.87
N GLU A 29 15.48 -8.66 -10.06
N GLU A 29 15.44 -8.65 -10.08
CA GLU A 29 16.18 -7.42 -9.72
CA GLU A 29 16.13 -7.45 -9.58
C GLU A 29 17.24 -7.65 -8.64
C GLU A 29 17.32 -7.84 -8.71
N LYS A 30 18.42 -7.12 -8.89
CA LYS A 30 19.59 -7.23 -8.01
C LYS A 30 19.28 -6.65 -6.61
N ASP A 31 18.54 -5.55 -6.60
CA ASP A 31 18.21 -4.81 -5.38
C ASP A 31 17.25 -5.60 -4.50
N LEU A 32 16.43 -6.42 -5.15
CA LEU A 32 15.57 -7.36 -4.43
C LEU A 32 16.38 -8.47 -3.76
N LEU A 33 17.37 -9.03 -4.46
CA LEU A 33 18.19 -10.09 -3.90
C LEU A 33 18.99 -9.55 -2.73
N ILE A 34 19.43 -8.30 -2.84
CA ILE A 34 20.22 -7.67 -1.78
C ILE A 34 19.29 -7.40 -0.59
N GLU A 35 18.06 -7.01 -0.88
CA GLU A 35 17.07 -6.78 0.16
C GLU A 35 16.81 -8.06 0.95
N LEU A 36 16.51 -9.14 0.24
CA LEU A 36 16.29 -10.48 0.82
C LEU A 36 17.47 -11.02 1.63
N LEU A 37 18.68 -10.88 1.11
CA LEU A 37 19.88 -11.33 1.81
C LEU A 37 20.08 -10.55 3.10
N ASN A 38 19.75 -9.26 3.08
CA ASN A 38 19.85 -8.43 4.29
C ASN A 38 18.87 -8.88 5.38
N ASP A 39 17.64 -9.17 4.98
CA ASP A 39 16.69 -9.79 5.89
C ASP A 39 17.18 -11.13 6.43
N ALA A 40 17.82 -11.93 5.57
CA ALA A 40 18.31 -13.27 5.96
C ALA A 40 19.40 -13.19 7.01
N THR A 41 20.11 -12.04 7.07
CA THR A 41 21.23 -11.90 8.02
C THR A 41 20.78 -12.00 9.48
N TRP A 42 19.49 -11.93 9.73
CA TRP A 42 18.98 -12.06 11.08
C TRP A 42 18.91 -13.53 11.48
N ALA A 43 19.83 -14.33 10.98
CA ALA A 43 19.94 -15.72 11.36
C ALA A 43 20.65 -15.80 12.70
N PRO A 44 20.34 -16.82 13.53
CA PRO A 44 21.14 -16.99 14.75
C PRO A 44 22.60 -17.24 14.35
N ASN A 45 23.52 -16.71 15.13
CA ASN A 45 24.92 -16.94 14.87
C ASN A 45 25.70 -16.72 16.12
N HIS A 46 26.45 -17.74 16.51
CA HIS A 46 27.07 -17.74 17.80
C HIS A 46 28.10 -16.63 17.88
N LYS A 47 28.08 -15.91 18.99
N LYS A 47 28.11 -15.90 18.99
CA LYS A 47 29.02 -14.82 19.29
CA LYS A 47 29.08 -14.84 19.27
C LYS A 47 28.99 -13.68 18.26
C LYS A 47 28.99 -13.67 18.26
N HIS A 48 27.95 -13.65 17.43
CA HIS A 48 27.78 -12.60 16.41
C HIS A 48 28.97 -12.56 15.45
N ARG A 49 29.44 -13.76 15.06
CA ARG A 49 30.56 -13.89 14.12
C ARG A 49 30.12 -13.65 12.69
N GLU A 50 28.80 -13.70 12.45
CA GLU A 50 28.21 -13.49 11.12
C GLU A 50 29.05 -14.15 10.00
N PRO A 51 29.18 -15.48 10.04
CA PRO A 51 30.19 -16.16 9.22
C PRO A 51 29.93 -16.12 7.71
N TRP A 52 28.74 -15.73 7.30
CA TRP A 52 28.32 -15.90 5.92
C TRP A 52 28.95 -14.83 5.00
N ASN A 53 29.26 -15.23 3.76
CA ASN A 53 29.73 -14.32 2.71
C ASN A 53 29.13 -14.83 1.43
N CYS A 54 29.06 -13.96 0.41
N CYS A 54 29.08 -14.01 0.39
CA CYS A 54 28.38 -14.30 -0.85
CA CYS A 54 28.54 -14.53 -0.86
C CYS A 54 29.11 -13.82 -2.10
C CYS A 54 28.97 -13.82 -2.10
N LYS A 55 28.96 -14.58 -3.18
CA LYS A 55 29.23 -14.05 -4.53
C LYS A 55 27.92 -14.17 -5.30
N LEU A 56 27.46 -13.06 -5.87
CA LEU A 56 26.24 -13.08 -6.68
C LEU A 56 26.64 -12.95 -8.13
N TYR A 57 26.27 -13.94 -8.94
CA TYR A 57 26.50 -13.91 -10.37
C TYR A 57 25.18 -13.66 -11.07
N ILE A 58 25.14 -12.62 -11.89
N ILE A 58 25.17 -12.65 -11.93
CA ILE A 58 23.94 -12.22 -12.62
CA ILE A 58 23.96 -12.16 -12.60
C ILE A 58 24.30 -11.72 -14.01
C ILE A 58 24.29 -11.68 -14.00
N GLY A 59 23.40 -11.93 -14.96
CA GLY A 59 23.57 -11.43 -16.32
C GLY A 59 24.80 -12.03 -16.96
N GLU A 60 25.64 -11.18 -17.56
CA GLU A 60 26.85 -11.66 -18.22
C GLU A 60 27.86 -12.34 -17.30
N GLY A 61 27.86 -11.95 -16.02
CA GLY A 61 28.72 -12.54 -14.99
C GLY A 61 28.55 -14.03 -14.79
N ARG A 62 27.35 -14.54 -15.06
CA ARG A 62 27.07 -15.95 -14.89
C ARG A 62 27.97 -16.84 -15.74
N LYS A 63 28.51 -16.30 -16.82
CA LYS A 63 29.41 -17.05 -17.69
C LYS A 63 30.75 -17.24 -17.01
N LYS A 64 31.08 -16.34 -16.10
CA LYS A 64 32.33 -16.46 -15.35
C LYS A 64 32.28 -17.65 -14.41
N LEU A 65 31.12 -17.82 -13.76
CA LEU A 65 30.85 -18.95 -12.89
C LEU A 65 30.90 -20.21 -13.72
N VAL A 66 30.20 -20.19 -14.86
CA VAL A 66 30.20 -21.33 -15.77
C VAL A 66 31.62 -21.74 -16.15
N ASP A 67 32.45 -20.77 -16.51
N ASP A 67 32.45 -20.77 -16.51
CA ASP A 67 33.83 -21.03 -16.90
CA ASP A 67 33.85 -21.01 -16.88
C ASP A 67 34.60 -21.73 -15.75
C ASP A 67 34.56 -21.75 -15.74
N ALA A 68 34.44 -21.22 -14.53
CA ALA A 68 34.99 -21.86 -13.33
C ALA A 68 34.46 -23.28 -13.13
N VAL A 69 33.16 -23.50 -13.34
CA VAL A 69 32.60 -24.85 -13.21
C VAL A 69 33.24 -25.81 -14.21
N LEU A 70 33.24 -25.41 -15.49
CA LEU A 70 33.72 -26.27 -16.55
C LEU A 70 35.22 -26.59 -16.44
N ASN A 71 36.01 -25.58 -16.08
N ASN A 71 35.97 -25.63 -15.92
CA ASN A 71 37.47 -25.73 -16.00
CA ASN A 71 37.39 -25.79 -15.65
C ASN A 71 37.87 -26.65 -14.87
C ASN A 71 37.67 -26.74 -14.47
N SER A 72 36.89 -26.94 -13.99
N SER A 72 36.69 -26.96 -13.59
CA SER A 72 37.06 -27.80 -12.80
CA SER A 72 36.87 -27.95 -12.53
C SER A 72 36.75 -29.29 -13.05
C SER A 72 36.80 -29.37 -13.07
N PHE A 73 36.07 -29.58 -14.15
CA PHE A 73 35.75 -30.94 -14.55
C PHE A 73 36.93 -31.62 -15.22
N THR A 74 37.00 -32.94 -15.02
CA THR A 74 37.89 -33.76 -15.84
C THR A 74 37.35 -33.69 -17.25
N GLU A 75 38.13 -34.14 -18.21
CA GLU A 75 37.71 -34.03 -19.58
C GLU A 75 36.47 -34.88 -19.84
N GLU A 76 36.31 -35.96 -19.08
N GLU A 76 36.33 -36.00 -19.12
CA GLU A 76 35.16 -36.87 -19.21
CA GLU A 76 35.24 -36.94 -19.37
C GLU A 76 33.87 -36.27 -18.66
C GLU A 76 33.91 -36.42 -18.83
N GLU A 77 33.91 -35.76 -17.43
N GLU A 77 33.94 -35.88 -17.62
CA GLU A 77 32.78 -35.03 -16.88
CA GLU A 77 32.80 -35.17 -17.05
C GLU A 77 32.38 -33.91 -17.83
C GLU A 77 32.41 -33.97 -17.92
N ARG A 78 33.40 -33.16 -18.30
CA ARG A 78 33.15 -31.94 -19.10
C ARG A 78 32.42 -32.29 -20.39
N ALA A 79 32.81 -33.39 -21.01
CA ALA A 79 32.15 -33.86 -22.23
C ALA A 79 30.70 -34.25 -21.95
N LYS A 80 30.48 -34.81 -20.77
CA LYS A 80 29.15 -35.29 -20.35
C LYS A 80 28.19 -34.15 -19.99
N ARG A 81 28.65 -33.21 -19.17
CA ARG A 81 27.75 -32.23 -18.58
C ARG A 81 28.01 -30.76 -18.97
N GLY A 82 29.10 -30.50 -19.67
CA GLY A 82 29.53 -29.14 -19.98
C GLY A 82 28.44 -28.27 -20.58
N LYS A 83 27.96 -28.65 -21.76
CA LYS A 83 26.93 -27.87 -22.45
C LYS A 83 25.58 -27.84 -21.70
N ILE A 84 25.11 -29.01 -21.28
CA ILE A 84 23.94 -29.16 -20.41
C ILE A 84 23.95 -28.11 -19.30
N LEU A 85 25.06 -28.09 -18.57
CA LEU A 85 25.18 -27.33 -17.35
C LEU A 85 25.32 -25.85 -17.66
N SER A 86 26.17 -25.52 -18.63
CA SER A 86 26.27 -24.16 -19.19
C SER A 86 24.91 -23.58 -19.59
N ASP A 87 24.10 -24.37 -20.28
CA ASP A 87 22.79 -23.92 -20.72
C ASP A 87 21.85 -23.71 -19.56
N ARG A 88 21.96 -24.57 -18.55
CA ARG A 88 21.16 -24.45 -17.33
C ARG A 88 21.49 -23.19 -16.52
N PHE A 89 22.77 -22.95 -16.31
CA PHE A 89 23.23 -21.81 -15.52
C PHE A 89 22.85 -20.51 -16.22
N LEU A 90 22.78 -20.58 -17.54
CA LEU A 90 22.58 -19.39 -18.35
C LEU A 90 21.10 -19.10 -18.59
N SER A 91 20.23 -20.05 -18.21
CA SER A 91 18.78 -19.83 -18.16
C SER A 91 18.28 -19.81 -16.72
N THR A 92 19.20 -19.49 -15.82
CA THR A 92 18.92 -19.28 -14.41
C THR A 92 19.33 -17.84 -14.13
N PRO A 93 18.37 -17.00 -13.75
CA PRO A 93 18.64 -15.55 -13.56
C PRO A 93 19.81 -15.17 -12.63
N ALA A 94 20.00 -15.91 -11.53
CA ALA A 94 21.04 -15.56 -10.58
C ALA A 94 21.55 -16.83 -9.94
N GLN A 95 22.84 -16.83 -9.65
CA GLN A 95 23.47 -17.80 -8.72
C GLN A 95 24.08 -17.03 -7.57
N ILE A 96 23.92 -17.58 -6.37
CA ILE A 96 24.57 -17.07 -5.17
C ILE A 96 25.45 -18.15 -4.52
N VAL A 97 26.77 -17.97 -4.60
CA VAL A 97 27.70 -18.86 -3.91
C VAL A 97 27.78 -18.35 -2.46
N VAL A 98 27.43 -19.20 -1.52
CA VAL A 98 27.46 -18.83 -0.10
C VAL A 98 28.65 -19.55 0.52
N TYR A 99 29.55 -18.79 1.12
CA TYR A 99 30.75 -19.36 1.67
C TYR A 99 31.11 -18.75 3.02
N MSE A 100 32.06 -19.39 3.70
CA MSE A 100 32.55 -18.95 5.01
C MSE A 100 34.02 -19.29 5.17
O MSE A 100 34.53 -20.21 4.51
CB MSE A 100 31.75 -19.61 6.16
CG MSE A 100 31.86 -21.14 6.17
SE MSE A 100 30.88 -21.92 7.64
CE MSE A 100 32.15 -23.19 8.20
N ASN A 101 34.70 -18.56 6.05
CA ASN A 101 36.05 -18.94 6.44
C ASN A 101 35.95 -20.16 7.33
N GLU A 102 36.77 -21.15 7.06
N GLU A 102 36.71 -21.22 7.03
CA GLU A 102 36.70 -22.38 7.83
CA GLU A 102 36.62 -22.46 7.84
C GLU A 102 37.55 -22.24 9.08
C GLU A 102 37.52 -22.33 9.06
N ASP A 103 36.89 -22.24 10.23
CA ASP A 103 37.60 -22.18 11.51
C ASP A 103 38.30 -23.53 11.68
N PRO A 104 39.58 -23.51 12.08
CA PRO A 104 40.29 -24.78 12.29
C PRO A 104 39.74 -25.65 13.44
N ARG A 105 38.93 -25.05 14.31
CA ARG A 105 38.38 -25.72 15.46
C ARG A 105 36.98 -26.20 15.18
N GLN A 106 36.69 -27.42 15.58
CA GLN A 106 35.43 -28.11 15.32
C GLN A 106 34.20 -27.32 15.77
N ILE A 107 34.15 -26.97 17.05
CA ILE A 107 32.96 -26.35 17.62
C ILE A 107 32.65 -25.02 16.92
N GLN A 108 33.67 -24.18 16.72
CA GLN A 108 33.45 -22.89 16.08
C GLN A 108 33.09 -23.03 14.62
N ARG A 109 33.71 -24.00 13.94
CA ARG A 109 33.38 -24.24 12.51
C ARG A 109 31.96 -24.78 12.37
N ASP A 110 31.58 -25.73 13.22
CA ASP A 110 30.24 -26.29 13.22
C ASP A 110 29.21 -25.22 13.51
N GLU A 111 29.44 -24.41 14.53
CA GLU A 111 28.61 -23.23 14.81
C GLU A 111 28.49 -22.30 13.60
N ASP A 112 29.60 -21.97 12.98
N ASP A 112 29.62 -21.98 12.99
CA ASP A 112 29.57 -21.07 11.84
CA ASP A 112 29.65 -21.05 11.86
C ASP A 112 28.76 -21.66 10.68
C ASP A 112 28.89 -21.62 10.62
N TYR A 113 28.97 -22.94 10.45
CA TYR A 113 28.26 -23.66 9.42
C TYR A 113 26.74 -23.73 9.71
N ALA A 114 26.39 -24.03 10.95
CA ALA A 114 24.99 -23.96 11.41
C ALA A 114 24.34 -22.59 11.08
N ALA A 115 25.03 -21.52 11.48
CA ALA A 115 24.59 -20.15 11.22
C ALA A 115 24.49 -19.88 9.73
N THR A 116 25.45 -20.38 8.97
CA THR A 116 25.41 -20.14 7.53
C THR A 116 24.24 -20.90 6.87
N CYS A 117 23.92 -22.10 7.34
CA CYS A 117 22.73 -22.82 6.91
C CYS A 117 21.41 -22.16 7.31
N ALA A 118 21.36 -21.57 8.52
CA ALA A 118 20.20 -20.83 9.00
C ALA A 118 19.94 -19.59 8.11
N PHE A 119 21.01 -18.85 7.78
CA PHE A 119 20.97 -17.72 6.83
C PHE A 119 20.41 -18.13 5.48
N MSE A 120 20.83 -19.28 4.95
CA MSE A 120 20.38 -19.75 3.63
C MSE A 120 18.93 -20.18 3.63
O MSE A 120 18.21 -19.90 2.68
CB MSE A 120 21.26 -20.89 3.08
CG MSE A 120 22.65 -20.42 2.71
SE MSE A 120 23.89 -21.82 2.10
CE MSE A 120 23.14 -22.16 0.37
N GLN A 121 18.53 -20.87 4.69
CA GLN A 121 17.15 -21.24 4.88
C GLN A 121 16.25 -20.02 5.05
N ASN A 122 16.68 -19.05 5.86
CA ASN A 122 16.00 -17.76 5.95
C ASN A 122 15.79 -17.18 4.57
N PHE A 123 16.87 -17.13 3.79
CA PHE A 123 16.83 -16.55 2.46
C PHE A 123 15.81 -17.27 1.59
N GLN A 124 15.79 -18.59 1.66
CA GLN A 124 14.90 -19.40 0.83
C GLN A 124 13.43 -19.10 1.16
N LEU A 125 13.15 -18.90 2.45
CA LEU A 125 11.82 -18.54 2.95
C LEU A 125 11.40 -17.13 2.52
N LEU A 126 12.27 -16.17 2.78
CA LEU A 126 12.14 -14.81 2.29
C LEU A 126 11.88 -14.71 0.79
N ALA A 127 12.64 -15.47 0.00
CA ALA A 127 12.48 -15.47 -1.44
C ALA A 127 11.13 -16.08 -1.83
N TRP A 128 10.75 -17.20 -1.23
CA TRP A 128 9.47 -17.85 -1.53
C TRP A 128 8.29 -16.86 -1.37
N GLU A 129 8.37 -16.03 -0.33
CA GLU A 129 7.34 -15.05 0.01
C GLU A 129 7.11 -14.01 -1.12
N ARG A 130 8.18 -13.64 -1.82
CA ARG A 130 8.09 -12.71 -2.97
C ARG A 130 7.88 -13.40 -4.30
N GLY A 131 7.64 -14.71 -4.30
CA GLY A 131 7.47 -15.47 -5.55
C GLY A 131 8.74 -15.95 -6.25
N LEU A 132 9.89 -15.75 -5.63
CA LEU A 132 11.15 -16.30 -6.14
C LEU A 132 11.38 -17.75 -5.70
N GLY A 133 11.67 -18.60 -6.67
CA GLY A 133 12.04 -19.96 -6.38
C GLY A 133 13.55 -20.07 -6.34
N CYS A 134 14.04 -21.09 -5.65
CA CYS A 134 15.45 -21.41 -5.72
C CYS A 134 15.77 -22.83 -5.31
N VAL A 135 16.93 -23.30 -5.75
CA VAL A 135 17.55 -24.51 -5.24
C VAL A 135 18.91 -24.22 -4.62
N TRP A 136 19.14 -24.92 -3.50
CA TRP A 136 20.36 -24.90 -2.73
C TRP A 136 21.16 -26.05 -3.28
N LYS A 137 22.25 -25.76 -3.95
CA LYS A 137 23.01 -26.83 -4.58
C LYS A 137 24.24 -27.19 -3.78
N SER A 138 24.46 -28.49 -3.66
N SER A 138 24.51 -28.49 -3.77
CA SER A 138 25.74 -29.00 -3.22
CA SER A 138 25.64 -29.06 -3.09
C SER A 138 26.22 -30.08 -4.15
C SER A 138 26.51 -29.83 -4.08
N GLY A 139 27.05 -30.96 -3.60
CA GLY A 139 27.73 -31.93 -4.44
C GLY A 139 29.20 -31.59 -4.51
N GLY A 140 29.94 -32.47 -5.17
CA GLY A 140 31.38 -32.40 -5.26
C GLY A 140 31.98 -31.17 -5.85
N LEU A 141 31.21 -30.43 -6.64
CA LEU A 141 31.71 -29.21 -7.30
C LEU A 141 32.18 -28.20 -6.24
N ASN A 142 31.40 -28.07 -5.17
CA ASN A 142 31.66 -27.16 -4.08
C ASN A 142 32.89 -27.51 -3.25
N TYR A 143 33.41 -28.73 -3.43
CA TYR A 143 34.59 -29.18 -2.67
C TYR A 143 35.84 -29.25 -3.55
N ASN A 144 35.65 -29.05 -4.86
CA ASN A 144 36.70 -29.14 -5.86
C ASN A 144 37.64 -27.93 -5.77
N PRO A 145 38.91 -28.16 -5.41
CA PRO A 145 39.84 -27.05 -5.22
C PRO A 145 40.05 -26.22 -6.50
N LEU A 146 39.84 -26.86 -7.65
CA LEU A 146 39.86 -26.18 -8.94
C LEU A 146 38.73 -25.18 -9.12
N PHE A 147 37.53 -25.54 -8.68
CA PHE A 147 36.39 -24.62 -8.71
C PHE A 147 36.56 -23.47 -7.69
N ILE A 148 37.02 -23.84 -6.49
CA ILE A 148 37.15 -22.90 -5.38
C ILE A 148 38.15 -21.77 -5.71
N GLU A 149 39.28 -22.14 -6.28
CA GLU A 149 40.30 -21.19 -6.75
C GLU A 149 39.76 -20.47 -7.99
N GLY A 150 39.11 -21.23 -8.87
CA GLY A 150 38.45 -20.71 -10.06
C GLY A 150 37.46 -19.57 -9.86
N ILE A 151 36.76 -19.55 -8.72
CA ILE A 151 35.86 -18.41 -8.40
C ILE A 151 36.49 -17.40 -7.43
N GLY A 152 37.80 -17.52 -7.19
CA GLY A 152 38.53 -16.55 -6.37
C GLY A 152 38.50 -16.71 -4.85
N LEU A 153 38.14 -17.90 -4.37
CA LEU A 153 38.24 -18.21 -2.94
C LEU A 153 39.58 -18.87 -2.62
N THR A 154 40.06 -18.64 -1.40
CA THR A 154 41.32 -19.21 -0.92
C THR A 154 41.06 -20.58 -0.29
N ARG A 155 42.11 -21.33 0.04
CA ARG A 155 41.94 -22.59 0.76
C ARG A 155 41.43 -22.26 2.14
N GLY A 156 40.70 -23.17 2.75
CA GLY A 156 40.14 -22.80 4.04
C GLY A 156 39.00 -21.79 3.99
N GLN A 157 38.40 -21.63 2.80
CA GLN A 157 37.08 -21.04 2.68
C GLN A 157 36.15 -22.11 2.16
N ARG A 158 35.07 -22.35 2.90
CA ARG A 158 34.17 -23.43 2.63
C ARG A 158 32.93 -22.92 1.92
N ILE A 159 32.49 -23.66 0.91
CA ILE A 159 31.30 -23.33 0.15
C ILE A 159 30.17 -24.13 0.76
N VAL A 160 29.25 -23.42 1.38
CA VAL A 160 28.08 -24.05 2.00
C VAL A 160 27.00 -24.40 0.97
N GLY A 161 26.83 -23.58 -0.06
CA GLY A 161 25.86 -23.88 -1.09
C GLY A 161 25.95 -22.91 -2.22
N ILE A 162 25.42 -23.33 -3.38
CA ILE A 162 25.17 -22.42 -4.48
C ILE A 162 23.68 -22.35 -4.64
N LEU A 163 23.10 -21.18 -4.44
N LEU A 163 23.12 -21.17 -4.44
CA LEU A 163 21.68 -21.00 -4.61
CA LEU A 163 21.70 -20.92 -4.62
C LEU A 163 21.37 -20.56 -6.04
C LEU A 163 21.42 -20.56 -6.07
N HIS A 164 20.50 -21.28 -6.71
CA HIS A 164 20.05 -20.97 -8.07
C HIS A 164 18.65 -20.39 -7.96
N ILE A 165 18.44 -19.23 -8.55
CA ILE A 165 17.31 -18.39 -8.17
C ILE A 165 16.63 -17.80 -9.39
N GLY A 166 15.30 -17.74 -9.36
CA GLY A 166 14.54 -16.98 -10.35
C GLY A 166 13.05 -17.20 -10.18
N TYR A 167 12.27 -16.45 -10.94
CA TYR A 167 10.82 -16.61 -10.97
C TYR A 167 10.49 -17.90 -11.71
N PHE A 168 9.34 -18.47 -11.40
CA PHE A 168 8.99 -19.78 -11.95
C PHE A 168 7.54 -19.86 -12.32
N ASP A 169 7.23 -20.80 -13.21
CA ASP A 169 5.90 -21.01 -13.70
C ASP A 169 5.05 -21.75 -12.66
N LYS A 170 5.35 -23.03 -12.45
N LYS A 170 5.32 -23.04 -12.48
CA LYS A 170 4.55 -23.89 -11.59
CA LYS A 170 4.55 -23.90 -11.59
C LYS A 170 5.40 -24.43 -10.45
C LYS A 170 5.41 -24.39 -10.44
N ALA A 171 4.84 -24.44 -9.24
CA ALA A 171 5.56 -25.02 -8.09
C ALA A 171 5.65 -26.54 -8.30
N PRO A 172 6.86 -27.12 -8.13
CA PRO A 172 6.98 -28.57 -8.06
C PRO A 172 6.11 -29.12 -6.93
N GLU A 173 5.79 -30.41 -7.03
CA GLU A 173 5.05 -31.07 -5.98
C GLU A 173 5.88 -31.38 -4.76
N GLY A 174 5.23 -31.40 -3.60
CA GLY A 174 5.89 -31.75 -2.35
C GLY A 174 6.10 -33.26 -2.19
N LYS A 175 6.87 -33.61 -1.18
CA LYS A 175 6.99 -35.00 -0.78
C LYS A 175 6.64 -35.10 0.71
N ALA A 176 5.62 -35.89 1.01
CA ALA A 176 5.19 -36.05 2.37
C ALA A 176 6.40 -36.31 3.32
N ARG A 177 6.42 -35.61 4.45
CA ARG A 177 7.43 -35.84 5.49
C ARG A 177 7.07 -37.01 6.41
N THR A 178 8.07 -37.59 7.04
CA THR A 178 7.86 -38.54 8.11
C THR A 178 7.40 -37.80 9.36
N PRO A 179 6.28 -38.25 9.96
CA PRO A 179 5.86 -37.70 11.24
C PRO A 179 7.05 -37.74 12.20
N ILE A 180 7.38 -36.59 12.78
CA ILE A 180 8.46 -36.44 13.75
C ILE A 180 8.45 -37.47 14.90
N THR A 181 7.26 -37.91 15.31
CA THR A 181 7.12 -38.94 16.33
C THR A 181 7.82 -40.27 15.99
N GLU A 182 8.16 -40.49 14.71
CA GLU A 182 8.91 -41.68 14.35
C GLU A 182 10.42 -41.43 14.43
N LYS A 183 10.79 -40.18 14.66
CA LYS A 183 12.18 -39.78 14.71
C LYS A 183 12.52 -39.19 16.08
N MSE A 184 11.62 -39.41 17.03
CA MSE A 184 11.83 -38.81 18.33
C MSE A 184 11.52 -39.71 19.51
O MSE A 184 10.64 -40.56 19.47
CB MSE A 184 11.08 -37.47 18.42
CG MSE A 184 9.78 -37.46 19.13
SE MSE A 184 9.25 -35.57 19.36
CE MSE A 184 10.90 -34.85 19.90
N GLU A 185 12.33 -39.57 20.56
N GLU A 185 12.26 -39.49 20.58
CA GLU A 185 11.98 -40.12 21.86
CA GLU A 185 12.00 -40.14 21.84
C GLU A 185 11.47 -38.96 22.71
C GLU A 185 11.58 -39.04 22.83
N ILE A 186 10.44 -39.22 23.50
CA ILE A 186 9.93 -38.23 24.46
C ILE A 186 10.28 -38.71 25.85
N ILE A 187 11.00 -37.89 26.61
CA ILE A 187 11.38 -38.29 27.97
C ILE A 187 10.69 -37.37 28.95
N GLU A 188 9.61 -37.89 29.53
CA GLU A 188 8.81 -37.22 30.54
C GLU A 188 9.02 -37.98 31.79
N GLY A 189 9.84 -39.03 31.66
CA GLY A 189 10.26 -39.94 32.71
C GLY A 189 10.29 -39.38 34.11
N ALA B 3 -5.04 -18.83 18.94
CA ALA B 3 -3.69 -19.26 18.57
C ALA B 3 -2.99 -18.47 17.44
N MSE B 4 -3.68 -18.17 16.33
CA MSE B 4 -2.92 -17.69 15.12
C MSE B 4 -2.22 -16.30 15.15
O MSE B 4 -2.08 -15.69 16.21
CB MSE B 4 -3.57 -18.00 13.74
CG MSE B 4 -5.08 -18.30 13.64
SE MSE B 4 -5.52 -17.79 11.80
CE MSE B 4 -6.79 -19.07 11.15
N THR B 5 -1.75 -15.83 13.98
CA THR B 5 -0.67 -14.83 13.92
C THR B 5 -1.03 -13.38 13.53
N THR B 6 -0.29 -12.41 14.07
CA THR B 6 -0.48 -11.00 13.71
C THR B 6 0.67 -10.37 12.93
N TYR B 7 1.60 -11.17 12.44
CA TYR B 7 2.68 -10.65 11.58
C TYR B 7 2.20 -10.51 10.12
N THR B 8 2.54 -9.38 9.49
CA THR B 8 2.17 -9.12 8.09
C THR B 8 3.28 -9.55 7.10
N SER B 9 4.31 -10.22 7.61
CA SER B 9 5.42 -10.67 6.78
C SER B 9 6.18 -11.76 7.53
N ILE B 10 6.74 -12.73 6.82
CA ILE B 10 7.65 -13.68 7.48
C ILE B 10 9.00 -13.02 7.78
N ALA B 11 9.36 -12.02 6.98
CA ALA B 11 10.52 -11.18 7.21
C ALA B 11 10.56 -10.64 8.62
N ASN B 12 9.42 -10.17 9.11
CA ASN B 12 9.32 -9.65 10.47
C ASN B 12 9.58 -10.70 11.54
N VAL B 13 9.13 -11.93 11.30
CA VAL B 13 9.35 -13.01 12.27
C VAL B 13 10.84 -13.28 12.30
N ILE B 14 11.44 -13.36 11.11
CA ILE B 14 12.86 -13.60 10.93
C ILE B 14 13.69 -12.51 11.62
N LYS B 15 13.33 -11.26 11.39
CA LYS B 15 14.07 -10.13 11.98
C LYS B 15 13.84 -9.92 13.47
N GLU B 16 12.68 -10.35 13.96
N GLU B 16 12.67 -10.28 13.99
CA GLU B 16 12.28 -10.08 15.33
CA GLU B 16 12.41 -10.01 15.41
C GLU B 16 12.59 -11.22 16.30
C GLU B 16 12.61 -11.23 16.33
N ARG B 17 12.74 -12.42 15.76
CA ARG B 17 13.13 -13.60 16.56
C ARG B 17 14.39 -13.29 17.41
N ARG B 18 14.33 -13.62 18.70
CA ARG B 18 15.47 -13.51 19.61
C ARG B 18 15.76 -14.84 20.27
N SER B 19 17.03 -15.10 20.55
CA SER B 19 17.41 -16.23 21.38
C SER B 19 17.00 -15.88 22.80
N VAL B 20 16.23 -16.77 23.39
CA VAL B 20 15.67 -16.59 24.71
C VAL B 20 16.31 -17.62 25.65
N ARG B 21 16.81 -17.15 26.78
CA ARG B 21 17.57 -17.99 27.72
C ARG B 21 16.93 -18.15 29.11
N THR B 22 15.97 -17.29 29.41
CA THR B 22 15.25 -17.30 30.68
C THR B 22 13.76 -17.27 30.40
N PHE B 23 13.03 -18.13 31.09
CA PHE B 23 11.67 -18.45 30.73
C PHE B 23 10.76 -18.21 31.90
N THR B 24 9.53 -17.84 31.59
CA THR B 24 8.47 -17.74 32.59
C THR B 24 8.01 -19.17 32.98
N ASP B 25 7.23 -19.29 34.05
N ASP B 25 7.23 -19.26 34.05
CA ASP B 25 6.80 -20.61 34.51
CA ASP B 25 6.68 -20.51 34.59
C ASP B 25 5.59 -21.15 33.72
C ASP B 25 5.35 -20.89 33.93
N LYS B 26 5.14 -20.41 32.71
CA LYS B 26 4.00 -20.84 31.92
C LYS B 26 4.31 -22.21 31.31
N ALA B 27 3.36 -23.14 31.45
CA ALA B 27 3.49 -24.51 30.96
C ALA B 27 3.49 -24.54 29.44
N VAL B 28 4.23 -25.48 28.87
CA VAL B 28 4.32 -25.64 27.44
C VAL B 28 3.72 -27.00 27.05
N GLU B 29 2.74 -26.97 26.15
N GLU B 29 2.71 -27.00 26.19
CA GLU B 29 2.06 -28.16 25.64
CA GLU B 29 2.03 -28.25 25.85
C GLU B 29 3.00 -29.07 24.87
C GLU B 29 2.84 -29.09 24.88
N LYS B 30 3.10 -30.34 25.29
CA LYS B 30 3.89 -31.32 24.52
C LYS B 30 3.37 -31.50 23.09
N ASP B 31 2.05 -31.49 22.94
N ASP B 31 2.06 -31.46 22.92
CA ASP B 31 1.43 -31.61 21.62
CA ASP B 31 1.50 -31.63 21.58
C ASP B 31 1.79 -30.41 20.75
C ASP B 31 1.61 -30.36 20.72
N LEU B 32 1.87 -29.23 21.36
CA LEU B 32 2.27 -28.01 20.62
C LEU B 32 3.70 -28.14 20.06
N LEU B 33 4.65 -28.53 20.91
CA LEU B 33 6.03 -28.74 20.48
C LEU B 33 6.11 -29.74 19.35
N ILE B 34 5.31 -30.81 19.43
CA ILE B 34 5.27 -31.82 18.38
C ILE B 34 4.68 -31.25 17.08
N GLU B 35 3.65 -30.43 17.20
CA GLU B 35 3.06 -29.78 16.04
C GLU B 35 4.10 -28.90 15.32
N LEU B 36 4.80 -28.07 16.09
CA LEU B 36 5.86 -27.18 15.56
C LEU B 36 7.01 -27.97 14.89
N LEU B 37 7.44 -29.05 15.55
CA LEU B 37 8.47 -29.95 15.03
C LEU B 37 8.05 -30.55 13.69
N ASN B 38 6.79 -30.99 13.61
CA ASN B 38 6.23 -31.48 12.35
C ASN B 38 6.19 -30.44 11.25
N ASP B 39 5.92 -29.19 11.58
CA ASP B 39 6.01 -28.12 10.58
C ASP B 39 7.48 -27.91 10.13
N ALA B 40 8.40 -27.99 11.09
CA ALA B 40 9.83 -27.81 10.85
C ALA B 40 10.43 -28.80 9.87
N THR B 41 9.84 -30.00 9.79
CA THR B 41 10.38 -31.09 8.94
C THR B 41 10.30 -30.74 7.43
N TRP B 42 9.53 -29.69 7.10
CA TRP B 42 9.50 -29.19 5.74
C TRP B 42 10.75 -28.40 5.32
N ALA B 43 11.88 -28.63 5.99
CA ALA B 43 13.17 -28.05 5.58
C ALA B 43 13.70 -28.73 4.32
N PRO B 44 14.60 -28.05 3.57
CA PRO B 44 15.20 -28.76 2.46
C PRO B 44 16.04 -29.90 3.03
N ASN B 45 16.08 -31.01 2.30
CA ASN B 45 16.89 -32.12 2.70
C ASN B 45 17.23 -32.95 1.47
N HIS B 46 18.49 -32.91 1.10
CA HIS B 46 18.92 -33.55 -0.10
C HIS B 46 18.56 -35.03 -0.07
N LYS B 47 18.08 -35.54 -1.21
CA LYS B 47 17.63 -36.93 -1.42
C LYS B 47 16.53 -37.43 -0.47
N HIS B 48 15.81 -36.50 0.15
N HIS B 48 15.87 -36.49 0.19
CA HIS B 48 14.70 -36.78 1.11
CA HIS B 48 14.74 -36.77 1.09
C HIS B 48 15.16 -37.71 2.23
C HIS B 48 15.16 -37.69 2.23
N ARG B 49 16.41 -37.51 2.67
CA ARG B 49 16.98 -38.30 3.74
C ARG B 49 16.39 -37.97 5.12
N GLU B 50 15.81 -36.77 5.29
CA GLU B 50 15.24 -36.38 6.61
C GLU B 50 16.13 -36.79 7.80
N PRO B 51 17.37 -36.25 7.85
CA PRO B 51 18.39 -36.79 8.79
C PRO B 51 18.20 -36.43 10.27
N TRP B 52 17.30 -35.50 10.58
CA TRP B 52 17.01 -35.09 11.97
C TRP B 52 16.39 -36.18 12.87
N ASN B 53 16.82 -36.17 14.11
CA ASN B 53 16.26 -37.04 15.14
C ASN B 53 16.29 -36.19 16.37
N CYS B 54 15.36 -36.50 17.27
N CYS B 54 15.41 -36.49 17.30
CA CYS B 54 15.15 -35.69 18.47
CA CYS B 54 15.51 -35.72 18.52
C CYS B 54 15.01 -36.52 19.75
C CYS B 54 15.02 -36.47 19.74
N LYS B 55 15.43 -35.92 20.87
CA LYS B 55 15.04 -36.37 22.19
C LYS B 55 14.42 -35.15 22.89
N LEU B 56 13.16 -35.26 23.27
CA LEU B 56 12.44 -34.16 23.89
C LEU B 56 12.38 -34.41 25.40
N TYR B 57 12.92 -33.48 26.20
CA TYR B 57 12.89 -33.63 27.64
C TYR B 57 11.93 -32.60 28.23
N ILE B 58 10.93 -33.12 28.93
CA ILE B 58 9.84 -32.30 29.44
C ILE B 58 9.44 -32.82 30.81
N GLY B 59 8.96 -31.92 31.68
CA GLY B 59 8.53 -32.28 33.04
C GLY B 59 9.62 -32.96 33.85
N GLU B 60 9.28 -34.09 34.48
N GLU B 60 9.29 -34.09 34.46
CA GLU B 60 10.25 -34.86 35.26
CA GLU B 60 10.25 -34.87 35.24
C GLU B 60 11.37 -35.45 34.39
C GLU B 60 11.39 -35.36 34.37
N GLY B 61 11.10 -35.60 33.09
CA GLY B 61 12.08 -36.08 32.12
C GLY B 61 13.36 -35.28 32.08
N ARG B 62 13.26 -34.00 32.39
CA ARG B 62 14.39 -33.08 32.40
C ARG B 62 15.50 -33.46 33.37
N LYS B 63 15.14 -34.13 34.44
CA LYS B 63 16.08 -34.58 35.46
C LYS B 63 17.06 -35.59 34.89
N LYS B 64 16.56 -36.44 33.97
N LYS B 64 16.58 -36.41 33.95
CA LYS B 64 17.39 -37.36 33.20
CA LYS B 64 17.42 -37.35 33.25
C LYS B 64 18.45 -36.63 32.40
C LYS B 64 18.44 -36.69 32.30
N LEU B 65 18.05 -35.58 31.69
CA LEU B 65 18.97 -34.71 30.96
C LEU B 65 19.97 -34.07 31.92
N VAL B 66 19.47 -33.44 32.99
CA VAL B 66 20.34 -32.80 33.98
C VAL B 66 21.40 -33.78 34.51
N ASP B 67 20.95 -35.02 34.78
CA ASP B 67 21.82 -36.07 35.30
C ASP B 67 22.95 -36.39 34.33
N ALA B 68 22.61 -36.53 33.05
CA ALA B 68 23.57 -36.80 31.98
C ALA B 68 24.58 -35.67 31.90
N VAL B 69 24.10 -34.46 31.99
CA VAL B 69 24.94 -33.28 31.99
C VAL B 69 25.91 -33.31 33.17
N LEU B 70 25.39 -33.44 34.41
CA LEU B 70 26.23 -33.44 35.62
C LEU B 70 27.25 -34.59 35.67
N ASN B 71 26.87 -35.76 35.16
CA ASN B 71 27.74 -36.94 35.06
C ASN B 71 28.91 -36.76 34.07
N SER B 72 28.79 -35.79 33.18
CA SER B 72 29.83 -35.53 32.21
C SER B 72 30.87 -34.58 32.78
N PHE B 73 30.58 -34.01 33.95
CA PHE B 73 31.43 -33.01 34.62
C PHE B 73 32.44 -33.67 35.57
N THR B 74 33.50 -32.94 35.93
CA THR B 74 34.41 -33.36 37.00
C THR B 74 33.68 -33.10 38.31
N GLU B 75 34.10 -33.74 39.39
N GLU B 75 34.10 -33.74 39.40
CA GLU B 75 33.48 -33.51 40.71
CA GLU B 75 33.48 -33.51 40.72
C GLU B 75 33.62 -32.05 41.14
C GLU B 75 33.61 -32.04 41.14
N GLU B 76 34.67 -31.39 40.66
CA GLU B 76 34.90 -29.96 40.88
C GLU B 76 33.82 -29.08 40.23
N GLU B 77 33.57 -29.29 38.94
N GLU B 77 33.53 -29.28 38.94
CA GLU B 77 32.51 -28.64 38.18
CA GLU B 77 32.47 -28.51 38.29
C GLU B 77 31.14 -28.88 38.83
C GLU B 77 31.07 -28.88 38.81
N ARG B 78 30.84 -30.16 39.07
CA ARG B 78 29.61 -30.58 39.71
C ARG B 78 29.33 -29.78 41.00
N ALA B 79 30.29 -29.79 41.93
CA ALA B 79 30.13 -29.06 43.18
C ALA B 79 29.90 -27.56 42.95
N LYS B 80 30.61 -26.98 41.98
CA LYS B 80 30.49 -25.55 41.73
C LYS B 80 29.23 -25.14 40.96
N ARG B 81 29.00 -25.79 39.83
N ARG B 81 28.99 -25.74 39.80
CA ARG B 81 28.01 -25.41 38.82
CA ARG B 81 27.90 -25.29 38.94
C ARG B 81 26.70 -26.21 38.93
C ARG B 81 26.76 -26.30 38.74
N GLY B 82 26.80 -27.41 39.48
CA GLY B 82 25.73 -28.40 39.42
C GLY B 82 24.36 -27.94 39.85
N LYS B 83 24.30 -27.13 40.88
CA LYS B 83 23.03 -26.66 41.42
C LYS B 83 22.44 -25.59 40.52
N ILE B 84 23.28 -24.64 40.13
CA ILE B 84 22.81 -23.53 39.30
C ILE B 84 22.41 -24.08 37.94
N LEU B 85 23.12 -25.09 37.47
CA LEU B 85 22.76 -25.74 36.22
C LEU B 85 21.39 -26.46 36.27
N SER B 86 21.18 -27.30 37.28
N SER B 86 21.22 -27.31 37.28
CA SER B 86 19.90 -28.00 37.45
CA SER B 86 19.96 -28.02 37.52
C SER B 86 18.75 -27.03 37.58
C SER B 86 18.78 -27.06 37.63
N ASP B 87 18.94 -26.00 38.41
CA ASP B 87 17.89 -25.00 38.64
C ASP B 87 17.49 -24.37 37.32
N ARG B 88 18.46 -24.15 36.46
CA ARG B 88 18.19 -23.49 35.21
C ARG B 88 17.45 -24.40 34.23
N PHE B 89 17.94 -25.63 34.07
CA PHE B 89 17.33 -26.60 33.19
C PHE B 89 15.92 -26.92 33.63
N LEU B 90 15.73 -27.01 34.95
CA LEU B 90 14.44 -27.34 35.54
C LEU B 90 13.51 -26.12 35.64
N SER B 91 14.03 -24.93 35.33
CA SER B 91 13.16 -23.79 35.10
C SER B 91 13.03 -23.47 33.62
N THR B 92 13.40 -24.45 32.78
CA THR B 92 13.24 -24.38 31.34
C THR B 92 12.21 -25.44 31.00
N PRO B 93 11.03 -25.03 30.51
CA PRO B 93 9.95 -26.00 30.26
C PRO B 93 10.36 -27.21 29.39
N ALA B 94 11.26 -27.02 28.43
CA ALA B 94 11.62 -28.10 27.52
C ALA B 94 12.99 -27.97 26.96
N GLN B 95 13.65 -29.12 26.81
CA GLN B 95 14.89 -29.22 26.03
C GLN B 95 14.72 -30.25 24.95
N ILE B 96 15.17 -29.93 23.75
CA ILE B 96 15.20 -30.88 22.66
C ILE B 96 16.65 -31.04 22.17
N VAL B 97 17.20 -32.23 22.38
CA VAL B 97 18.48 -32.59 21.76
C VAL B 97 18.17 -33.03 20.32
N VAL B 98 18.70 -32.27 19.34
N VAL B 98 18.65 -32.27 19.35
CA VAL B 98 18.58 -32.60 17.92
CA VAL B 98 18.52 -32.70 17.98
C VAL B 98 19.86 -33.27 17.42
C VAL B 98 19.84 -33.36 17.58
N TYR B 99 19.75 -34.45 16.85
CA TYR B 99 20.93 -35.18 16.46
C TYR B 99 20.77 -35.89 15.13
N MSE B 100 21.91 -36.28 14.58
CA MSE B 100 21.89 -37.03 13.31
C MSE B 100 22.85 -38.16 13.34
O MSE B 100 23.79 -38.16 14.14
CB MSE B 100 22.24 -36.12 12.16
CG MSE B 100 23.57 -35.45 12.30
SE MSE B 100 23.82 -34.43 10.66
CE MSE B 100 25.33 -35.38 10.00
N ASN B 101 22.60 -39.14 12.45
CA ASN B 101 23.59 -40.18 12.18
C ASN B 101 24.59 -39.69 11.16
N GLU B 102 25.89 -39.79 11.48
N GLU B 102 25.89 -39.79 11.47
CA GLU B 102 26.97 -39.33 10.61
CA GLU B 102 26.92 -39.31 10.56
C GLU B 102 27.25 -40.31 9.47
C GLU B 102 27.26 -40.30 9.47
N ASP B 103 27.08 -39.85 8.23
CA ASP B 103 27.42 -40.63 7.05
C ASP B 103 28.97 -40.65 7.02
N PRO B 104 29.57 -41.81 6.66
CA PRO B 104 31.05 -41.85 6.53
C PRO B 104 31.59 -40.95 5.42
N ARG B 105 30.71 -40.45 4.58
CA ARG B 105 31.15 -39.65 3.46
C ARG B 105 30.87 -38.20 3.76
N GLN B 106 31.88 -37.36 3.51
CA GLN B 106 31.82 -35.91 3.75
C GLN B 106 30.62 -35.18 3.13
N ILE B 107 30.46 -35.31 1.80
CA ILE B 107 29.34 -34.69 1.11
C ILE B 107 27.96 -35.03 1.72
N GLN B 108 27.63 -36.30 1.87
CA GLN B 108 26.34 -36.68 2.44
C GLN B 108 26.21 -36.21 3.88
N ARG B 109 27.28 -36.39 4.67
CA ARG B 109 27.31 -35.86 6.04
C ARG B 109 27.02 -34.36 6.15
N ASP B 110 27.76 -33.52 5.42
CA ASP B 110 27.56 -32.07 5.46
C ASP B 110 26.15 -31.67 5.01
N GLU B 111 25.65 -32.30 3.94
CA GLU B 111 24.28 -32.09 3.49
C GLU B 111 23.28 -32.41 4.57
N ASP B 112 23.49 -33.54 5.24
CA ASP B 112 22.61 -33.93 6.35
C ASP B 112 22.67 -32.95 7.51
N TYR B 113 23.87 -32.42 7.79
CA TYR B 113 24.03 -31.47 8.85
C TYR B 113 23.29 -30.17 8.50
N ALA B 114 23.50 -29.70 7.29
CA ALA B 114 22.84 -28.50 6.78
C ALA B 114 21.29 -28.65 6.80
N ALA B 115 20.75 -29.76 6.28
CA ALA B 115 19.31 -30.04 6.45
C ALA B 115 18.86 -29.89 7.89
N THR B 116 19.63 -30.46 8.81
CA THR B 116 19.28 -30.47 10.23
C THR B 116 19.31 -29.06 10.80
N CYS B 117 20.26 -28.26 10.37
CA CYS B 117 20.32 -26.87 10.79
C CYS B 117 19.14 -26.08 10.24
N ALA B 118 18.75 -26.40 9.01
CA ALA B 118 17.59 -25.77 8.39
C ALA B 118 16.26 -26.15 9.13
N PHE B 119 16.12 -27.42 9.50
CA PHE B 119 15.05 -27.90 10.38
C PHE B 119 15.01 -27.12 11.73
N MSE B 120 16.17 -26.90 12.34
CA MSE B 120 16.23 -26.18 13.61
C MSE B 120 15.88 -24.70 13.49
O MSE B 120 15.10 -24.19 14.30
CB MSE B 120 17.55 -26.39 14.33
CG MSE B 120 17.78 -27.84 14.70
SE MSE B 120 19.57 -28.13 15.50
CE MSE B 120 19.28 -27.51 17.29
N GLN B 121 16.43 -24.03 12.47
CA GLN B 121 16.03 -22.64 12.21
C GLN B 121 14.53 -22.55 11.92
N ASN B 122 13.98 -23.51 11.18
CA ASN B 122 12.55 -23.53 10.95
C ASN B 122 11.80 -23.56 12.27
N PHE B 123 12.24 -24.47 13.14
CA PHE B 123 11.58 -24.60 14.41
C PHE B 123 11.61 -23.31 15.27
N GLN B 124 12.74 -22.61 15.26
CA GLN B 124 12.89 -21.35 15.98
C GLN B 124 11.84 -20.32 15.53
N LEU B 125 11.64 -20.21 14.23
CA LEU B 125 10.72 -19.24 13.64
C LEU B 125 9.27 -19.65 13.87
N LEU B 126 9.00 -20.94 13.71
CA LEU B 126 7.70 -21.52 14.00
C LEU B 126 7.31 -21.26 15.45
N ALA B 127 8.27 -21.45 16.35
CA ALA B 127 8.05 -21.24 17.80
C ALA B 127 7.87 -19.76 18.13
N TRP B 128 8.71 -18.90 17.57
CA TRP B 128 8.54 -17.45 17.77
C TRP B 128 7.15 -16.98 17.42
N GLU B 129 6.64 -17.47 16.29
CA GLU B 129 5.28 -17.18 15.85
C GLU B 129 4.24 -17.40 16.93
N ARG B 130 4.35 -18.52 17.65
CA ARG B 130 3.47 -18.86 18.78
C ARG B 130 3.84 -18.22 20.13
N GLY B 131 4.85 -17.34 20.13
CA GLY B 131 5.23 -16.67 21.37
C GLY B 131 6.17 -17.48 22.26
N LEU B 132 6.67 -18.57 21.69
CA LEU B 132 7.63 -19.47 22.30
C LEU B 132 9.07 -19.06 21.96
N GLY B 133 9.87 -18.80 22.99
CA GLY B 133 11.26 -18.41 22.81
C GLY B 133 12.13 -19.66 22.94
N CYS B 134 13.31 -19.58 22.37
CA CYS B 134 14.30 -20.61 22.58
C CYS B 134 15.71 -20.20 22.25
N VAL B 135 16.62 -21.00 22.73
CA VAL B 135 18.01 -20.86 22.40
C VAL B 135 18.54 -22.24 21.94
N TRP B 136 19.31 -22.18 20.88
CA TRP B 136 20.04 -23.27 20.27
C TRP B 136 21.40 -23.32 20.96
N LYS B 137 21.57 -24.30 21.82
CA LYS B 137 22.82 -24.43 22.54
C LYS B 137 23.76 -25.34 21.76
N SER B 138 25.00 -24.90 21.66
N SER B 138 25.02 -24.95 21.65
CA SER B 138 26.06 -25.68 21.08
CA SER B 138 26.04 -25.86 21.17
C SER B 138 27.22 -25.58 22.07
C SER B 138 27.16 -25.96 22.20
N GLY B 139 28.38 -26.10 21.72
CA GLY B 139 29.52 -26.09 22.66
C GLY B 139 29.82 -27.46 23.17
N GLY B 140 30.86 -27.52 23.99
CA GLY B 140 31.61 -28.75 24.26
C GLY B 140 30.79 -29.84 24.89
N LEU B 141 29.72 -29.45 25.56
CA LEU B 141 28.84 -30.43 26.21
C LEU B 141 28.36 -31.38 25.13
N ASN B 142 27.98 -30.83 24.00
CA ASN B 142 27.49 -31.66 22.89
C ASN B 142 28.53 -32.56 22.24
N TYR B 143 29.80 -32.33 22.52
CA TYR B 143 30.85 -33.17 21.94
C TYR B 143 31.48 -34.10 22.95
N ASN B 144 31.01 -34.01 24.19
CA ASN B 144 31.59 -34.74 25.31
C ASN B 144 31.08 -36.18 25.28
N PRO B 145 31.98 -37.19 25.13
CA PRO B 145 31.55 -38.57 24.98
C PRO B 145 30.78 -39.11 26.20
N LEU B 146 31.03 -38.55 27.39
CA LEU B 146 30.30 -38.95 28.60
C LEU B 146 28.86 -38.42 28.63
N PHE B 147 28.63 -37.24 28.05
CA PHE B 147 27.29 -36.70 27.89
C PHE B 147 26.51 -37.50 26.85
N ILE B 148 27.11 -37.65 25.69
CA ILE B 148 26.54 -38.35 24.57
C ILE B 148 26.08 -39.76 24.94
N GLU B 149 26.96 -40.54 25.58
CA GLU B 149 26.61 -41.85 26.10
C GLU B 149 25.47 -41.74 27.13
N GLY B 150 25.62 -40.81 28.07
CA GLY B 150 24.63 -40.60 29.11
C GLY B 150 23.21 -40.40 28.61
N ILE B 151 23.04 -39.75 27.46
CA ILE B 151 21.70 -39.63 26.88
C ILE B 151 21.33 -40.79 25.95
N GLY B 152 22.23 -41.79 25.82
CA GLY B 152 21.94 -42.95 25.01
C GLY B 152 22.31 -42.85 23.53
N LEU B 153 23.21 -41.93 23.19
CA LEU B 153 23.73 -41.85 21.82
C LEU B 153 25.02 -42.65 21.63
N THR B 154 25.23 -43.13 20.41
CA THR B 154 26.38 -43.96 20.09
C THR B 154 27.44 -43.11 19.36
N ARG B 155 28.60 -43.69 19.08
CA ARG B 155 29.56 -43.06 18.18
C ARG B 155 28.90 -42.86 16.84
N GLY B 156 29.30 -41.80 16.15
CA GLY B 156 28.79 -41.48 14.83
C GLY B 156 27.40 -40.87 14.84
N GLN B 157 26.94 -40.48 16.02
CA GLN B 157 25.70 -39.74 16.11
C GLN B 157 26.07 -38.38 16.65
N ARG B 158 25.93 -37.37 15.80
CA ARG B 158 26.31 -36.00 16.07
C ARG B 158 25.14 -35.25 16.67
N ILE B 159 25.40 -34.58 17.80
CA ILE B 159 24.43 -33.63 18.33
C ILE B 159 24.67 -32.33 17.63
N VAL B 160 23.61 -31.83 16.99
CA VAL B 160 23.68 -30.58 16.23
C VAL B 160 23.32 -29.35 17.08
N GLY B 161 22.53 -29.57 18.12
CA GLY B 161 22.15 -28.49 19.02
C GLY B 161 21.30 -29.06 20.10
N ILE B 162 21.21 -28.36 21.22
CA ILE B 162 20.16 -28.62 22.20
C ILE B 162 19.34 -27.34 22.27
N LEU B 163 18.07 -27.46 21.92
CA LEU B 163 17.11 -26.36 21.99
C LEU B 163 16.51 -26.29 23.38
N HIS B 164 16.66 -25.16 24.04
CA HIS B 164 16.01 -24.89 25.32
C HIS B 164 14.88 -23.91 25.05
N ILE B 165 13.67 -24.25 25.50
CA ILE B 165 12.46 -23.64 24.99
C ILE B 165 11.47 -23.27 26.08
N GLY B 166 10.84 -22.11 25.94
CA GLY B 166 9.76 -21.75 26.85
C GLY B 166 9.14 -20.42 26.47
N TYR B 167 8.03 -20.10 27.12
CA TYR B 167 7.44 -18.77 27.08
C TYR B 167 8.37 -17.82 27.83
N PHE B 168 8.27 -16.53 27.56
CA PHE B 168 9.24 -15.56 28.08
C PHE B 168 8.63 -14.16 28.22
N ASP B 169 9.24 -13.29 29.02
CA ASP B 169 8.82 -11.88 29.07
C ASP B 169 9.97 -10.87 28.95
N LYS B 170 11.18 -11.40 28.72
CA LYS B 170 12.30 -10.57 28.34
C LYS B 170 13.28 -11.36 27.52
N ALA B 171 13.99 -10.66 26.64
CA ALA B 171 14.98 -11.29 25.79
C ALA B 171 16.05 -10.25 25.47
N PRO B 172 17.26 -10.70 25.07
CA PRO B 172 18.30 -9.72 24.75
C PRO B 172 17.88 -8.82 23.61
N GLU B 173 18.26 -7.55 23.72
CA GLU B 173 18.20 -6.61 22.62
C GLU B 173 18.78 -7.27 21.37
N GLY B 174 18.13 -7.05 20.24
CA GLY B 174 18.70 -7.45 18.96
C GLY B 174 20.01 -6.73 18.65
N LYS B 175 20.98 -7.49 18.13
N LYS B 175 20.98 -7.47 18.13
CA LYS B 175 22.27 -6.96 17.71
CA LYS B 175 22.25 -6.89 17.74
C LYS B 175 22.22 -6.52 16.24
C LYS B 175 22.25 -6.52 16.25
N ALA B 176 22.68 -5.30 15.95
CA ALA B 176 22.76 -4.82 14.58
C ALA B 176 23.57 -5.77 13.68
N ARG B 177 23.02 -6.05 12.51
CA ARG B 177 23.64 -6.90 11.52
C ARG B 177 24.55 -6.08 10.60
N THR B 178 25.59 -6.71 10.08
CA THR B 178 26.49 -6.11 9.08
C THR B 178 25.78 -6.11 7.71
N PRO B 179 25.70 -4.94 7.03
CA PRO B 179 25.05 -4.94 5.70
C PRO B 179 25.66 -6.04 4.83
N ILE B 180 24.84 -6.78 4.08
CA ILE B 180 25.36 -7.95 3.35
C ILE B 180 26.29 -7.50 2.22
N THR B 181 26.08 -6.25 1.83
CA THR B 181 26.89 -5.51 0.89
C THR B 181 28.37 -5.46 1.31
N GLU B 182 28.60 -5.46 2.61
CA GLU B 182 29.96 -5.52 3.13
C GLU B 182 30.60 -6.90 3.01
N LYS B 183 29.81 -7.95 2.78
CA LYS B 183 30.38 -9.31 2.69
C LYS B 183 29.95 -10.09 1.45
N MSE B 184 29.84 -9.34 0.37
CA MSE B 184 29.47 -9.93 -0.88
C MSE B 184 30.20 -9.24 -2.00
O MSE B 184 30.71 -8.14 -1.86
CB MSE B 184 27.94 -9.93 -1.05
CG MSE B 184 27.29 -8.64 -1.51
SE MSE B 184 25.47 -9.00 -2.23
CE MSE B 184 25.71 -10.81 -2.84
N GLU B 185 30.32 -9.97 -3.11
N GLU B 185 30.22 -9.92 -3.14
CA GLU B 185 30.87 -9.47 -4.36
CA GLU B 185 30.86 -9.43 -4.33
C GLU B 185 29.79 -9.72 -5.40
C GLU B 185 29.92 -9.75 -5.49
N ILE B 186 29.53 -8.71 -6.22
CA ILE B 186 28.58 -8.85 -7.31
C ILE B 186 29.34 -8.96 -8.61
N ILE B 187 29.13 -10.08 -9.28
CA ILE B 187 29.77 -10.36 -10.57
C ILE B 187 28.71 -10.17 -11.64
N GLU B 188 28.74 -8.97 -12.19
CA GLU B 188 27.70 -8.40 -13.03
C GLU B 188 28.02 -8.58 -14.52
N GLY B 189 29.28 -8.92 -14.80
CA GLY B 189 29.77 -9.04 -16.15
C GLY B 189 31.10 -9.98 -16.19
N ALA C 3 -1.91 -13.82 28.08
CA ALA C 3 -0.75 -14.14 28.97
C ALA C 3 0.61 -13.89 28.25
N MSE C 4 0.80 -14.47 27.07
N MSE C 4 0.72 -14.43 27.04
CA MSE C 4 2.11 -14.38 26.40
CA MSE C 4 1.96 -14.54 26.24
C MSE C 4 2.02 -13.70 25.03
C MSE C 4 1.97 -13.58 25.04
O MSE C 4 0.97 -13.72 24.37
O MSE C 4 0.89 -13.27 24.51
CB MSE C 4 2.83 -15.74 26.34
CB MSE C 4 2.12 -15.99 25.75
CG MSE C 4 3.03 -16.41 27.72
CG MSE C 4 0.80 -16.74 25.48
SE MSE C 4 4.31 -15.57 28.96
SE MSE C 4 0.84 -17.88 23.88
CE MSE C 4 3.58 -16.17 30.66
CE MSE C 4 -0.20 -19.47 24.37
N THR C 5 3.15 -13.13 24.61
CA THR C 5 3.25 -12.13 23.50
C THR C 5 4.69 -11.91 22.91
N THR C 6 4.73 -11.47 21.65
CA THR C 6 6.00 -11.09 21.02
C THR C 6 6.11 -9.57 20.78
N TYR C 7 5.12 -8.83 21.26
CA TYR C 7 5.11 -7.37 21.20
C TYR C 7 6.10 -6.74 22.22
N THR C 8 6.99 -5.88 21.74
CA THR C 8 8.04 -5.25 22.57
C THR C 8 7.55 -3.97 23.26
N SER C 9 6.36 -3.52 22.86
CA SER C 9 5.68 -2.35 23.42
C SER C 9 4.16 -2.54 23.28
N ILE C 10 3.38 -2.04 24.23
CA ILE C 10 1.93 -2.01 24.02
C ILE C 10 1.47 -0.97 22.98
N ALA C 11 2.29 0.01 22.70
CA ALA C 11 2.03 0.91 21.62
C ALA C 11 1.92 0.16 20.30
N ASN C 12 2.75 -0.86 20.10
CA ASN C 12 2.73 -1.67 18.91
C ASN C 12 1.40 -2.40 18.74
N VAL C 13 0.85 -2.88 19.85
CA VAL C 13 -0.47 -3.54 19.81
C VAL C 13 -1.52 -2.50 19.34
N ILE C 14 -1.47 -1.31 19.95
CA ILE C 14 -2.46 -0.27 19.70
C ILE C 14 -2.37 0.19 18.25
N LYS C 15 -1.13 0.38 17.78
N LYS C 15 -1.13 0.40 17.77
CA LYS C 15 -0.90 0.90 16.44
CA LYS C 15 -0.89 0.88 16.42
C LYS C 15 -1.07 -0.18 15.35
C LYS C 15 -1.26 -0.19 15.39
N GLU C 16 -1.01 -1.45 15.74
CA GLU C 16 -1.14 -2.55 14.80
C GLU C 16 -2.53 -3.18 14.70
N ARG C 17 -3.31 -3.12 15.77
CA ARG C 17 -4.69 -3.62 15.74
C ARG C 17 -5.42 -3.07 14.50
N ARG C 18 -6.04 -3.97 13.75
CA ARG C 18 -6.90 -3.61 12.65
C ARG C 18 -8.29 -4.12 12.96
N SER C 19 -9.29 -3.38 12.51
CA SER C 19 -10.65 -3.89 12.40
C SER C 19 -10.70 -5.00 11.35
N VAL C 20 -11.23 -6.15 11.74
CA VAL C 20 -11.27 -7.32 10.88
C VAL C 20 -12.74 -7.69 10.64
N ARG C 21 -13.09 -7.76 9.36
CA ARG C 21 -14.46 -7.99 8.92
C ARG C 21 -14.67 -9.38 8.31
N THR C 22 -13.60 -10.05 7.89
CA THR C 22 -13.70 -11.40 7.35
C THR C 22 -12.82 -12.38 8.13
N PHE C 23 -13.36 -13.55 8.45
CA PHE C 23 -12.67 -14.49 9.34
C PHE C 23 -12.45 -15.87 8.71
N THR C 24 -11.51 -16.63 9.25
CA THR C 24 -11.22 -17.97 8.78
C THR C 24 -12.13 -19.00 9.48
N ASP C 25 -12.05 -20.25 9.04
CA ASP C 25 -12.77 -21.39 9.61
C ASP C 25 -12.32 -21.78 11.03
N LYS C 26 -11.26 -21.15 11.52
N LYS C 26 -11.27 -21.14 11.54
CA LYS C 26 -10.67 -21.56 12.79
CA LYS C 26 -10.68 -21.61 12.78
C LYS C 26 -11.65 -21.36 13.93
C LYS C 26 -11.56 -21.34 13.98
N ALA C 27 -11.80 -22.40 14.74
CA ALA C 27 -12.68 -22.38 15.91
C ALA C 27 -12.15 -21.43 16.98
N VAL C 28 -13.07 -20.71 17.63
CA VAL C 28 -12.73 -19.79 18.73
C VAL C 28 -13.30 -20.35 20.03
N GLU C 29 -12.42 -20.72 20.95
N GLU C 29 -12.40 -20.71 20.95
CA GLU C 29 -12.86 -21.26 22.23
CA GLU C 29 -12.77 -21.23 22.27
C GLU C 29 -13.64 -20.24 23.05
C GLU C 29 -13.62 -20.23 23.08
N LYS C 30 -14.77 -20.68 23.57
CA LYS C 30 -15.62 -19.89 24.45
C LYS C 30 -14.85 -19.38 25.67
N ASP C 31 -14.00 -20.22 26.23
N ASP C 31 -14.00 -20.22 26.25
CA ASP C 31 -13.31 -19.90 27.47
CA ASP C 31 -13.31 -19.85 27.49
C ASP C 31 -12.21 -18.84 27.28
C ASP C 31 -12.20 -18.82 27.28
N LEU C 32 -11.69 -18.73 26.07
CA LEU C 32 -10.79 -17.63 25.66
C LEU C 32 -11.53 -16.31 25.65
N LEU C 33 -12.76 -16.35 25.12
CA LEU C 33 -13.60 -15.19 24.99
C LEU C 33 -13.95 -14.63 26.36
N ILE C 34 -14.37 -15.51 27.27
CA ILE C 34 -14.63 -15.15 28.66
C ILE C 34 -13.39 -14.63 29.39
N GLU C 35 -12.24 -15.26 29.16
CA GLU C 35 -10.97 -14.80 29.67
C GLU C 35 -10.65 -13.37 29.23
N LEU C 36 -10.81 -13.09 27.94
CA LEU C 36 -10.54 -11.75 27.42
C LEU C 36 -11.53 -10.71 27.95
N LEU C 37 -12.79 -11.10 28.08
CA LEU C 37 -13.81 -10.19 28.57
C LEU C 37 -13.50 -9.85 30.02
N ASN C 38 -13.07 -10.83 30.82
CA ASN C 38 -12.70 -10.58 32.23
C ASN C 38 -11.49 -9.59 32.33
N ASP C 39 -10.45 -9.78 31.52
CA ASP C 39 -9.35 -8.79 31.48
C ASP C 39 -9.88 -7.39 31.12
N ALA C 40 -10.80 -7.34 30.16
CA ALA C 40 -11.32 -6.07 29.67
C ALA C 40 -12.07 -5.28 30.74
N THR C 41 -12.63 -5.99 31.73
CA THR C 41 -13.46 -5.35 32.78
C THR C 41 -12.64 -4.40 33.65
N TRP C 42 -11.31 -4.48 33.53
CA TRP C 42 -10.41 -3.55 34.20
C TRP C 42 -10.37 -2.12 33.63
N ALA C 43 -11.32 -1.81 32.75
CA ALA C 43 -11.59 -0.45 32.25
C ALA C 43 -11.86 0.54 33.38
N PRO C 44 -11.48 1.82 33.16
CA PRO C 44 -11.89 2.87 34.10
C PRO C 44 -13.44 2.90 34.12
N ASN C 45 -14.03 3.02 35.30
CA ASN C 45 -15.49 3.17 35.40
C ASN C 45 -15.91 3.93 36.62
N HIS C 46 -16.42 5.13 36.39
CA HIS C 46 -16.71 6.04 37.46
C HIS C 46 -17.63 5.40 38.50
N LYS C 47 -17.23 5.50 39.77
CA LYS C 47 -18.00 4.99 40.89
C LYS C 47 -18.09 3.46 40.89
N HIS C 48 -17.26 2.79 40.10
CA HIS C 48 -17.27 1.31 40.06
C HIS C 48 -18.68 0.75 39.71
N ARG C 49 -19.38 1.45 38.83
CA ARG C 49 -20.68 0.96 38.38
C ARG C 49 -20.56 -0.22 37.43
N GLU C 50 -19.38 -0.44 36.85
CA GLU C 50 -19.19 -1.55 35.90
C GLU C 50 -20.42 -1.74 34.96
N PRO C 51 -20.70 -0.74 34.13
CA PRO C 51 -22.03 -0.74 33.50
C PRO C 51 -22.21 -1.62 32.25
N TRP C 52 -21.13 -2.23 31.78
CA TRP C 52 -21.18 -3.14 30.62
C TRP C 52 -21.98 -4.43 30.92
N ASN C 53 -22.66 -4.94 29.89
CA ASN C 53 -23.41 -6.19 29.90
C ASN C 53 -23.27 -6.72 28.51
N CYS C 54 -23.27 -8.05 28.38
N CYS C 54 -23.33 -8.03 28.35
CA CYS C 54 -22.99 -8.72 27.11
CA CYS C 54 -23.22 -8.53 27.01
C CYS C 54 -23.99 -9.80 26.80
C CYS C 54 -23.95 -9.82 26.78
N LYS C 55 -24.24 -10.04 25.50
CA LYS C 55 -24.86 -11.26 25.04
C LYS C 55 -23.86 -11.82 24.07
N LEU C 56 -23.39 -13.03 24.32
CA LEU C 56 -22.40 -13.68 23.45
C LEU C 56 -23.10 -14.73 22.61
N TYR C 57 -23.00 -14.63 21.29
CA TYR C 57 -23.56 -15.63 20.38
C TYR C 57 -22.45 -16.41 19.75
N ILE C 58 -22.49 -17.72 19.96
N ILE C 58 -22.48 -17.73 19.94
CA ILE C 58 -21.50 -18.67 19.43
CA ILE C 58 -21.49 -18.64 19.39
C ILE C 58 -22.23 -19.88 18.84
C ILE C 58 -22.20 -19.88 18.86
N GLY C 59 -21.59 -20.55 17.89
CA GLY C 59 -22.11 -21.82 17.35
C GLY C 59 -23.50 -21.67 16.79
N GLU C 60 -24.41 -22.55 17.23
N GLU C 60 -24.41 -22.55 17.22
CA GLU C 60 -25.79 -22.53 16.73
CA GLU C 60 -25.80 -22.51 16.72
C GLU C 60 -26.64 -21.38 17.31
C GLU C 60 -26.60 -21.32 17.26
N GLY C 61 -26.16 -20.76 18.38
CA GLY C 61 -26.82 -19.58 18.98
C GLY C 61 -26.78 -18.36 18.07
N ARG C 62 -25.76 -18.32 17.22
CA ARG C 62 -25.67 -17.25 16.22
C ARG C 62 -26.92 -17.17 15.33
N LYS C 63 -27.56 -18.31 15.09
CA LYS C 63 -28.81 -18.37 14.31
C LYS C 63 -29.91 -17.47 14.88
N LYS C 64 -30.05 -17.49 16.21
CA LYS C 64 -30.97 -16.59 16.97
C LYS C 64 -30.73 -15.11 16.75
N LEU C 65 -29.46 -14.71 16.71
CA LEU C 65 -29.07 -13.33 16.47
C LEU C 65 -29.38 -12.96 15.02
N VAL C 66 -29.06 -13.86 14.10
CA VAL C 66 -29.38 -13.64 12.70
C VAL C 66 -30.89 -13.43 12.56
N ASP C 67 -31.67 -14.31 13.22
CA ASP C 67 -33.10 -14.19 13.16
C ASP C 67 -33.64 -12.84 13.68
N ALA C 68 -33.09 -12.36 14.79
CA ALA C 68 -33.48 -11.07 15.36
C ALA C 68 -33.15 -9.91 14.38
N VAL C 69 -32.01 -10.04 13.69
CA VAL C 69 -31.61 -9.04 12.71
C VAL C 69 -32.57 -9.06 11.55
N LEU C 70 -32.82 -10.25 10.99
CA LEU C 70 -33.70 -10.32 9.81
C LEU C 70 -35.14 -9.91 10.10
N ASN C 71 -35.57 -10.04 11.35
CA ASN C 71 -36.91 -9.61 11.73
C ASN C 71 -37.04 -8.09 11.90
N SER C 72 -35.89 -7.42 11.98
N SER C 72 -35.90 -7.40 11.95
CA SER C 72 -35.84 -5.96 12.07
CA SER C 72 -35.85 -5.94 12.02
C SER C 72 -35.93 -5.32 10.68
C SER C 72 -36.01 -5.32 10.66
N PHE C 73 -35.79 -6.12 9.63
CA PHE C 73 -35.82 -5.64 8.26
C PHE C 73 -37.25 -5.59 7.71
N THR C 74 -37.46 -4.72 6.71
CA THR C 74 -38.64 -4.79 5.86
C THR C 74 -38.53 -6.05 5.00
N GLU C 75 -39.60 -6.41 4.31
CA GLU C 75 -39.57 -7.58 3.44
C GLU C 75 -38.65 -7.33 2.24
N GLU C 76 -38.54 -6.06 1.83
CA GLU C 76 -37.58 -5.67 0.79
C GLU C 76 -36.12 -5.91 1.21
N GLU C 77 -35.67 -5.27 2.29
N GLU C 77 -35.71 -5.25 2.30
CA GLU C 77 -34.29 -5.49 2.74
CA GLU C 77 -34.38 -5.42 2.90
C GLU C 77 -33.97 -6.95 3.04
C GLU C 77 -34.01 -6.90 3.04
N ARG C 78 -34.91 -7.66 3.65
CA ARG C 78 -34.72 -9.05 3.97
C ARG C 78 -34.53 -9.92 2.72
N ALA C 79 -35.27 -9.62 1.66
CA ALA C 79 -35.09 -10.27 0.35
C ALA C 79 -33.74 -9.90 -0.29
N LYS C 80 -33.41 -8.60 -0.30
N LYS C 80 -33.41 -8.60 -0.28
CA LYS C 80 -32.11 -8.16 -0.82
CA LYS C 80 -32.12 -8.13 -0.81
C LYS C 80 -30.95 -8.72 0.02
C LYS C 80 -30.94 -8.68 0.00
N ARG C 81 -30.81 -8.20 1.24
CA ARG C 81 -29.66 -8.48 2.10
C ARG C 81 -29.70 -9.76 2.95
N GLY C 82 -30.84 -10.41 3.03
CA GLY C 82 -31.05 -11.49 4.00
C GLY C 82 -30.04 -12.63 4.01
N LYS C 83 -29.73 -13.16 2.85
CA LYS C 83 -28.88 -14.34 2.73
C LYS C 83 -27.42 -13.97 2.90
N ILE C 84 -27.04 -12.83 2.32
CA ILE C 84 -25.71 -12.28 2.42
C ILE C 84 -25.35 -12.10 3.90
N LEU C 85 -26.26 -11.50 4.67
CA LEU C 85 -26.08 -11.25 6.07
C LEU C 85 -26.02 -12.51 6.91
N SER C 86 -26.92 -13.44 6.67
CA SER C 86 -26.92 -14.71 7.38
C SER C 86 -25.60 -15.44 7.12
N ASP C 87 -25.09 -15.33 5.89
CA ASP C 87 -23.85 -15.98 5.44
C ASP C 87 -22.66 -15.48 6.23
N ARG C 88 -22.56 -14.17 6.29
CA ARG C 88 -21.49 -13.50 6.96
C ARG C 88 -21.48 -13.78 8.50
N PHE C 89 -22.63 -13.60 9.14
CA PHE C 89 -22.76 -13.77 10.59
C PHE C 89 -22.41 -15.21 10.95
N LEU C 90 -22.86 -16.12 10.12
CA LEU C 90 -22.71 -17.54 10.35
C LEU C 90 -21.36 -18.09 9.89
N SER C 91 -20.56 -17.26 9.24
CA SER C 91 -19.16 -17.54 9.02
C SER C 91 -18.30 -16.63 9.89
N THR C 92 -18.91 -16.09 10.95
CA THR C 92 -18.22 -15.25 11.93
C THR C 92 -18.28 -16.05 13.23
N PRO C 93 -17.10 -16.46 13.75
CA PRO C 93 -17.13 -17.35 14.94
C PRO C 93 -17.97 -16.86 16.14
N ALA C 94 -17.99 -15.56 16.43
CA ALA C 94 -18.72 -15.06 17.59
C ALA C 94 -19.19 -13.65 17.41
N GLN C 95 -20.35 -13.35 17.98
CA GLN C 95 -20.83 -11.98 18.06
C GLN C 95 -21.07 -11.65 19.52
N ILE C 96 -20.66 -10.46 19.94
CA ILE C 96 -20.94 -10.00 21.29
C ILE C 96 -21.69 -8.68 21.20
N VAL C 97 -22.93 -8.66 21.69
CA VAL C 97 -23.69 -7.45 21.81
C VAL C 97 -23.33 -6.84 23.16
N VAL C 98 -22.77 -5.64 23.13
CA VAL C 98 -22.43 -4.95 24.35
C VAL C 98 -23.49 -3.86 24.54
N TYR C 99 -24.13 -3.89 25.69
CA TYR C 99 -25.17 -2.91 26.03
C TYR C 99 -25.05 -2.46 27.49
N MSE C 100 -25.75 -1.36 27.80
CA MSE C 100 -25.78 -0.88 29.15
C MSE C 100 -27.19 -0.39 29.48
O MSE C 100 -27.97 -0.08 28.57
CB MSE C 100 -24.79 0.27 29.31
CG MSE C 100 -25.18 1.45 28.49
SE MSE C 100 -24.06 2.97 28.68
CE MSE C 100 -25.39 4.31 28.77
N ASN C 101 -27.49 -0.29 30.77
CA ASN C 101 -28.69 0.39 31.21
C ASN C 101 -28.54 1.93 31.20
N GLU C 102 -29.46 2.66 30.60
CA GLU C 102 -29.32 4.14 30.56
C GLU C 102 -29.79 4.78 31.84
N ASP C 103 -28.90 5.53 32.47
CA ASP C 103 -29.22 6.30 33.64
C ASP C 103 -30.06 7.47 33.13
N PRO C 104 -31.13 7.89 33.87
CA PRO C 104 -31.94 9.05 33.43
C PRO C 104 -31.22 10.42 33.41
N ARG C 105 -30.05 10.48 34.04
CA ARG C 105 -29.23 11.71 34.14
C ARG C 105 -28.10 11.62 33.19
N GLN C 106 -27.86 12.76 32.53
CA GLN C 106 -26.90 12.88 31.46
C GLN C 106 -25.47 12.49 31.87
N ILE C 107 -24.97 13.04 32.98
CA ILE C 107 -23.58 12.86 33.39
C ILE C 107 -23.27 11.40 33.69
N GLN C 108 -24.10 10.75 34.47
CA GLN C 108 -23.95 9.32 34.75
C GLN C 108 -24.04 8.46 33.51
N ARG C 109 -25.07 8.68 32.70
CA ARG C 109 -25.25 7.99 31.42
C ARG C 109 -24.03 8.17 30.50
N ASP C 110 -23.58 9.41 30.29
CA ASP C 110 -22.36 9.64 29.52
C ASP C 110 -21.16 8.90 30.12
N GLU C 111 -20.99 8.92 31.43
CA GLU C 111 -19.86 8.27 32.09
C GLU C 111 -19.88 6.78 31.89
N ASP C 112 -21.08 6.20 32.03
N ASP C 112 -21.06 6.19 31.97
CA ASP C 112 -21.35 4.77 31.76
CA ASP C 112 -21.14 4.76 31.80
C ASP C 112 -21.06 4.33 30.34
C ASP C 112 -21.04 4.31 30.33
N TYR C 113 -21.49 5.14 29.39
CA TYR C 113 -21.18 4.91 27.97
C TYR C 113 -19.66 4.96 27.73
N ALA C 114 -18.99 5.93 28.37
CA ALA C 114 -17.55 6.11 28.18
C ALA C 114 -16.83 4.87 28.74
N ALA C 115 -17.23 4.42 29.92
CA ALA C 115 -16.70 3.21 30.54
C ALA C 115 -16.88 1.97 29.65
N THR C 116 -18.07 1.80 29.10
CA THR C 116 -18.38 0.65 28.21
C THR C 116 -17.51 0.68 26.93
N CYS C 117 -17.29 1.88 26.39
CA CYS C 117 -16.38 2.08 25.24
C CYS C 117 -14.92 1.70 25.55
N ALA C 118 -14.46 2.08 26.75
CA ALA C 118 -13.14 1.73 27.23
C ALA C 118 -12.99 0.20 27.39
N PHE C 119 -13.97 -0.46 28.01
CA PHE C 119 -14.10 -1.91 28.05
C PHE C 119 -14.00 -2.52 26.64
N MSE C 120 -14.74 -1.98 25.67
CA MSE C 120 -14.70 -2.56 24.33
C MSE C 120 -13.35 -2.39 23.64
O MSE C 120 -12.90 -3.33 22.96
CB MSE C 120 -15.82 -2.00 23.46
CG MSE C 120 -17.24 -2.22 24.07
SE MSE C 120 -18.70 -1.76 22.90
CE MSE C 120 -18.35 -3.01 21.44
N GLN C 121 -12.72 -1.23 23.82
CA GLN C 121 -11.42 -0.99 23.26
C GLN C 121 -10.42 -1.93 23.94
N ASN C 122 -10.43 -2.01 25.27
CA ASN C 122 -9.68 -3.03 25.99
C ASN C 122 -9.79 -4.41 25.34
N PHE C 123 -11.03 -4.86 25.11
CA PHE C 123 -11.27 -6.17 24.51
C PHE C 123 -10.57 -6.33 23.16
N GLN C 124 -10.68 -5.30 22.31
CA GLN C 124 -10.09 -5.28 20.96
C GLN C 124 -8.58 -5.47 21.01
N LEU C 125 -7.94 -4.79 21.97
CA LEU C 125 -6.50 -4.88 22.20
C LEU C 125 -6.05 -6.21 22.74
N LEU C 126 -6.78 -6.70 23.73
CA LEU C 126 -6.55 -8.05 24.27
C LEU C 126 -6.70 -9.15 23.24
N ALA C 127 -7.79 -9.09 22.46
CA ALA C 127 -8.09 -10.06 21.41
C ALA C 127 -6.97 -10.08 20.41
N TRP C 128 -6.46 -8.89 20.07
CA TRP C 128 -5.47 -8.71 19.01
C TRP C 128 -4.16 -9.37 19.38
N GLU C 129 -3.76 -9.18 20.63
CA GLU C 129 -2.57 -9.80 21.17
C GLU C 129 -2.62 -11.34 21.13
N ARG C 130 -3.82 -11.94 21.18
CA ARG C 130 -3.97 -13.39 21.00
C ARG C 130 -4.18 -13.81 19.55
N GLY C 131 -4.12 -12.86 18.63
CA GLY C 131 -4.30 -13.16 17.20
C GLY C 131 -5.75 -13.21 16.77
N LEU C 132 -6.63 -12.78 17.65
CA LEU C 132 -8.06 -12.79 17.41
C LEU C 132 -8.50 -11.42 16.90
N GLY C 133 -9.19 -11.42 15.78
CA GLY C 133 -9.58 -10.18 15.14
C GLY C 133 -11.02 -9.85 15.47
N CYS C 134 -11.35 -8.60 15.24
CA CYS C 134 -12.53 -7.95 15.75
C CYS C 134 -13.01 -6.84 14.89
N VAL C 135 -14.33 -6.69 14.81
CA VAL C 135 -14.90 -5.42 14.35
C VAL C 135 -16.05 -4.98 15.27
N TRP C 136 -16.01 -3.71 15.64
CA TRP C 136 -17.01 -3.06 16.50
C TRP C 136 -18.08 -2.50 15.57
N LYS C 137 -19.24 -3.16 15.45
CA LYS C 137 -20.32 -2.62 14.58
C LYS C 137 -21.22 -1.66 15.35
N SER C 138 -21.63 -0.56 14.73
N SER C 138 -21.62 -0.59 14.68
CA SER C 138 -22.33 0.52 15.47
CA SER C 138 -22.17 0.61 15.31
C SER C 138 -23.53 1.14 14.77
C SER C 138 -23.20 1.32 14.47
N GLY C 139 -23.94 0.60 13.63
CA GLY C 139 -24.97 1.27 12.83
C GLY C 139 -26.42 1.42 13.35
N GLY C 140 -27.33 1.73 12.42
CA GLY C 140 -28.72 1.88 12.80
C GLY C 140 -29.46 0.62 13.27
N LEU C 141 -28.97 -0.57 12.94
CA LEU C 141 -29.51 -1.80 13.52
C LEU C 141 -29.56 -1.73 15.04
N ASN C 142 -28.51 -1.23 15.64
CA ASN C 142 -28.37 -1.14 17.09
C ASN C 142 -29.39 -0.22 17.74
N TYR C 143 -30.05 0.63 16.94
CA TYR C 143 -31.08 1.56 17.43
C TYR C 143 -32.51 1.16 17.07
N ASN C 144 -32.61 0.12 16.25
CA ASN C 144 -33.89 -0.35 15.78
C ASN C 144 -34.67 -1.08 16.88
N PRO C 145 -35.84 -0.54 17.28
CA PRO C 145 -36.59 -1.21 18.36
C PRO C 145 -37.02 -2.66 18.06
N LEU C 146 -37.22 -3.02 16.80
CA LEU C 146 -37.52 -4.43 16.46
C LEU C 146 -36.34 -5.35 16.73
N PHE C 147 -35.12 -4.87 16.49
CA PHE C 147 -33.92 -5.63 16.79
C PHE C 147 -33.71 -5.73 18.29
N ILE C 148 -33.72 -4.58 18.95
CA ILE C 148 -33.58 -4.47 20.39
C ILE C 148 -34.48 -5.44 21.13
N GLU C 149 -35.78 -5.41 20.79
N GLU C 149 -35.78 -5.45 20.81
CA GLU C 149 -36.82 -6.31 21.33
CA GLU C 149 -36.70 -6.37 21.45
C GLU C 149 -36.50 -7.78 21.02
C GLU C 149 -36.43 -7.82 21.05
N GLY C 150 -36.17 -8.04 19.75
CA GLY C 150 -35.79 -9.38 19.27
C GLY C 150 -34.69 -10.06 20.04
N ILE C 151 -33.69 -9.33 20.51
CA ILE C 151 -32.62 -9.99 21.26
C ILE C 151 -32.91 -9.96 22.76
N GLY C 152 -34.07 -9.43 23.13
CA GLY C 152 -34.52 -9.40 24.51
C GLY C 152 -34.10 -8.23 25.37
N LEU C 153 -33.85 -7.08 24.75
CA LEU C 153 -33.52 -5.87 25.51
C LEU C 153 -34.76 -5.00 25.65
N THR C 154 -34.75 -4.14 26.67
CA THR C 154 -35.93 -3.31 26.92
C THR C 154 -35.65 -1.87 26.58
N ARG C 155 -36.64 -1.02 26.78
CA ARG C 155 -36.38 0.41 26.58
C ARG C 155 -35.36 0.90 27.63
N GLY C 156 -34.55 1.87 27.25
CA GLY C 156 -33.54 2.38 28.16
C GLY C 156 -32.30 1.49 28.28
N GLN C 157 -32.19 0.49 27.42
CA GLN C 157 -30.99 -0.32 27.35
C GLN C 157 -30.33 -0.04 26.01
N ARG C 158 -29.16 0.60 26.07
CA ARG C 158 -28.50 1.14 24.91
C ARG C 158 -27.51 0.09 24.46
N ILE C 159 -27.54 -0.22 23.16
N ILE C 159 -27.53 -0.24 23.17
CA ILE C 159 -26.50 -1.01 22.52
CA ILE C 159 -26.51 -1.09 22.56
C ILE C 159 -25.34 -0.10 22.24
C ILE C 159 -25.33 -0.20 22.16
N VAL C 160 -24.20 -0.42 22.82
CA VAL C 160 -23.00 0.39 22.60
C VAL C 160 -22.24 -0.13 21.36
N GLY C 161 -22.37 -1.40 21.08
CA GLY C 161 -21.98 -1.93 19.83
C GLY C 161 -22.08 -3.41 19.79
N ILE C 162 -21.83 -3.94 18.60
N ILE C 162 -21.81 -3.97 18.63
CA ILE C 162 -21.73 -5.39 18.41
CA ILE C 162 -21.74 -5.41 18.52
C ILE C 162 -20.34 -5.76 17.94
C ILE C 162 -20.45 -5.90 17.88
N LEU C 163 -19.70 -6.66 18.69
CA LEU C 163 -18.38 -7.16 18.33
C LEU C 163 -18.56 -8.44 17.54
N HIS C 164 -18.02 -8.46 16.32
CA HIS C 164 -17.97 -9.67 15.49
C HIS C 164 -16.49 -10.10 15.52
N ILE C 165 -16.24 -11.36 15.90
CA ILE C 165 -14.93 -11.83 16.36
C ILE C 165 -14.50 -13.15 15.73
N GLY C 166 -13.20 -13.28 15.41
CA GLY C 166 -12.65 -14.51 14.88
C GLY C 166 -11.20 -14.39 14.50
N TYR C 167 -10.58 -15.53 14.15
CA TYR C 167 -9.23 -15.57 13.60
C TYR C 167 -9.35 -15.14 12.14
N PHE C 168 -8.25 -14.70 11.54
CA PHE C 168 -8.29 -14.03 10.23
C PHE C 168 -6.96 -14.24 9.50
N ASP C 169 -6.96 -14.22 8.17
CA ASP C 169 -5.68 -14.16 7.44
C ASP C 169 -5.49 -12.91 6.54
N LYS C 170 -6.47 -12.01 6.57
N LYS C 170 -6.48 -12.01 6.59
CA LYS C 170 -6.36 -10.70 5.92
CA LYS C 170 -6.42 -10.72 5.91
C LYS C 170 -7.18 -9.65 6.64
C LYS C 170 -7.08 -9.67 6.79
N ALA C 171 -6.69 -8.40 6.60
CA ALA C 171 -7.37 -7.27 7.21
C ALA C 171 -7.12 -6.04 6.33
N PRO C 172 -8.00 -5.04 6.40
CA PRO C 172 -7.76 -3.83 5.62
C PRO C 172 -6.46 -3.22 6.11
N GLU C 173 -5.74 -2.58 5.18
CA GLU C 173 -4.51 -1.90 5.49
C GLU C 173 -4.77 -0.73 6.46
N GLY C 174 -3.75 -0.37 7.23
CA GLY C 174 -3.86 0.74 8.18
C GLY C 174 -3.98 2.07 7.47
N LYS C 175 -4.89 2.91 7.96
CA LYS C 175 -5.10 4.24 7.39
C LYS C 175 -4.33 5.27 8.23
N ALA C 176 -3.47 6.06 7.58
CA ALA C 176 -2.64 7.01 8.33
C ALA C 176 -3.49 7.97 9.14
N ARG C 177 -3.03 8.21 10.36
CA ARG C 177 -3.71 9.07 11.30
C ARG C 177 -3.22 10.49 11.09
N THR C 178 -4.04 11.48 11.40
CA THR C 178 -3.57 12.85 11.31
C THR C 178 -2.78 13.25 12.57
N PRO C 179 -1.60 13.87 12.39
CA PRO C 179 -0.84 14.28 13.56
C PRO C 179 -1.69 14.98 14.61
N ILE C 180 -1.43 14.72 15.87
CA ILE C 180 -2.24 15.25 16.93
C ILE C 180 -1.96 16.73 17.12
N THR C 181 -0.75 17.14 16.76
CA THR C 181 -0.39 18.54 16.79
C THR C 181 -1.30 19.39 15.87
N GLU C 182 -1.89 18.76 14.86
N GLU C 182 -1.89 18.79 14.85
CA GLU C 182 -2.86 19.40 13.97
CA GLU C 182 -2.84 19.51 14.02
C GLU C 182 -4.26 19.53 14.60
C GLU C 182 -4.27 19.48 14.57
N LYS C 183 -4.43 18.93 15.77
CA LYS C 183 -5.77 18.81 16.41
C LYS C 183 -5.76 19.26 17.84
N MSE C 184 -4.83 20.14 18.16
CA MSE C 184 -4.45 20.36 19.54
C MSE C 184 -4.05 21.80 19.78
O MSE C 184 -3.59 22.48 18.85
CB MSE C 184 -3.27 19.47 19.83
CG MSE C 184 -2.97 19.22 21.28
SE MSE C 184 -1.27 18.24 21.35
CE MSE C 184 -1.15 18.31 23.28
N GLU C 185 -4.22 22.27 21.01
N GLU C 185 -4.25 22.27 21.01
CA GLU C 185 -3.71 23.57 21.44
CA GLU C 185 -3.69 23.54 21.46
C GLU C 185 -2.87 23.36 22.69
C GLU C 185 -2.83 23.28 22.67
N ILE C 186 -1.62 23.84 22.66
CA ILE C 186 -0.75 23.75 23.81
C ILE C 186 -0.81 25.11 24.50
N ILE C 187 -1.29 25.11 25.73
CA ILE C 187 -1.33 26.31 26.53
C ILE C 187 -0.25 26.18 27.59
N GLU C 188 0.77 27.01 27.45
CA GLU C 188 2.04 26.82 28.11
C GLU C 188 2.38 28.01 29.00
N GLY C 189 1.58 29.06 28.91
CA GLY C 189 1.78 30.32 29.64
C GLY C 189 0.70 31.34 29.28
N ALA D 3 21.95 -5.99 27.81
CA ALA D 3 20.73 -5.14 27.57
C ALA D 3 19.51 -5.94 27.08
N MSE D 4 18.38 -5.77 27.77
CA MSE D 4 17.22 -6.64 27.63
C MSE D 4 15.97 -5.89 27.25
O MSE D 4 15.63 -4.92 27.90
CB MSE D 4 16.93 -7.33 28.97
CG MSE D 4 16.68 -8.81 28.88
SE MSE D 4 18.38 -9.58 28.58
CE MSE D 4 19.16 -9.28 30.38
N THR D 5 15.27 -6.35 26.23
CA THR D 5 13.94 -5.80 25.99
C THR D 5 12.82 -6.64 26.64
N THR D 6 11.75 -5.95 27.01
CA THR D 6 10.62 -6.56 27.72
C THR D 6 9.44 -6.95 26.82
N TYR D 7 8.83 -8.07 27.14
CA TYR D 7 7.75 -8.59 26.32
C TYR D 7 6.49 -8.67 27.14
N THR D 8 6.05 -7.49 27.55
CA THR D 8 4.91 -7.36 28.44
C THR D 8 3.58 -7.44 27.67
N SER D 9 2.76 -8.38 28.11
CA SER D 9 1.35 -8.44 27.84
C SER D 9 0.65 -7.08 28.00
N ILE D 10 -0.05 -6.61 26.97
CA ILE D 10 -1.02 -5.51 27.13
C ILE D 10 -2.05 -5.81 28.24
N ALA D 11 -2.40 -7.08 28.40
CA ALA D 11 -3.22 -7.54 29.51
C ALA D 11 -2.71 -7.06 30.86
N ASN D 12 -1.40 -7.17 31.09
N ASN D 12 -1.40 -7.19 31.07
CA ASN D 12 -0.79 -6.66 32.32
CA ASN D 12 -0.73 -6.70 32.28
C ASN D 12 -0.98 -5.17 32.48
C ASN D 12 -0.93 -5.19 32.47
N VAL D 13 -0.75 -4.42 31.40
CA VAL D 13 -0.94 -2.95 31.46
C VAL D 13 -2.40 -2.55 31.72
N ILE D 14 -3.33 -3.23 31.05
CA ILE D 14 -4.75 -3.00 31.21
C ILE D 14 -5.23 -3.22 32.65
N LYS D 15 -4.72 -4.29 33.28
CA LYS D 15 -5.17 -4.72 34.60
C LYS D 15 -4.41 -3.99 35.69
N GLU D 16 -3.24 -3.47 35.33
N GLU D 16 -3.23 -3.48 35.36
CA GLU D 16 -2.34 -2.84 36.29
CA GLU D 16 -2.38 -2.81 36.36
C GLU D 16 -2.59 -1.32 36.37
C GLU D 16 -2.64 -1.31 36.40
N ARG D 17 -3.06 -0.72 35.27
CA ARG D 17 -3.37 0.71 35.23
C ARG D 17 -4.35 1.11 36.32
N ARG D 18 -4.02 2.19 37.04
CA ARG D 18 -4.91 2.79 38.02
C ARG D 18 -5.12 4.26 37.71
N SER D 19 -6.31 4.74 38.04
CA SER D 19 -6.56 6.17 38.16
C SER D 19 -5.72 6.79 39.28
N VAL D 20 -4.87 7.74 38.91
CA VAL D 20 -3.99 8.41 39.86
C VAL D 20 -4.41 9.87 39.94
N ARG D 21 -4.48 10.38 41.17
CA ARG D 21 -5.11 11.65 41.49
C ARG D 21 -4.18 12.59 42.25
N THR D 22 -3.06 12.04 42.75
CA THR D 22 -2.04 12.75 43.50
C THR D 22 -0.69 12.43 42.86
N PHE D 23 0.08 13.47 42.59
CA PHE D 23 1.28 13.34 41.79
C PHE D 23 2.51 13.81 42.51
N THR D 24 3.67 13.37 42.03
CA THR D 24 4.97 13.86 42.51
C THR D 24 5.39 15.09 41.68
N ASP D 25 6.42 15.79 42.12
N ASP D 25 6.43 15.79 42.14
CA ASP D 25 6.85 17.03 41.46
CA ASP D 25 6.89 17.04 41.49
C ASP D 25 7.73 16.83 40.22
C ASP D 25 7.81 16.83 40.27
N LYS D 26 8.03 15.58 39.89
CA LYS D 26 8.82 15.26 38.70
C LYS D 26 8.24 15.92 37.44
N ALA D 27 9.12 16.44 36.61
CA ALA D 27 8.76 17.14 35.39
C ALA D 27 8.18 16.17 34.36
N VAL D 28 7.02 16.49 33.80
CA VAL D 28 6.54 15.74 32.63
C VAL D 28 6.72 16.52 31.33
N GLU D 29 7.39 15.90 30.36
N GLU D 29 7.40 15.92 30.37
CA GLU D 29 7.73 16.60 29.14
CA GLU D 29 7.76 16.62 29.15
C GLU D 29 6.58 16.64 28.14
C GLU D 29 6.60 16.64 28.13
N LYS D 30 6.32 17.84 27.65
CA LYS D 30 5.41 18.10 26.52
C LYS D 30 5.56 17.08 25.38
N ASP D 31 6.81 16.82 24.98
CA ASP D 31 7.13 15.97 23.84
C ASP D 31 6.72 14.52 24.07
N LEU D 32 6.85 14.05 25.31
CA LEU D 32 6.37 12.73 25.71
C LEU D 32 4.85 12.65 25.56
N LEU D 33 4.16 13.65 26.10
CA LEU D 33 2.71 13.72 26.00
C LEU D 33 2.28 13.68 24.56
N ILE D 34 2.94 14.44 23.72
CA ILE D 34 2.60 14.52 22.31
C ILE D 34 2.84 13.17 21.62
N GLU D 35 3.96 12.54 21.97
CA GLU D 35 4.25 11.19 21.54
C GLU D 35 3.13 10.20 21.89
N LEU D 36 2.76 10.16 23.18
CA LEU D 36 1.71 9.28 23.65
C LEU D 36 0.35 9.57 22.98
N LEU D 37 0.05 10.86 22.79
CA LEU D 37 -1.22 11.25 22.17
C LEU D 37 -1.30 10.78 20.70
N ASN D 38 -0.16 10.84 19.99
CA ASN D 38 -0.03 10.35 18.62
C ASN D 38 -0.11 8.82 18.54
N ASP D 39 0.50 8.13 19.48
CA ASP D 39 0.24 6.69 19.61
C ASP D 39 -1.23 6.36 19.83
N ALA D 40 -1.93 7.20 20.62
CA ALA D 40 -3.33 6.98 21.01
C ALA D 40 -4.31 7.16 19.86
N THR D 41 -3.96 8.00 18.90
CA THR D 41 -4.80 8.30 17.75
C THR D 41 -5.13 7.05 16.91
N TRP D 42 -4.40 5.95 17.17
CA TRP D 42 -4.68 4.68 16.53
C TRP D 42 -5.89 3.95 17.17
N ALA D 43 -6.88 4.72 17.61
CA ALA D 43 -8.11 4.16 18.12
C ALA D 43 -9.04 3.85 16.94
N PRO D 44 -9.97 2.88 17.13
CA PRO D 44 -11.06 2.73 16.13
C PRO D 44 -11.86 4.03 16.01
N ASN D 45 -12.19 4.42 14.79
CA ASN D 45 -13.02 5.59 14.56
C ASN D 45 -13.76 5.37 13.27
N HIS D 46 -15.07 5.35 13.37
CA HIS D 46 -15.90 5.06 12.22
C HIS D 46 -15.70 6.11 11.10
N LYS D 47 -15.63 5.59 9.87
CA LYS D 47 -15.39 6.36 8.66
C LYS D 47 -14.22 7.34 8.74
N HIS D 48 -13.28 7.05 9.63
CA HIS D 48 -12.03 7.79 9.75
C HIS D 48 -12.23 9.29 10.08
N ARG D 49 -13.25 9.58 10.89
CA ARG D 49 -13.61 10.96 11.22
C ARG D 49 -12.63 11.56 12.21
N GLU D 50 -11.88 10.68 12.88
CA GLU D 50 -10.89 11.02 13.90
C GLU D 50 -11.42 12.18 14.75
N PRO D 51 -12.51 11.94 15.50
CA PRO D 51 -13.24 13.06 16.08
C PRO D 51 -12.51 13.79 17.18
N TRP D 52 -11.36 13.30 17.63
CA TRP D 52 -10.74 13.79 18.88
C TRP D 52 -9.93 15.07 18.70
N ASN D 53 -9.98 15.90 19.73
CA ASN D 53 -9.30 17.18 19.77
C ASN D 53 -8.87 17.40 21.22
N CYS D 54 -7.77 18.13 21.41
N CYS D 54 -7.82 18.15 21.44
CA CYS D 54 -7.18 18.30 22.74
CA CYS D 54 -7.49 18.45 22.82
C CYS D 54 -6.75 19.74 23.07
C CYS D 54 -6.84 19.77 23.08
N LYS D 55 -6.71 20.08 24.37
CA LYS D 55 -6.05 21.29 24.83
C LYS D 55 -5.13 20.87 25.93
N LEU D 56 -3.83 21.01 25.72
CA LEU D 56 -2.85 20.67 26.75
C LEU D 56 -2.47 21.87 27.60
N TYR D 57 -2.81 21.80 28.89
CA TYR D 57 -2.37 22.84 29.81
C TYR D 57 -1.18 22.35 30.60
N ILE D 58 -0.13 23.17 30.56
CA ILE D 58 1.15 22.76 31.12
C ILE D 58 1.92 23.97 31.65
N GLY D 59 2.57 23.77 32.79
CA GLY D 59 3.37 24.81 33.45
C GLY D 59 2.51 26.00 33.80
N GLU D 60 2.95 27.17 33.34
N GLU D 60 2.93 27.20 33.39
CA GLU D 60 2.28 28.46 33.58
CA GLU D 60 2.15 28.39 33.70
C GLU D 60 0.85 28.46 33.00
C GLU D 60 0.75 28.32 33.12
N GLY D 61 0.64 27.65 31.97
CA GLY D 61 -0.64 27.49 31.28
C GLY D 61 -1.77 26.95 32.12
N ARG D 62 -1.44 26.16 33.14
CA ARG D 62 -2.43 25.65 34.08
C ARG D 62 -3.27 26.70 34.76
N LYS D 63 -2.69 27.87 35.01
N LYS D 63 -2.67 27.86 35.00
CA LYS D 63 -3.43 28.94 35.65
CA LYS D 63 -3.37 28.98 35.63
C LYS D 63 -4.53 29.53 34.76
C LYS D 63 -4.52 29.51 34.76
N LYS D 64 -4.38 29.39 33.44
CA LYS D 64 -5.46 29.75 32.49
C LYS D 64 -6.65 28.78 32.58
N LEU D 65 -6.35 27.50 32.76
CA LEU D 65 -7.37 26.49 32.97
C LEU D 65 -8.14 26.77 34.25
N VAL D 66 -7.43 26.88 35.37
CA VAL D 66 -8.01 27.19 36.66
C VAL D 66 -8.85 28.46 36.60
N ASP D 67 -8.36 29.48 35.92
CA ASP D 67 -9.12 30.72 35.76
C ASP D 67 -10.46 30.44 35.10
N ALA D 68 -10.44 29.62 34.04
CA ALA D 68 -11.65 29.29 33.32
C ALA D 68 -12.58 28.49 34.23
N VAL D 69 -12.02 27.58 35.02
CA VAL D 69 -12.77 26.73 35.91
C VAL D 69 -13.49 27.58 36.95
N LEU D 70 -12.73 28.44 37.61
CA LEU D 70 -13.25 29.21 38.73
C LEU D 70 -14.21 30.29 38.27
N ASN D 71 -13.96 30.86 37.10
N ASN D 71 -13.96 30.86 37.10
CA ASN D 71 -14.90 31.83 36.52
CA ASN D 71 -14.91 31.85 36.57
C ASN D 71 -16.22 31.20 36.14
C ASN D 71 -16.23 31.20 36.12
N SER D 72 -16.23 29.87 36.02
CA SER D 72 -17.45 29.15 35.70
C SER D 72 -18.37 28.93 36.90
N PHE D 73 -17.87 29.20 38.11
CA PHE D 73 -18.61 29.03 39.36
C PHE D 73 -19.29 30.32 39.80
N THR D 74 -20.36 30.20 40.59
CA THR D 74 -20.90 31.34 41.30
C THR D 74 -19.90 31.74 42.38
N GLU D 75 -20.04 32.95 42.91
CA GLU D 75 -19.21 33.42 44.02
C GLU D 75 -19.25 32.49 45.23
N GLU D 76 -20.42 31.99 45.57
N GLU D 76 -20.42 31.95 45.55
CA GLU D 76 -20.60 31.18 46.78
CA GLU D 76 -20.62 30.97 46.63
C GLU D 76 -19.99 29.79 46.60
C GLU D 76 -19.95 29.64 46.31
N GLU D 77 -20.15 29.24 45.39
N GLU D 77 -20.20 29.16 45.10
CA GLU D 77 -19.51 27.97 45.04
CA GLU D 77 -19.59 27.94 44.59
C GLU D 77 -18.00 28.12 44.97
C GLU D 77 -18.07 28.01 44.70
N ARG D 78 -17.52 29.13 44.23
CA ARG D 78 -16.08 29.34 44.17
C ARG D 78 -15.47 29.62 45.53
N ALA D 79 -16.25 30.18 46.45
CA ALA D 79 -15.85 30.30 47.86
C ALA D 79 -15.64 28.93 48.53
N LYS D 80 -16.51 27.98 48.22
N LYS D 80 -16.50 27.97 48.21
CA LYS D 80 -16.46 26.64 48.79
CA LYS D 80 -16.47 26.63 48.81
C LYS D 80 -15.34 25.80 48.17
C LYS D 80 -15.41 25.73 48.17
N ARG D 81 -15.29 25.84 46.83
N ARG D 81 -15.22 25.87 46.86
CA ARG D 81 -14.45 24.92 46.06
CA ARG D 81 -14.42 24.90 46.11
C ARG D 81 -13.11 25.52 45.62
C ARG D 81 -13.22 25.50 45.34
N GLY D 82 -13.13 26.82 45.30
CA GLY D 82 -12.03 27.50 44.61
C GLY D 82 -10.61 27.17 45.04
N LYS D 83 -10.32 27.41 46.32
CA LYS D 83 -9.02 27.14 46.87
C LYS D 83 -8.60 25.68 46.70
N ILE D 84 -9.46 24.73 47.08
CA ILE D 84 -9.16 23.29 46.93
C ILE D 84 -8.79 22.91 45.48
N LEU D 85 -9.61 23.35 44.52
N LEU D 85 -9.58 23.32 44.50
CA LEU D 85 -9.41 23.02 43.12
CA LEU D 85 -9.26 22.87 43.14
C LEU D 85 -8.15 23.64 42.54
C LEU D 85 -8.14 23.66 42.44
N SER D 86 -7.98 24.94 42.79
CA SER D 86 -6.83 25.71 42.34
C SER D 86 -5.55 25.02 42.78
N ASP D 87 -5.49 24.66 44.06
CA ASP D 87 -4.34 23.98 44.61
C ASP D 87 -4.08 22.64 43.94
N ARG D 88 -5.14 21.87 43.75
CA ARG D 88 -4.99 20.54 43.20
C ARG D 88 -4.57 20.59 41.73
N PHE D 89 -5.17 21.51 40.97
CA PHE D 89 -4.85 21.69 39.55
C PHE D 89 -3.39 22.14 39.42
N LEU D 90 -3.01 23.08 40.28
CA LEU D 90 -1.70 23.68 40.24
C LEU D 90 -0.61 22.78 40.81
N SER D 91 -1.00 21.66 41.40
CA SER D 91 0.01 20.69 41.77
C SER D 91 -0.10 19.41 40.94
N THR D 92 -0.72 19.53 39.76
CA THR D 92 -0.84 18.44 38.78
C THR D 92 -0.01 18.89 37.59
N PRO D 93 1.04 18.13 37.23
CA PRO D 93 1.86 18.52 36.08
C PRO D 93 1.10 18.94 34.81
N ALA D 94 0.06 18.23 34.41
CA ALA D 94 -0.60 18.50 33.13
C ALA D 94 -2.08 18.17 33.16
N GLN D 95 -2.85 18.96 32.41
CA GLN D 95 -4.23 18.68 32.13
C GLN D 95 -4.42 18.61 30.62
N ILE D 96 -5.17 17.60 30.18
CA ILE D 96 -5.58 17.55 28.77
C ILE D 96 -7.11 17.54 28.72
N VAL D 97 -7.68 18.58 28.12
CA VAL D 97 -9.13 18.64 27.84
C VAL D 97 -9.33 17.89 26.51
N VAL D 98 -10.06 16.78 26.53
CA VAL D 98 -10.32 16.06 25.28
C VAL D 98 -11.74 16.40 24.83
N TYR D 99 -11.85 16.90 23.62
CA TYR D 99 -13.16 17.31 23.14
C TYR D 99 -13.39 16.91 21.70
N MSE D 100 -14.62 17.12 21.25
CA MSE D 100 -15.02 16.73 19.91
C MSE D 100 -16.12 17.66 19.45
O MSE D 100 -16.81 18.28 20.28
CB MSE D 100 -15.48 15.29 19.92
CG MSE D 100 -16.78 15.07 20.67
SE MSE D 100 -17.36 13.17 20.47
CE MSE D 100 -19.21 13.53 20.14
N ASN D 101 -16.28 17.73 18.13
CA ASN D 101 -17.46 18.37 17.59
C ASN D 101 -18.62 17.44 17.72
N GLU D 102 -19.72 17.98 18.20
CA GLU D 102 -20.87 17.19 18.50
C GLU D 102 -21.79 17.18 17.30
N ASP D 103 -21.85 16.04 16.62
CA ASP D 103 -22.72 15.83 15.50
C ASP D 103 -24.18 15.93 15.98
N PRO D 104 -25.05 16.59 15.20
CA PRO D 104 -26.46 16.65 15.56
C PRO D 104 -27.18 15.30 15.38
N ARG D 105 -26.50 14.34 14.79
CA ARG D 105 -27.10 13.00 14.62
C ARG D 105 -26.61 12.00 15.64
N GLN D 106 -27.57 11.32 16.27
CA GLN D 106 -27.35 10.34 17.32
C GLN D 106 -26.28 9.32 16.94
N ILE D 107 -26.47 8.65 15.83
CA ILE D 107 -25.59 7.58 15.46
C ILE D 107 -24.15 8.08 15.25
N GLN D 108 -23.97 9.14 14.48
CA GLN D 108 -22.64 9.69 14.23
C GLN D 108 -22.05 10.30 15.47
N ARG D 109 -22.90 10.95 16.25
CA ARG D 109 -22.47 11.47 17.55
C ARG D 109 -21.97 10.34 18.46
N ASP D 110 -22.75 9.27 18.57
CA ASP D 110 -22.37 8.13 19.46
C ASP D 110 -21.07 7.45 19.04
N GLU D 111 -20.93 7.20 17.74
CA GLU D 111 -19.70 6.64 17.14
C GLU D 111 -18.49 7.51 17.44
N ASP D 112 -18.64 8.82 17.25
CA ASP D 112 -17.55 9.80 17.48
C ASP D 112 -17.16 9.86 18.97
N TYR D 113 -18.16 9.90 19.84
CA TYR D 113 -17.92 9.82 21.25
C TYR D 113 -17.24 8.51 21.65
N ALA D 114 -17.71 7.37 21.09
CA ALA D 114 -17.08 6.06 21.37
C ALA D 114 -15.63 6.03 20.92
N ALA D 115 -15.34 6.61 19.73
CA ALA D 115 -13.97 6.68 19.18
C ALA D 115 -13.11 7.55 20.10
N THR D 116 -13.69 8.63 20.60
CA THR D 116 -12.93 9.55 21.46
C THR D 116 -12.62 8.88 22.82
N CYS D 117 -13.57 8.12 23.37
CA CYS D 117 -13.29 7.37 24.59
C CYS D 117 -12.21 6.30 24.38
N ALA D 118 -12.21 5.68 23.19
CA ALA D 118 -11.21 4.66 22.83
C ALA D 118 -9.79 5.26 22.78
N PHE D 119 -9.68 6.45 22.21
CA PHE D 119 -8.44 7.25 22.16
C PHE D 119 -7.97 7.65 23.57
N MSE D 120 -8.88 8.07 24.44
CA MSE D 120 -8.55 8.35 25.83
C MSE D 120 -8.04 7.13 26.61
O MSE D 120 -7.08 7.26 27.38
CB MSE D 120 -9.72 9.02 26.55
CG MSE D 120 -10.01 10.36 25.94
SE MSE D 120 -11.40 11.37 26.88
CE MSE D 120 -10.49 11.94 28.57
N GLN D 121 -8.65 5.97 26.38
CA GLN D 121 -8.29 4.73 27.06
C GLN D 121 -6.93 4.24 26.54
N ASN D 122 -6.72 4.32 25.22
CA ASN D 122 -5.38 4.12 24.61
C ASN D 122 -4.34 4.96 25.35
N PHE D 123 -4.60 6.26 25.43
CA PHE D 123 -3.69 7.19 26.07
C PHE D 123 -3.37 6.81 27.52
N GLN D 124 -4.40 6.52 28.32
CA GLN D 124 -4.19 6.06 29.73
C GLN D 124 -3.25 4.87 29.83
N LEU D 125 -3.38 3.97 28.87
CA LEU D 125 -2.63 2.74 28.85
C LEU D 125 -1.19 3.05 28.45
N LEU D 126 -1.04 3.86 27.41
CA LEU D 126 0.26 4.24 26.87
C LEU D 126 1.05 5.03 27.91
N ALA D 127 0.37 5.95 28.59
CA ALA D 127 0.99 6.73 29.69
C ALA D 127 1.46 5.80 30.80
N TRP D 128 0.66 4.78 31.09
CA TRP D 128 0.93 3.91 32.24
C TRP D 128 2.22 3.12 32.02
N GLU D 129 2.38 2.61 30.80
CA GLU D 129 3.58 1.87 30.41
C GLU D 129 4.82 2.70 30.62
N ARG D 130 4.70 4.04 30.51
CA ARG D 130 5.81 4.97 30.74
C ARG D 130 5.97 5.45 32.18
N GLY D 131 5.19 4.93 33.10
CA GLY D 131 5.25 5.41 34.49
C GLY D 131 4.36 6.61 34.80
N LEU D 132 3.57 7.08 33.84
CA LEU D 132 2.71 8.25 34.07
C LEU D 132 1.32 7.82 34.50
N GLY D 133 0.79 8.41 35.57
CA GLY D 133 -0.58 8.16 36.00
C GLY D 133 -1.51 9.24 35.48
N CYS D 134 -2.80 8.89 35.35
CA CYS D 134 -3.88 9.82 34.97
C CYS D 134 -5.10 9.59 35.82
N VAL D 135 -5.97 10.58 35.80
CA VAL D 135 -7.37 10.41 36.13
C VAL D 135 -8.18 11.17 35.07
N TRP D 136 -9.18 10.49 34.54
CA TRP D 136 -10.09 11.03 33.54
C TRP D 136 -11.24 11.64 34.29
N LYS D 137 -11.37 12.98 34.26
CA LYS D 137 -12.43 13.70 35.01
C LYS D 137 -13.61 14.00 34.11
N SER D 138 -14.82 13.94 34.68
CA SER D 138 -16.01 14.03 33.87
C SER D 138 -17.28 14.45 34.58
N GLY D 139 -17.19 15.40 35.52
CA GLY D 139 -18.42 15.83 36.17
C GLY D 139 -19.09 17.04 35.55
N GLY D 140 -19.93 17.71 36.32
CA GLY D 140 -20.66 18.90 35.87
C GLY D 140 -19.88 20.04 35.23
N LEU D 141 -18.64 20.24 35.64
CA LEU D 141 -17.77 21.24 35.09
C LEU D 141 -17.67 21.19 33.56
N ASN D 142 -17.54 19.98 33.02
CA ASN D 142 -17.39 19.76 31.57
C ASN D 142 -18.65 20.05 30.74
N TYR D 143 -19.78 20.22 31.43
CA TYR D 143 -21.04 20.55 30.79
C TYR D 143 -21.42 22.03 30.98
N ASN D 144 -20.65 22.75 31.80
CA ASN D 144 -20.97 24.10 32.19
C ASN D 144 -20.65 25.04 31.05
N PRO D 145 -21.67 25.71 30.48
CA PRO D 145 -21.45 26.59 29.33
C PRO D 145 -20.37 27.67 29.55
N LEU D 146 -20.20 28.12 30.80
CA LEU D 146 -19.21 29.16 31.13
C LEU D 146 -17.80 28.61 31.12
N PHE D 147 -17.64 27.34 31.48
CA PHE D 147 -16.36 26.68 31.40
C PHE D 147 -15.96 26.43 29.95
N ILE D 148 -16.87 25.80 29.20
CA ILE D 148 -16.67 25.54 27.77
C ILE D 148 -16.23 26.80 27.01
N GLU D 149 -16.98 27.88 27.18
N GLU D 149 -16.97 27.89 27.16
CA GLU D 149 -16.68 29.17 26.57
CA GLU D 149 -16.61 29.14 26.52
C GLU D 149 -15.33 29.68 27.08
C GLU D 149 -15.29 29.67 27.08
N GLY D 150 -15.13 29.59 28.39
CA GLY D 150 -13.90 30.05 29.06
C GLY D 150 -12.61 29.47 28.52
N ILE D 151 -12.66 28.22 28.06
CA ILE D 151 -11.49 27.64 27.41
C ILE D 151 -11.45 27.80 25.88
N GLY D 152 -12.37 28.61 25.35
CA GLY D 152 -12.40 28.89 23.93
C GLY D 152 -13.08 27.84 23.09
N LEU D 153 -13.92 27.02 23.71
CA LEU D 153 -14.76 26.12 22.93
C LEU D 153 -16.07 26.81 22.51
N THR D 154 -16.64 26.34 21.40
CA THR D 154 -17.95 26.84 20.95
C THR D 154 -19.05 25.87 21.39
N ARG D 155 -20.30 26.35 21.38
N ARG D 155 -20.29 26.35 21.38
CA ARG D 155 -21.49 25.52 21.63
CA ARG D 155 -21.45 25.49 21.65
C ARG D 155 -21.51 24.35 20.63
C ARG D 155 -21.51 24.34 20.63
N GLY D 156 -21.93 23.17 21.06
CA GLY D 156 -21.79 21.99 20.18
C GLY D 156 -20.35 21.50 19.93
N GLN D 157 -19.43 21.91 20.80
CA GLN D 157 -18.23 21.10 21.03
C GLN D 157 -18.44 20.49 22.39
N ARG D 158 -18.16 19.19 22.46
CA ARG D 158 -18.40 18.45 23.66
C ARG D 158 -17.08 18.07 24.32
N ILE D 159 -17.00 18.26 25.63
CA ILE D 159 -15.86 17.83 26.41
C ILE D 159 -16.12 16.40 26.85
N VAL D 160 -15.29 15.50 26.36
CA VAL D 160 -15.49 14.11 26.61
C VAL D 160 -14.80 13.75 27.93
N GLY D 161 -13.83 14.55 28.34
CA GLY D 161 -13.18 14.38 29.63
C GLY D 161 -12.00 15.31 29.81
N ILE D 162 -11.59 15.53 31.06
CA ILE D 162 -10.29 16.14 31.32
C ILE D 162 -9.29 15.18 31.96
N LEU D 163 -8.14 15.00 31.29
CA LEU D 163 -7.07 14.17 31.85
C LEU D 163 -6.11 14.99 32.69
N HIS D 164 -5.97 14.54 33.94
CA HIS D 164 -5.03 15.07 34.91
C HIS D 164 -3.92 14.05 35.03
N ILE D 165 -2.72 14.49 34.67
CA ILE D 165 -1.57 13.62 34.43
C ILE D 165 -0.29 14.01 35.22
N GLY D 166 0.37 13.00 35.75
CA GLY D 166 1.73 13.16 36.27
C GLY D 166 2.39 11.85 36.62
N TYR D 167 3.65 11.92 37.02
CA TYR D 167 4.31 10.80 37.68
C TYR D 167 3.81 10.69 39.10
N PHE D 168 4.05 9.54 39.70
CA PHE D 168 3.45 9.27 41.00
C PHE D 168 4.34 8.32 41.78
N ASP D 169 4.14 8.38 43.09
CA ASP D 169 4.87 7.57 44.04
C ASP D 169 4.29 6.18 44.05
N LYS D 170 3.17 6.02 44.74
CA LYS D 170 2.57 4.72 44.92
C LYS D 170 1.21 4.61 44.18
N ALA D 171 1.05 3.53 43.42
CA ALA D 171 -0.22 3.22 42.75
C ALA D 171 -1.33 2.86 43.76
N PRO D 172 -2.52 3.47 43.61
CA PRO D 172 -3.70 3.09 44.40
C PRO D 172 -4.09 1.61 44.22
N GLU D 173 -4.76 1.06 45.21
CA GLU D 173 -5.26 -0.31 45.17
C GLU D 173 -6.30 -0.51 44.07
N GLY D 174 -6.21 -1.62 43.34
CA GLY D 174 -7.23 -1.97 42.37
C GLY D 174 -8.45 -2.48 43.10
N LYS D 175 -9.64 -2.17 42.60
CA LYS D 175 -10.85 -2.78 43.13
C LYS D 175 -11.25 -3.94 42.25
N ALA D 176 -11.57 -5.06 42.92
CA ALA D 176 -11.94 -6.29 42.25
C ALA D 176 -13.12 -6.02 41.32
N ARG D 177 -13.03 -6.55 40.11
CA ARG D 177 -14.09 -6.46 39.13
C ARG D 177 -15.07 -7.62 39.28
N THR D 178 -16.30 -7.39 38.85
CA THR D 178 -17.34 -8.42 38.86
C THR D 178 -17.01 -9.39 37.74
N PRO D 179 -17.05 -10.69 38.03
CA PRO D 179 -16.85 -11.71 36.99
C PRO D 179 -17.81 -11.47 35.82
N ILE D 180 -17.27 -11.46 34.61
CA ILE D 180 -18.07 -11.11 33.45
C ILE D 180 -19.27 -12.04 33.24
N THR D 181 -19.14 -13.29 33.67
CA THR D 181 -20.25 -14.27 33.61
C THR D 181 -21.51 -13.82 34.35
N GLU D 182 -21.35 -12.97 35.36
CA GLU D 182 -22.48 -12.35 36.07
C GLU D 182 -23.18 -11.23 35.29
N LYS D 183 -22.55 -10.77 34.21
CA LYS D 183 -23.09 -9.67 33.41
C LYS D 183 -23.26 -10.06 31.95
N MSE D 184 -23.51 -11.33 31.71
CA MSE D 184 -23.52 -11.86 30.38
C MSE D 184 -24.51 -13.01 30.20
O MSE D 184 -24.74 -13.82 31.10
CB MSE D 184 -22.12 -12.33 30.02
CG MSE D 184 -21.91 -12.80 28.58
SE MSE D 184 -20.06 -13.40 28.26
CE MSE D 184 -19.73 -14.18 29.97
N GLU D 185 -25.12 -13.06 29.01
N GLU D 185 -25.11 -13.05 29.00
CA GLU D 185 -25.85 -14.24 28.55
CA GLU D 185 -25.86 -14.22 28.54
C GLU D 185 -25.05 -14.89 27.42
C GLU D 185 -25.05 -14.88 27.43
N ILE D 186 -24.96 -16.21 27.47
CA ILE D 186 -24.28 -16.97 26.42
C ILE D 186 -25.39 -17.68 25.65
N ILE D 187 -25.53 -17.32 24.38
CA ILE D 187 -26.53 -17.94 23.54
C ILE D 187 -25.79 -18.88 22.59
N GLU D 188 -25.93 -20.16 22.91
CA GLU D 188 -25.15 -21.26 22.38
C GLU D 188 -26.01 -22.18 21.52
N GLY D 189 -27.33 -21.97 21.55
CA GLY D 189 -28.27 -22.75 20.75
C GLY D 189 -28.42 -24.18 21.23
N MSE E 4 9.49 4.04 -46.62
CA MSE E 4 8.72 4.84 -45.63
C MSE E 4 9.59 5.46 -44.49
O MSE E 4 10.58 6.16 -44.76
CB MSE E 4 7.56 4.01 -45.05
CG MSE E 4 6.42 4.81 -44.36
SE MSE E 4 5.50 6.12 -45.50
CE MSE E 4 4.95 4.91 -46.96
N THR E 5 9.23 5.18 -43.25
CA THR E 5 9.57 6.01 -42.09
C THR E 5 10.64 5.45 -41.15
N THR E 6 11.49 6.34 -40.62
CA THR E 6 12.61 5.95 -39.75
C THR E 6 12.48 6.37 -38.29
N TYR E 7 11.32 6.90 -37.90
CA TYR E 7 11.05 7.37 -36.54
C TYR E 7 10.73 6.24 -35.57
N THR E 8 11.21 6.36 -34.34
CA THR E 8 11.00 5.36 -33.29
C THR E 8 9.78 5.67 -32.41
N SER E 9 9.32 6.93 -32.47
CA SER E 9 8.19 7.39 -31.67
C SER E 9 7.45 8.44 -32.49
N ILE E 10 6.12 8.39 -32.53
CA ILE E 10 5.39 9.48 -33.22
C ILE E 10 5.59 10.86 -32.56
N ALA E 11 5.94 10.84 -31.27
CA ALA E 11 6.40 12.02 -30.55
C ALA E 11 7.49 12.74 -31.34
N ASN E 12 8.39 11.99 -31.96
CA ASN E 12 9.46 12.58 -32.73
C ASN E 12 8.96 13.43 -33.88
N VAL E 13 7.97 12.91 -34.61
CA VAL E 13 7.35 13.68 -35.70
C VAL E 13 6.69 14.95 -35.15
N ILE E 14 5.91 14.78 -34.08
CA ILE E 14 5.18 15.89 -33.47
C ILE E 14 6.16 16.99 -33.03
N LYS E 15 7.27 16.58 -32.41
CA LYS E 15 8.23 17.52 -31.86
C LYS E 15 9.13 18.19 -32.90
N GLU E 16 9.29 17.54 -34.05
CA GLU E 16 10.24 17.99 -35.06
C GLU E 16 9.60 18.73 -36.22
N ARG E 17 8.31 18.46 -36.46
CA ARG E 17 7.53 19.27 -37.39
C ARG E 17 7.79 20.79 -37.19
N ARG E 18 8.18 21.45 -38.27
CA ARG E 18 8.32 22.90 -38.29
C ARG E 18 7.38 23.45 -39.33
N SER E 19 6.83 24.64 -39.07
N SER E 19 6.88 24.68 -39.10
CA SER E 19 6.10 25.33 -40.10
CA SER E 19 6.06 25.38 -40.10
C SER E 19 7.16 25.89 -41.06
C SER E 19 6.96 26.11 -41.11
N VAL E 20 6.97 25.59 -42.35
CA VAL E 20 7.92 25.96 -43.38
C VAL E 20 7.25 26.96 -44.33
N ARG E 21 7.94 28.06 -44.64
CA ARG E 21 7.35 29.13 -45.47
C ARG E 21 8.03 29.33 -46.82
N THR E 22 9.31 28.98 -46.90
CA THR E 22 10.08 29.04 -48.15
C THR E 22 10.37 27.63 -48.65
N PHE E 23 10.17 27.40 -49.94
CA PHE E 23 10.19 26.07 -50.53
C PHE E 23 11.21 25.93 -51.65
N THR E 24 11.69 24.71 -51.89
CA THR E 24 12.61 24.47 -53.00
C THR E 24 11.82 24.16 -54.27
N ASP E 25 12.54 24.08 -55.38
CA ASP E 25 11.96 23.88 -56.72
C ASP E 25 11.38 22.50 -56.98
N LYS E 26 11.61 21.53 -56.09
CA LYS E 26 11.13 20.15 -56.29
C LYS E 26 9.63 20.11 -56.57
N ALA E 27 9.24 19.37 -57.61
CA ALA E 27 7.83 19.14 -57.92
C ALA E 27 7.12 18.36 -56.81
N VAL E 28 5.94 18.83 -56.43
CA VAL E 28 5.09 18.10 -55.49
C VAL E 28 3.98 17.41 -56.28
N GLU E 29 3.86 16.09 -56.12
CA GLU E 29 2.88 15.26 -56.83
C GLU E 29 1.43 15.33 -56.28
N LYS E 30 0.52 15.80 -57.14
CA LYS E 30 -0.93 15.75 -56.93
C LYS E 30 -1.41 14.54 -56.12
N ASP E 31 -1.01 13.35 -56.56
N ASP E 31 -1.01 13.35 -56.56
CA ASP E 31 -1.51 12.11 -55.97
CA ASP E 31 -1.49 12.11 -55.97
C ASP E 31 -0.91 11.79 -54.58
C ASP E 31 -0.94 11.83 -54.56
N LEU E 32 0.22 12.43 -54.24
CA LEU E 32 0.81 12.29 -52.89
C LEU E 32 -0.04 13.08 -51.91
N LEU E 33 -0.32 14.34 -52.28
CA LEU E 33 -1.16 15.24 -51.52
C LEU E 33 -2.51 14.62 -51.20
N ILE E 34 -3.12 14.00 -52.20
CA ILE E 34 -4.43 13.37 -52.07
C ILE E 34 -4.41 12.16 -51.11
N GLU E 35 -3.32 11.38 -51.17
CA GLU E 35 -3.08 10.27 -50.24
C GLU E 35 -2.95 10.77 -48.79
N LEU E 36 -2.11 11.79 -48.60
CA LEU E 36 -1.92 12.45 -47.31
C LEU E 36 -3.21 13.06 -46.79
N LEU E 37 -4.00 13.66 -47.68
CA LEU E 37 -5.30 14.22 -47.26
C LEU E 37 -6.26 13.12 -46.85
N ASN E 38 -6.25 12.00 -47.59
CA ASN E 38 -7.11 10.87 -47.26
C ASN E 38 -6.75 10.25 -45.93
N ASP E 39 -5.45 10.22 -45.62
CA ASP E 39 -4.94 9.74 -44.34
C ASP E 39 -5.39 10.63 -43.17
N ALA E 40 -5.31 11.95 -43.40
CA ALA E 40 -5.73 13.01 -42.46
C ALA E 40 -7.21 12.97 -42.11
N THR E 41 -8.03 12.43 -43.00
CA THR E 41 -9.48 12.34 -42.78
C THR E 41 -9.80 11.45 -41.57
N TRP E 42 -8.81 10.70 -41.10
CA TRP E 42 -8.95 9.89 -39.89
C TRP E 42 -8.94 10.69 -38.56
N ALA E 43 -9.27 11.97 -38.64
CA ALA E 43 -9.40 12.89 -37.51
C ALA E 43 -10.70 12.66 -36.73
N PRO E 44 -10.72 13.01 -35.42
CA PRO E 44 -11.97 12.98 -34.66
C PRO E 44 -12.97 14.00 -35.22
N ASN E 45 -14.21 13.56 -35.40
CA ASN E 45 -15.26 14.47 -35.82
C ASN E 45 -16.57 14.02 -35.22
N HIS E 46 -17.19 14.90 -34.45
N HIS E 46 -17.19 14.89 -34.46
CA HIS E 46 -18.40 14.54 -33.72
CA HIS E 46 -18.39 14.53 -33.69
C HIS E 46 -19.53 14.17 -34.68
C HIS E 46 -19.59 14.24 -34.61
N LYS E 47 -20.26 13.11 -34.34
CA LYS E 47 -21.40 12.62 -35.14
C LYS E 47 -21.09 12.31 -36.61
N HIS E 48 -19.80 12.02 -36.89
CA HIS E 48 -19.32 11.64 -38.22
C HIS E 48 -19.78 12.66 -39.27
N ARG E 49 -19.67 13.95 -38.93
CA ARG E 49 -20.06 15.02 -39.86
C ARG E 49 -18.97 15.24 -40.90
N GLU E 50 -17.74 14.82 -40.58
CA GLU E 50 -16.57 15.00 -41.47
C GLU E 50 -16.65 16.33 -42.19
N PRO E 51 -16.55 17.44 -41.44
CA PRO E 51 -16.89 18.77 -41.92
C PRO E 51 -15.92 19.37 -42.92
N TRP E 52 -14.77 18.72 -43.10
CA TRP E 52 -13.70 19.26 -43.92
C TRP E 52 -13.97 19.19 -45.44
N ASN E 53 -13.54 20.23 -46.13
CA ASN E 53 -13.63 20.35 -47.58
C ASN E 53 -12.36 21.04 -48.04
N CYS E 54 -11.98 20.81 -49.30
N CYS E 54 -12.02 20.88 -49.30
CA CYS E 54 -10.70 21.28 -49.83
CA CYS E 54 -10.76 21.44 -49.74
C CYS E 54 -10.79 21.92 -51.21
C CYS E 54 -10.66 21.82 -51.21
N LYS E 55 -9.92 22.89 -51.46
CA LYS E 55 -9.63 23.37 -52.80
C LYS E 55 -8.13 23.32 -52.98
N LEU E 56 -7.67 22.48 -53.90
CA LEU E 56 -6.24 22.29 -54.16
C LEU E 56 -5.78 23.09 -55.37
N TYR E 57 -4.81 23.98 -55.18
CA TYR E 57 -4.26 24.82 -56.24
C TYR E 57 -2.83 24.39 -56.52
N ILE E 58 -2.60 23.84 -57.72
CA ILE E 58 -1.26 23.41 -58.18
C ILE E 58 -0.99 23.98 -59.55
N GLY E 59 0.29 24.23 -59.81
CA GLY E 59 0.75 24.61 -61.14
C GLY E 59 0.13 25.92 -61.58
N GLU E 60 -0.37 25.94 -62.82
CA GLU E 60 -0.96 27.14 -63.39
C GLU E 60 -2.20 27.50 -62.59
N GLY E 61 -2.76 26.50 -61.93
CA GLY E 61 -3.90 26.69 -61.03
C GLY E 61 -3.68 27.76 -59.97
N ARG E 62 -2.44 27.93 -59.53
CA ARG E 62 -2.13 28.84 -58.42
C ARG E 62 -2.39 30.28 -58.80
N LYS E 63 -2.49 30.52 -60.10
CA LYS E 63 -2.76 31.84 -60.61
C LYS E 63 -4.21 32.26 -60.40
N LYS E 64 -5.13 31.31 -60.49
N LYS E 64 -5.13 31.30 -60.47
CA LYS E 64 -6.53 31.55 -60.18
CA LYS E 64 -6.53 31.56 -60.19
C LYS E 64 -6.72 31.93 -58.71
C LYS E 64 -6.74 31.91 -58.72
N LEU E 65 -5.88 31.35 -57.85
CA LEU E 65 -5.86 31.67 -56.43
C LEU E 65 -5.30 33.08 -56.20
N VAL E 66 -4.10 33.34 -56.72
CA VAL E 66 -3.40 34.63 -56.57
C VAL E 66 -4.33 35.77 -56.96
N ASP E 67 -5.06 35.52 -58.03
CA ASP E 67 -5.97 36.47 -58.61
C ASP E 67 -7.11 36.81 -57.66
N ALA E 68 -7.74 35.77 -57.12
CA ALA E 68 -8.77 35.93 -56.10
C ALA E 68 -8.21 36.67 -54.91
N VAL E 69 -6.95 36.40 -54.55
CA VAL E 69 -6.30 37.16 -53.49
C VAL E 69 -6.16 38.62 -53.86
N LEU E 70 -5.55 38.94 -54.99
CA LEU E 70 -5.30 40.35 -55.31
C LEU E 70 -6.60 41.15 -55.43
N ASN E 71 -7.64 40.54 -56.01
N ASN E 71 -7.66 40.48 -55.89
CA ASN E 71 -8.92 41.19 -56.24
CA ASN E 71 -9.03 41.01 -55.94
C ASN E 71 -9.68 41.49 -54.96
C ASN E 71 -9.65 41.22 -54.55
N SER E 72 -9.37 40.71 -53.92
N SER E 72 -9.27 40.43 -53.55
CA SER E 72 -9.96 40.83 -52.59
CA SER E 72 -9.81 40.63 -52.21
C SER E 72 -9.52 42.10 -51.88
C SER E 72 -9.35 41.96 -51.64
N PHE E 73 -8.32 42.55 -52.24
CA PHE E 73 -7.70 43.74 -51.66
C PHE E 73 -8.29 45.05 -52.13
N THR E 74 -8.16 46.08 -51.31
CA THR E 74 -8.36 47.44 -51.80
C THR E 74 -7.15 47.79 -52.68
N GLU E 75 -7.24 48.87 -53.45
CA GLU E 75 -6.16 49.25 -54.35
C GLU E 75 -4.89 49.64 -53.60
N GLU E 76 -5.07 50.24 -52.43
CA GLU E 76 -3.97 50.49 -51.49
C GLU E 76 -3.26 49.22 -51.06
N GLU E 77 -4.03 48.25 -50.56
N GLU E 77 -4.01 48.23 -50.57
CA GLU E 77 -3.49 46.96 -50.12
CA GLU E 77 -3.41 46.98 -50.12
C GLU E 77 -2.78 46.28 -51.28
C GLU E 77 -2.77 46.23 -51.28
N ARG E 78 -3.44 46.22 -52.43
CA ARG E 78 -2.89 45.59 -53.63
C ARG E 78 -1.60 46.23 -54.13
N ALA E 79 -1.55 47.56 -54.08
CA ALA E 79 -0.35 48.30 -54.48
C ALA E 79 0.83 47.95 -53.58
N LYS E 80 0.53 47.74 -52.30
CA LYS E 80 1.51 47.50 -51.24
C LYS E 80 1.98 46.04 -51.19
N ARG E 81 1.04 45.11 -51.36
CA ARG E 81 1.25 43.69 -51.08
C ARG E 81 1.23 42.77 -52.30
N GLY E 82 0.61 43.25 -53.38
CA GLY E 82 0.33 42.45 -54.55
C GLY E 82 1.47 41.67 -55.17
N LYS E 83 2.62 42.32 -55.39
CA LYS E 83 3.76 41.68 -56.05
C LYS E 83 4.48 40.70 -55.14
N ILE E 84 4.65 41.09 -53.88
CA ILE E 84 5.31 40.25 -52.87
C ILE E 84 4.53 38.96 -52.74
N LEU E 85 3.24 39.12 -52.53
CA LEU E 85 2.31 38.00 -52.38
C LEU E 85 2.25 37.07 -53.59
N SER E 86 2.17 37.64 -54.79
N SER E 86 2.18 37.66 -54.79
CA SER E 86 2.11 36.82 -56.00
CA SER E 86 2.12 36.88 -56.03
C SER E 86 3.43 36.08 -56.26
C SER E 86 3.42 36.09 -56.25
N ASP E 87 4.55 36.74 -56.00
CA ASP E 87 5.88 36.10 -56.09
C ASP E 87 5.93 34.89 -55.17
N ARG E 88 5.45 35.08 -53.95
CA ARG E 88 5.48 34.07 -52.92
C ARG E 88 4.57 32.87 -53.18
N PHE E 89 3.32 33.15 -53.56
CA PHE E 89 2.36 32.09 -53.91
C PHE E 89 2.86 31.26 -55.09
N LEU E 90 3.47 31.92 -56.07
CA LEU E 90 3.80 31.24 -57.33
C LEU E 90 5.13 30.47 -57.27
N SER E 91 5.90 30.73 -56.23
CA SER E 91 7.07 29.94 -55.94
C SER E 91 6.79 28.95 -54.79
N THR E 92 5.51 28.69 -54.51
CA THR E 92 5.06 27.74 -53.50
C THR E 92 4.37 26.59 -54.24
N PRO E 93 4.95 25.37 -54.23
CA PRO E 93 4.37 24.29 -55.07
C PRO E 93 2.85 24.10 -54.97
N ALA E 94 2.30 24.20 -53.76
CA ALA E 94 0.87 23.93 -53.61
C ALA E 94 0.24 24.77 -52.52
N GLN E 95 -1.04 25.10 -52.72
CA GLN E 95 -1.89 25.68 -51.68
C GLN E 95 -3.17 24.86 -51.57
N ILE E 96 -3.55 24.58 -50.33
CA ILE E 96 -4.83 23.90 -50.06
C ILE E 96 -5.67 24.77 -49.12
N VAL E 97 -6.78 25.28 -49.66
CA VAL E 97 -7.75 25.99 -48.86
C VAL E 97 -8.65 24.95 -48.17
N VAL E 98 -8.69 24.97 -46.85
CA VAL E 98 -9.53 24.05 -46.10
C VAL E 98 -10.69 24.90 -45.57
N TYR E 99 -11.91 24.38 -45.75
CA TYR E 99 -13.13 25.10 -45.43
C TYR E 99 -14.22 24.16 -44.95
N MSE E 100 -15.23 24.75 -44.36
CA MSE E 100 -16.35 23.99 -43.85
C MSE E 100 -17.63 24.80 -44.02
O MSE E 100 -17.57 26.03 -44.20
CB MSE E 100 -16.11 23.63 -42.38
CG MSE E 100 -16.10 24.84 -41.45
SE MSE E 100 -15.80 24.34 -39.59
CE MSE E 100 -17.23 25.45 -38.89
N ASN E 101 -18.76 24.13 -44.00
CA ASN E 101 -20.02 24.82 -43.90
C ASN E 101 -20.22 25.20 -42.46
N GLU E 102 -20.53 26.48 -42.25
CA GLU E 102 -20.61 27.05 -40.91
C GLU E 102 -22.01 26.82 -40.38
N ASP E 103 -22.14 25.87 -39.45
CA ASP E 103 -23.39 25.62 -38.73
C ASP E 103 -23.81 26.90 -37.99
N PRO E 104 -25.11 27.27 -38.06
CA PRO E 104 -25.63 28.43 -37.31
C PRO E 104 -25.58 28.31 -35.75
N ARG E 105 -25.37 27.10 -35.24
CA ARG E 105 -25.34 26.81 -33.80
C ARG E 105 -23.92 26.71 -33.32
N GLN E 106 -23.63 27.44 -32.25
CA GLN E 106 -22.31 27.53 -31.64
C GLN E 106 -21.67 26.16 -31.38
N ILE E 107 -22.37 25.25 -30.68
CA ILE E 107 -21.77 23.97 -30.30
C ILE E 107 -21.36 23.13 -31.51
N GLN E 108 -22.28 22.99 -32.47
CA GLN E 108 -22.01 22.21 -33.68
C GLN E 108 -20.97 22.89 -34.54
N ARG E 109 -21.08 24.21 -34.66
CA ARG E 109 -20.08 24.96 -35.37
C ARG E 109 -18.70 24.74 -34.78
N ASP E 110 -18.57 24.92 -33.47
CA ASP E 110 -17.27 24.77 -32.79
C ASP E 110 -16.76 23.35 -32.88
N GLU E 111 -17.65 22.35 -32.77
CA GLU E 111 -17.24 20.94 -32.97
C GLU E 111 -16.68 20.74 -34.37
N ASP E 112 -17.35 21.30 -35.38
CA ASP E 112 -16.85 21.17 -36.77
C ASP E 112 -15.53 21.88 -37.02
N TYR E 113 -15.40 23.06 -36.44
CA TYR E 113 -14.12 23.76 -36.49
C TYR E 113 -13.01 22.91 -35.87
N ALA E 114 -13.29 22.29 -34.73
CA ALA E 114 -12.31 21.56 -33.96
C ALA E 114 -11.84 20.36 -34.77
N ALA E 115 -12.80 19.68 -35.38
CA ALA E 115 -12.58 18.52 -36.21
C ALA E 115 -11.75 18.92 -37.39
N THR E 116 -12.06 20.08 -37.94
CA THR E 116 -11.36 20.54 -39.14
C THR E 116 -9.93 20.95 -38.78
N CYS E 117 -9.71 21.53 -37.59
CA CYS E 117 -8.35 21.80 -37.10
C CYS E 117 -7.55 20.53 -36.81
N ALA E 118 -8.25 19.49 -36.34
CA ALA E 118 -7.58 18.24 -36.01
C ALA E 118 -7.12 17.55 -37.31
N PHE E 119 -7.97 17.63 -38.32
CA PHE E 119 -7.69 17.20 -39.68
C PHE E 119 -6.47 17.93 -40.29
N MSE E 120 -6.40 19.23 -40.07
CA MSE E 120 -5.28 20.01 -40.61
C MSE E 120 -3.96 19.71 -39.91
O MSE E 120 -2.91 19.64 -40.57
CB MSE E 120 -5.59 21.48 -40.58
CG MSE E 120 -6.59 21.90 -41.61
SE MSE E 120 -7.02 23.82 -41.58
CE MSE E 120 -5.46 24.45 -42.48
N GLN E 121 -4.01 19.53 -38.60
CA GLN E 121 -2.84 19.13 -37.82
C GLN E 121 -2.36 17.74 -38.25
N ASN E 122 -3.29 16.81 -38.49
CA ASN E 122 -2.98 15.51 -39.08
C ASN E 122 -2.19 15.65 -40.36
N PHE E 123 -2.70 16.48 -41.25
CA PHE E 123 -2.04 16.66 -42.53
C PHE E 123 -0.62 17.19 -42.33
N GLN E 124 -0.43 18.19 -41.48
CA GLN E 124 0.93 18.74 -41.28
C GLN E 124 1.92 17.66 -40.86
N LEU E 125 1.49 16.81 -39.93
CA LEU E 125 2.32 15.74 -39.39
C LEU E 125 2.58 14.64 -40.42
N LEU E 126 1.51 14.20 -41.09
CA LEU E 126 1.63 13.21 -42.18
C LEU E 126 2.55 13.72 -43.28
N ALA E 127 2.50 15.03 -43.52
CA ALA E 127 3.27 15.69 -44.58
C ALA E 127 4.75 15.68 -44.24
N TRP E 128 5.05 16.13 -43.03
CA TRP E 128 6.39 16.10 -42.49
C TRP E 128 7.07 14.73 -42.56
N GLU E 129 6.35 13.67 -42.16
CA GLU E 129 6.84 12.27 -42.26
C GLU E 129 7.41 11.91 -43.65
N ARG E 130 6.92 12.57 -44.70
CA ARG E 130 7.39 12.35 -46.07
C ARG E 130 8.35 13.46 -46.51
N GLY E 131 8.74 14.32 -45.59
CA GLY E 131 9.65 15.44 -45.92
C GLY E 131 8.96 16.64 -46.55
N LEU E 132 7.63 16.61 -46.61
CA LEU E 132 6.86 17.70 -47.18
C LEU E 132 6.64 18.75 -46.11
N GLY E 133 7.09 19.97 -46.40
CA GLY E 133 6.89 21.06 -45.46
C GLY E 133 5.60 21.79 -45.71
N CYS E 134 5.14 22.49 -44.67
N CYS E 134 5.11 22.50 -44.71
CA CYS E 134 3.83 23.15 -44.61
CA CYS E 134 3.95 23.35 -44.92
C CYS E 134 3.89 24.45 -43.84
C CYS E 134 3.71 24.30 -43.79
N VAL E 135 2.94 25.35 -44.12
CA VAL E 135 2.57 26.39 -43.17
C VAL E 135 1.06 26.59 -43.29
N TRP E 136 0.41 26.60 -42.14
CA TRP E 136 -1.01 26.80 -42.00
C TRP E 136 -1.23 28.31 -41.93
N LYS E 137 -1.81 28.87 -42.97
CA LYS E 137 -2.05 30.29 -42.99
C LYS E 137 -3.44 30.69 -42.52
N SER E 138 -3.44 31.75 -41.71
N SER E 138 -3.52 31.80 -41.78
CA SER E 138 -4.64 32.44 -41.33
CA SER E 138 -4.81 32.44 -41.50
C SER E 138 -4.44 33.93 -41.64
C SER E 138 -4.86 33.91 -41.91
N GLY E 139 -5.19 34.77 -40.96
CA GLY E 139 -5.22 36.20 -41.22
C GLY E 139 -6.50 36.63 -41.89
N GLY E 140 -6.68 37.96 -41.91
CA GLY E 140 -7.84 38.60 -42.49
C GLY E 140 -8.28 38.15 -43.86
N LEU E 141 -7.35 37.72 -44.71
CA LEU E 141 -7.71 37.31 -46.08
C LEU E 141 -8.85 36.27 -46.06
N ASN E 142 -8.72 35.31 -45.15
CA ASN E 142 -9.59 34.14 -45.06
C ASN E 142 -11.00 34.48 -44.61
N TYR E 143 -11.16 35.68 -44.04
CA TYR E 143 -12.46 36.21 -43.60
C TYR E 143 -13.02 37.26 -44.55
N ASN E 144 -12.27 37.59 -45.61
CA ASN E 144 -12.67 38.62 -46.56
C ASN E 144 -13.72 38.12 -47.55
N PRO E 145 -14.92 38.72 -47.55
CA PRO E 145 -15.96 38.23 -48.44
C PRO E 145 -15.66 38.29 -49.95
N LEU E 146 -14.78 39.20 -50.38
CA LEU E 146 -14.36 39.25 -51.78
C LEU E 146 -13.48 38.04 -52.11
N PHE E 147 -12.71 37.59 -51.14
CA PHE E 147 -11.87 36.42 -51.33
C PHE E 147 -12.70 35.16 -51.40
N ILE E 148 -13.60 35.00 -50.43
CA ILE E 148 -14.47 33.83 -50.31
C ILE E 148 -15.24 33.63 -51.62
N GLU E 149 -15.94 34.68 -52.05
N GLU E 149 -15.95 34.65 -52.11
CA GLU E 149 -16.64 34.79 -53.34
CA GLU E 149 -16.65 34.57 -53.41
C GLU E 149 -15.74 34.47 -54.54
C GLU E 149 -15.67 34.34 -54.56
N GLY E 150 -14.54 35.04 -54.53
CA GLY E 150 -13.53 34.89 -55.59
C GLY E 150 -12.98 33.49 -55.80
N ILE E 151 -12.97 32.67 -54.76
CA ILE E 151 -12.58 31.26 -54.94
C ILE E 151 -13.78 30.32 -55.06
N GLY E 152 -14.97 30.89 -55.26
CA GLY E 152 -16.17 30.10 -55.50
C GLY E 152 -16.79 29.49 -54.25
N LEU E 153 -16.55 30.11 -53.11
CA LEU E 153 -17.20 29.68 -51.88
C LEU E 153 -18.48 30.48 -51.68
N THR E 154 -19.49 29.83 -51.10
CA THR E 154 -20.75 30.53 -50.82
C THR E 154 -20.63 31.23 -49.46
N ARG E 155 -21.57 32.14 -49.20
N ARG E 155 -21.59 32.09 -49.17
CA ARG E 155 -21.71 32.72 -47.87
CA ARG E 155 -21.65 32.76 -47.87
C ARG E 155 -22.03 31.62 -46.87
C ARG E 155 -22.16 31.78 -46.79
N GLY E 156 -21.44 31.68 -45.69
CA GLY E 156 -21.65 30.61 -44.71
C GLY E 156 -20.66 29.47 -44.85
N GLN E 157 -19.79 29.51 -45.84
CA GLN E 157 -18.60 28.63 -45.84
C GLN E 157 -17.43 29.37 -45.15
N ARG E 158 -16.90 28.75 -44.11
N ARG E 158 -16.89 28.76 -44.11
CA ARG E 158 -15.80 29.31 -43.35
CA ARG E 158 -15.80 29.34 -43.34
C ARG E 158 -14.47 28.70 -43.85
C ARG E 158 -14.47 28.72 -43.80
N ILE E 159 -13.49 29.57 -44.11
CA ILE E 159 -12.13 29.12 -44.39
C ILE E 159 -11.44 29.00 -43.03
N VAL E 160 -11.08 27.76 -42.69
CA VAL E 160 -10.33 27.36 -41.45
C VAL E 160 -8.80 27.54 -41.61
N GLY E 161 -8.32 27.48 -42.84
CA GLY E 161 -6.94 27.80 -43.12
C GLY E 161 -6.58 27.61 -44.57
N ILE E 162 -5.45 28.21 -44.96
CA ILE E 162 -4.81 27.90 -46.25
C ILE E 162 -3.44 27.25 -45.97
N LEU E 163 -3.29 25.98 -46.36
CA LEU E 163 -1.98 25.33 -46.24
C LEU E 163 -1.10 25.65 -47.41
N HIS E 164 0.08 26.21 -47.13
CA HIS E 164 1.09 26.40 -48.19
C HIS E 164 2.13 25.26 -48.05
N ILE E 165 2.24 24.46 -49.12
CA ILE E 165 2.94 23.18 -49.12
C ILE E 165 4.10 23.09 -50.14
N GLY E 166 5.19 22.44 -49.73
CA GLY E 166 6.30 22.13 -50.64
C GLY E 166 7.47 21.44 -49.93
N TYR E 167 8.44 20.98 -50.70
CA TYR E 167 9.72 20.52 -50.12
C TYR E 167 10.57 21.73 -49.81
N PHE E 168 11.54 21.55 -48.92
CA PHE E 168 12.26 22.66 -48.32
C PHE E 168 13.68 22.17 -48.01
N ASP E 169 14.63 23.09 -47.92
CA ASP E 169 15.93 22.70 -47.39
C ASP E 169 16.33 23.46 -46.14
N LYS E 170 15.42 24.29 -45.64
N LYS E 170 15.39 24.25 -45.64
CA LYS E 170 15.61 25.02 -44.40
CA LYS E 170 15.58 25.08 -44.46
C LYS E 170 14.29 25.42 -43.77
C LYS E 170 14.25 25.27 -43.74
N ALA E 171 14.31 25.60 -42.46
CA ALA E 171 13.13 25.93 -41.68
C ALA E 171 13.57 26.64 -40.40
N PRO E 172 12.67 27.44 -39.79
CA PRO E 172 12.97 28.11 -38.52
C PRO E 172 13.33 27.09 -37.45
N GLU E 173 14.25 27.45 -36.56
CA GLU E 173 14.56 26.61 -35.40
C GLU E 173 13.29 26.33 -34.60
N GLY E 174 13.24 25.18 -33.97
CA GLY E 174 12.18 24.93 -32.99
C GLY E 174 12.22 26.00 -31.92
N LYS E 175 11.06 26.53 -31.55
N LYS E 175 11.06 26.54 -31.56
CA LYS E 175 10.94 27.55 -30.52
CA LYS E 175 10.96 27.56 -30.53
C LYS E 175 10.54 26.85 -29.23
C LYS E 175 10.52 26.91 -29.22
N ALA E 176 11.29 27.09 -28.17
CA ALA E 176 11.06 26.41 -26.88
C ALA E 176 9.66 26.62 -26.28
N ARG E 177 9.09 25.54 -25.73
CA ARG E 177 7.73 25.50 -25.22
C ARG E 177 7.66 25.76 -23.71
N THR E 178 6.53 26.24 -23.26
CA THR E 178 6.27 26.46 -21.83
C THR E 178 5.84 25.11 -21.25
N PRO E 179 6.52 24.68 -20.17
CA PRO E 179 6.18 23.43 -19.49
C PRO E 179 4.69 23.44 -19.11
N ILE E 180 3.97 22.38 -19.51
CA ILE E 180 2.54 22.30 -19.25
C ILE E 180 2.19 22.46 -17.77
N THR E 181 3.13 22.12 -16.88
CA THR E 181 2.97 22.37 -15.44
C THR E 181 2.76 23.84 -15.07
N GLU E 182 3.23 24.75 -15.92
CA GLU E 182 3.03 26.18 -15.69
C GLU E 182 1.72 26.68 -16.28
N LYS E 183 1.00 25.78 -16.93
CA LYS E 183 -0.23 26.11 -17.64
C LYS E 183 -1.35 25.19 -17.20
N MSE E 184 -1.13 24.52 -16.07
CA MSE E 184 -2.16 23.62 -15.57
C MSE E 184 -2.32 23.55 -14.05
O MSE E 184 -1.44 23.97 -13.30
CB MSE E 184 -1.98 22.23 -16.15
CG MSE E 184 -0.84 21.45 -15.60
SE MSE E 184 -1.07 19.60 -16.11
CE MSE E 184 0.61 19.03 -15.40
N GLU E 185 -3.48 23.04 -13.64
CA GLU E 185 -3.81 22.77 -12.25
C GLU E 185 -4.08 21.27 -12.14
N ILE E 186 -3.43 20.62 -11.18
CA ILE E 186 -3.76 19.22 -10.89
C ILE E 186 -4.72 19.12 -9.70
N ILE E 187 -5.84 18.43 -9.89
CA ILE E 187 -6.82 18.24 -8.82
C ILE E 187 -6.89 16.77 -8.43
N GLU E 188 -6.38 16.46 -7.23
CA GLU E 188 -6.27 15.08 -6.77
C GLU E 188 -6.55 14.93 -5.27
N ALA F 3 17.09 -7.11 -27.72
CA ALA F 3 16.08 -6.02 -27.59
C ALA F 3 15.87 -5.37 -28.95
N MSE F 4 14.60 -5.07 -29.27
CA MSE F 4 14.26 -4.44 -30.55
C MSE F 4 13.64 -3.08 -30.33
O MSE F 4 13.23 -2.77 -29.22
CB MSE F 4 13.27 -5.30 -31.34
CG MSE F 4 13.69 -6.73 -31.56
SE MSE F 4 14.96 -6.88 -32.99
CE MSE F 4 13.86 -6.48 -34.50
N THR F 5 13.58 -2.28 -31.39
CA THR F 5 12.86 -1.02 -31.36
C THR F 5 11.86 -1.06 -32.50
N THR F 6 10.66 -0.56 -32.25
CA THR F 6 9.63 -0.56 -33.27
C THR F 6 9.60 0.77 -34.04
N TYR F 7 9.28 0.68 -35.33
CA TYR F 7 9.30 1.83 -36.22
C TYR F 7 7.91 2.00 -36.85
N THR F 8 7.06 2.78 -36.19
CA THR F 8 5.68 2.98 -36.65
C THR F 8 5.54 4.21 -37.56
N SER F 9 4.57 4.13 -38.46
CA SER F 9 4.21 5.25 -39.31
C SER F 9 3.21 6.11 -38.52
N ILE F 10 3.47 7.42 -38.44
CA ILE F 10 2.51 8.35 -37.81
C ILE F 10 1.14 8.15 -38.45
N ALA F 11 1.16 7.83 -39.75
CA ALA F 11 -0.02 7.51 -40.53
C ALA F 11 -0.82 6.39 -39.90
N ASN F 12 -0.12 5.35 -39.42
CA ASN F 12 -0.75 4.23 -38.73
C ASN F 12 -1.41 4.61 -37.40
N VAL F 13 -0.79 5.50 -36.63
CA VAL F 13 -1.40 5.94 -35.38
C VAL F 13 -2.67 6.75 -35.64
N ILE F 14 -2.59 7.63 -36.63
CA ILE F 14 -3.71 8.51 -37.03
C ILE F 14 -4.91 7.68 -37.46
N LYS F 15 -4.66 6.68 -38.31
N LYS F 15 -4.70 6.67 -38.30
CA LYS F 15 -5.68 5.85 -38.93
CA LYS F 15 -5.81 5.88 -38.83
C LYS F 15 -6.21 4.81 -37.95
C LYS F 15 -6.36 4.83 -37.86
N GLU F 16 -5.44 4.57 -36.87
N GLU F 16 -5.53 4.36 -36.93
CA GLU F 16 -5.69 3.46 -35.97
CA GLU F 16 -5.97 3.35 -35.96
C GLU F 16 -6.32 3.90 -34.64
C GLU F 16 -6.53 3.96 -34.65
N ARG F 17 -6.11 5.17 -34.29
CA ARG F 17 -6.67 5.81 -33.08
C ARG F 17 -8.19 5.87 -33.09
N ARG F 18 -8.80 5.40 -31.99
CA ARG F 18 -10.25 5.47 -31.83
C ARG F 18 -10.58 6.28 -30.59
N SER F 19 -11.75 6.93 -30.62
CA SER F 19 -12.34 7.48 -29.40
C SER F 19 -12.76 6.32 -28.50
N VAL F 20 -12.33 6.36 -27.26
CA VAL F 20 -12.56 5.26 -26.32
C VAL F 20 -13.33 5.80 -25.12
N ARG F 21 -14.49 5.21 -24.84
CA ARG F 21 -15.43 5.71 -23.81
C ARG F 21 -15.53 4.86 -22.53
N THR F 22 -15.21 3.58 -22.65
CA THR F 22 -15.19 2.65 -21.51
C THR F 22 -13.75 2.20 -21.28
N PHE F 23 -13.30 2.27 -20.03
CA PHE F 23 -11.89 2.03 -19.70
C PHE F 23 -11.70 0.89 -18.68
N THR F 24 -10.53 0.25 -18.74
CA THR F 24 -10.14 -0.78 -17.78
C THR F 24 -9.72 -0.23 -16.42
N ASP F 25 -9.47 -1.12 -15.47
N ASP F 25 -9.47 -1.15 -15.49
CA ASP F 25 -9.19 -0.74 -14.09
CA ASP F 25 -9.16 -0.89 -14.09
C ASP F 25 -7.80 -0.11 -13.91
C ASP F 25 -7.75 -0.32 -13.85
N LYS F 26 -6.94 -0.28 -14.91
CA LYS F 26 -5.52 0.13 -14.81
C LYS F 26 -5.27 1.52 -14.27
N ALA F 27 -4.22 1.65 -13.45
CA ALA F 27 -3.81 2.95 -12.94
C ALA F 27 -3.13 3.71 -14.06
N VAL F 28 -3.58 4.95 -14.24
CA VAL F 28 -2.92 5.87 -15.14
C VAL F 28 -2.02 6.81 -14.31
N GLU F 29 -0.72 6.72 -14.53
N GLU F 29 -0.71 6.70 -14.51
CA GLU F 29 0.24 7.56 -13.81
CA GLU F 29 0.21 7.54 -13.76
C GLU F 29 0.13 9.01 -14.23
C GLU F 29 0.18 9.00 -14.22
N LYS F 30 0.18 9.90 -13.24
CA LYS F 30 0.13 11.34 -13.43
C LYS F 30 1.30 11.86 -14.27
N ASP F 31 2.50 11.39 -13.96
CA ASP F 31 3.72 11.78 -14.68
C ASP F 31 3.65 11.44 -16.16
N LEU F 32 3.04 10.30 -16.48
CA LEU F 32 2.86 9.92 -17.86
C LEU F 32 2.01 10.97 -18.56
N LEU F 33 0.88 11.32 -17.95
CA LEU F 33 0.00 12.34 -18.53
C LEU F 33 0.75 13.63 -18.77
N ILE F 34 1.45 14.13 -17.75
CA ILE F 34 2.29 15.31 -17.89
C ILE F 34 3.28 15.16 -19.04
N GLU F 35 3.85 13.95 -19.21
CA GLU F 35 4.81 13.70 -20.29
C GLU F 35 4.16 13.91 -21.65
N LEU F 36 3.01 13.28 -21.85
CA LEU F 36 2.29 13.40 -23.10
C LEU F 36 1.83 14.85 -23.35
N LEU F 37 1.42 15.54 -22.29
CA LEU F 37 0.95 16.92 -22.44
C LEU F 37 2.09 17.79 -22.93
N ASN F 38 3.31 17.51 -22.46
CA ASN F 38 4.47 18.29 -22.84
C ASN F 38 4.88 18.03 -24.26
N ASP F 39 4.90 16.77 -24.68
CA ASP F 39 5.08 16.45 -26.11
C ASP F 39 4.03 17.16 -26.96
N ALA F 40 2.77 17.12 -26.53
CA ALA F 40 1.67 17.72 -27.28
C ALA F 40 1.78 19.23 -27.50
N THR F 41 2.52 19.92 -26.63
CA THR F 41 2.65 21.39 -26.72
C THR F 41 3.33 21.86 -28.00
N TRP F 42 4.05 20.95 -28.67
CA TRP F 42 4.64 21.19 -29.98
C TRP F 42 3.57 21.23 -31.08
N ALA F 43 2.49 21.94 -30.79
CA ALA F 43 1.39 22.14 -31.73
C ALA F 43 1.70 23.46 -32.42
N PRO F 44 1.33 23.61 -33.72
CA PRO F 44 1.40 24.95 -34.28
C PRO F 44 0.57 25.93 -33.42
N ASN F 45 1.08 27.14 -33.23
CA ASN F 45 0.33 28.17 -32.53
C ASN F 45 0.83 29.49 -33.03
N HIS F 46 -0.05 30.24 -33.66
N HIS F 46 -0.06 30.24 -33.67
CA HIS F 46 0.35 31.50 -34.29
CA HIS F 46 0.29 31.51 -34.30
C HIS F 46 0.88 32.44 -33.24
C HIS F 46 0.87 32.45 -33.23
N LYS F 47 1.96 33.13 -33.61
CA LYS F 47 2.68 34.11 -32.75
C LYS F 47 3.20 33.52 -31.44
N HIS F 48 3.25 32.18 -31.36
CA HIS F 48 3.74 31.47 -30.18
C HIS F 48 2.99 31.91 -28.93
N ARG F 49 1.68 32.05 -29.05
CA ARG F 49 0.83 32.41 -27.91
C ARG F 49 0.59 31.24 -26.95
N GLU F 50 0.81 30.01 -27.43
CA GLU F 50 0.63 28.78 -26.63
C GLU F 50 -0.63 28.89 -25.77
N PRO F 51 -1.80 29.01 -26.44
CA PRO F 51 -3.00 29.49 -25.76
C PRO F 51 -3.60 28.50 -24.78
N TRP F 52 -3.17 27.24 -24.90
CA TRP F 52 -3.75 26.11 -24.17
C TRP F 52 -3.46 26.19 -22.67
N ASN F 53 -4.46 25.81 -21.88
CA ASN F 53 -4.37 25.70 -20.44
C ASN F 53 -5.12 24.45 -20.10
N CYS F 54 -4.80 23.87 -18.95
N CYS F 54 -4.82 23.89 -18.94
CA CYS F 54 -5.25 22.54 -18.57
CA CYS F 54 -5.31 22.57 -18.61
C CYS F 54 -5.70 22.45 -17.14
C CYS F 54 -5.69 22.43 -17.15
N LYS F 55 -6.72 21.64 -16.90
CA LYS F 55 -7.11 21.20 -15.56
C LYS F 55 -7.26 19.69 -15.54
N LEU F 56 -6.41 19.05 -14.75
CA LEU F 56 -6.33 17.59 -14.67
C LEU F 56 -6.98 17.10 -13.39
N TYR F 57 -8.00 16.24 -13.54
CA TYR F 57 -8.72 15.64 -12.42
C TYR F 57 -8.42 14.18 -12.40
N ILE F 58 -7.93 13.73 -11.24
CA ILE F 58 -7.35 12.40 -11.16
C ILE F 58 -7.56 11.85 -9.75
N GLY F 59 -7.76 10.53 -9.66
CA GLY F 59 -8.09 9.87 -8.39
C GLY F 59 -9.35 10.49 -7.77
N GLU F 60 -9.26 10.83 -6.48
N GLU F 60 -9.25 10.83 -6.48
CA GLU F 60 -10.37 11.44 -5.73
CA GLU F 60 -10.33 11.44 -5.71
C GLU F 60 -10.73 12.86 -6.19
C GLU F 60 -10.76 12.81 -6.27
N GLY F 61 -9.83 13.48 -6.96
CA GLY F 61 -10.09 14.82 -7.50
C GLY F 61 -11.22 14.87 -8.51
N ARG F 62 -11.53 13.71 -9.11
CA ARG F 62 -12.58 13.59 -10.12
C ARG F 62 -13.95 13.86 -9.53
N LYS F 63 -14.02 13.77 -8.20
CA LYS F 63 -15.24 14.04 -7.43
C LYS F 63 -15.52 15.54 -7.43
N LYS F 64 -14.46 16.34 -7.43
CA LYS F 64 -14.57 17.79 -7.62
C LYS F 64 -15.21 18.13 -8.97
N LEU F 65 -14.75 17.46 -10.02
CA LEU F 65 -15.26 17.66 -11.38
C LEU F 65 -16.74 17.30 -11.43
N VAL F 66 -17.08 16.08 -11.02
CA VAL F 66 -18.47 15.59 -10.96
C VAL F 66 -19.39 16.55 -10.20
N ASP F 67 -18.94 17.03 -9.04
N ASP F 67 -18.93 17.04 -9.05
CA ASP F 67 -19.70 17.99 -8.23
CA ASP F 67 -19.68 17.99 -8.22
C ASP F 67 -20.03 19.26 -9.00
C ASP F 67 -20.02 19.26 -9.00
N ALA F 68 -19.06 19.75 -9.77
CA ALA F 68 -19.24 20.95 -10.59
C ALA F 68 -20.22 20.68 -11.72
N VAL F 69 -20.05 19.53 -12.37
CA VAL F 69 -21.01 19.04 -13.36
C VAL F 69 -22.44 19.01 -12.83
N LEU F 70 -22.67 18.28 -11.74
N LEU F 70 -22.69 18.30 -11.73
CA LEU F 70 -24.02 18.12 -11.17
CA LEU F 70 -24.05 18.15 -11.24
C LEU F 70 -24.70 19.46 -10.83
C LEU F 70 -24.72 19.46 -10.81
N ASN F 71 -23.92 20.40 -10.29
CA ASN F 71 -24.46 21.70 -9.85
C ASN F 71 -24.84 22.61 -11.03
N SER F 72 -24.33 22.26 -12.20
CA SER F 72 -24.63 22.97 -13.44
C SER F 72 -25.95 22.52 -14.09
N PHE F 73 -26.54 21.45 -13.55
CA PHE F 73 -27.75 20.85 -14.09
C PHE F 73 -29.01 21.37 -13.43
N THR F 74 -30.10 21.30 -14.20
CA THR F 74 -31.46 21.51 -13.74
C THR F 74 -31.74 20.41 -12.74
N GLU F 75 -32.74 20.60 -11.89
CA GLU F 75 -33.11 19.56 -10.95
C GLU F 75 -33.54 18.28 -11.70
N GLU F 76 -34.13 18.47 -12.87
CA GLU F 76 -34.71 17.38 -13.66
C GLU F 76 -33.64 16.69 -14.46
N GLU F 77 -32.73 17.45 -15.06
N GLU F 77 -32.76 17.48 -15.07
CA GLU F 77 -31.63 16.83 -15.78
CA GLU F 77 -31.62 16.92 -15.77
C GLU F 77 -30.60 16.21 -14.84
C GLU F 77 -30.77 16.14 -14.77
N ARG F 78 -30.50 16.77 -13.63
CA ARG F 78 -29.69 16.19 -12.57
C ARG F 78 -30.26 14.85 -12.12
N ALA F 79 -31.59 14.78 -12.01
CA ALA F 79 -32.30 13.54 -11.67
C ALA F 79 -32.05 12.48 -12.73
N LYS F 80 -32.25 12.86 -13.99
CA LYS F 80 -32.16 11.95 -15.12
C LYS F 80 -30.73 11.54 -15.43
N ARG F 81 -29.80 12.48 -15.33
N ARG F 81 -29.81 12.49 -15.33
CA ARG F 81 -28.44 12.26 -15.78
CA ARG F 81 -28.44 12.31 -15.80
C ARG F 81 -27.46 11.99 -14.64
C ARG F 81 -27.38 12.23 -14.69
N GLY F 82 -27.78 12.49 -13.46
CA GLY F 82 -26.85 12.54 -12.31
C GLY F 82 -26.01 11.34 -11.94
N LYS F 83 -26.67 10.21 -11.69
CA LYS F 83 -26.00 9.00 -11.22
C LYS F 83 -25.18 8.38 -12.33
N ILE F 84 -25.74 8.28 -13.54
CA ILE F 84 -25.00 7.71 -14.69
C ILE F 84 -23.71 8.45 -15.00
N LEU F 85 -23.74 9.78 -15.00
N LEU F 85 -23.75 9.78 -14.99
CA LEU F 85 -22.54 10.58 -15.23
CA LEU F 85 -22.58 10.58 -15.22
C LEU F 85 -21.52 10.43 -14.12
C LEU F 85 -21.54 10.37 -14.12
N SER F 86 -21.97 10.47 -12.86
CA SER F 86 -21.10 10.30 -11.69
C SER F 86 -20.42 8.93 -11.70
N ASP F 87 -21.20 7.88 -12.01
CA ASP F 87 -20.69 6.55 -12.19
C ASP F 87 -19.60 6.59 -13.26
N ARG F 88 -19.93 7.17 -14.41
CA ARG F 88 -19.03 7.19 -15.55
C ARG F 88 -17.73 7.94 -15.32
N PHE F 89 -17.81 9.17 -14.81
CA PHE F 89 -16.62 9.97 -14.52
C PHE F 89 -15.75 9.28 -13.49
N LEU F 90 -16.39 8.71 -12.48
CA LEU F 90 -15.65 8.03 -11.43
C LEU F 90 -15.11 6.66 -11.85
N SER F 91 -15.62 6.15 -12.99
CA SER F 91 -15.12 4.94 -13.65
C SER F 91 -14.04 5.22 -14.69
N THR F 92 -13.69 6.49 -14.90
CA THR F 92 -12.64 6.80 -15.84
C THR F 92 -11.40 7.39 -15.16
N PRO F 93 -10.23 6.79 -15.42
CA PRO F 93 -8.97 7.13 -14.76
C PRO F 93 -8.67 8.63 -14.65
N ALA F 94 -8.75 9.39 -15.75
CA ALA F 94 -8.52 10.86 -15.68
C ALA F 94 -9.43 11.72 -16.56
N GLN F 95 -9.61 12.97 -16.13
CA GLN F 95 -10.26 14.00 -16.95
C GLN F 95 -9.37 15.22 -17.12
N ILE F 96 -9.14 15.63 -18.36
CA ILE F 96 -8.41 16.87 -18.56
C ILE F 96 -9.35 17.92 -19.16
N VAL F 97 -9.58 19.03 -18.45
CA VAL F 97 -10.32 20.15 -19.04
C VAL F 97 -9.32 21.05 -19.73
N VAL F 98 -9.52 21.24 -21.04
CA VAL F 98 -8.63 22.06 -21.87
C VAL F 98 -9.41 23.35 -22.17
N TYR F 99 -8.77 24.48 -21.87
CA TYR F 99 -9.44 25.77 -21.99
C TYR F 99 -8.44 26.84 -22.41
N MSE F 100 -8.94 28.02 -22.78
CA MSE F 100 -8.10 29.10 -23.26
C MSE F 100 -8.71 30.41 -22.86
O MSE F 100 -9.94 30.52 -22.66
CB MSE F 100 -7.93 29.06 -24.79
CG MSE F 100 -9.15 29.06 -25.55
SE MSE F 100 -8.89 29.19 -27.48
CE MSE F 100 -10.09 30.62 -27.84
N ASN F 101 -7.87 31.41 -22.77
CA ASN F 101 -8.44 32.76 -22.73
C ASN F 101 -8.96 33.22 -24.08
N GLU F 102 -10.16 33.77 -24.13
CA GLU F 102 -10.69 34.25 -25.41
C GLU F 102 -10.27 35.68 -25.78
N ASP F 103 -9.40 35.80 -26.78
CA ASP F 103 -9.19 37.09 -27.44
C ASP F 103 -10.54 37.70 -27.89
N PRO F 104 -10.74 39.00 -27.65
CA PRO F 104 -11.92 39.73 -28.10
C PRO F 104 -12.00 39.90 -29.64
N ARG F 105 -10.92 39.54 -30.31
CA ARG F 105 -10.82 39.68 -31.77
C ARG F 105 -10.98 38.32 -32.42
N GLN F 106 -11.88 38.26 -33.39
CA GLN F 106 -12.21 37.02 -34.08
C GLN F 106 -10.97 36.23 -34.58
N ILE F 107 -10.09 36.93 -35.28
CA ILE F 107 -8.97 36.26 -35.94
C ILE F 107 -8.06 35.56 -34.97
N GLN F 108 -7.56 36.27 -33.97
CA GLN F 108 -6.70 35.62 -32.98
C GLN F 108 -7.40 34.66 -32.06
N ARG F 109 -8.70 34.84 -31.90
CA ARG F 109 -9.46 33.92 -31.11
C ARG F 109 -9.52 32.60 -31.85
N ASP F 110 -9.92 32.66 -33.13
CA ASP F 110 -9.97 31.46 -34.01
C ASP F 110 -8.61 30.79 -34.08
N GLU F 111 -7.56 31.58 -34.28
CA GLU F 111 -6.16 31.10 -34.26
C GLU F 111 -5.82 30.35 -32.98
N ASP F 112 -6.18 30.92 -31.83
CA ASP F 112 -5.93 30.27 -30.55
C ASP F 112 -6.74 28.98 -30.37
N TYR F 113 -7.99 28.98 -30.81
CA TYR F 113 -8.83 27.80 -30.73
C TYR F 113 -8.24 26.67 -31.58
N ALA F 114 -7.83 27.03 -32.78
CA ALA F 114 -7.15 26.15 -33.76
C ALA F 114 -5.94 25.45 -33.15
N ALA F 115 -5.06 26.24 -32.54
CA ALA F 115 -3.83 25.80 -31.87
C ALA F 115 -4.19 24.81 -30.78
N THR F 116 -5.18 25.19 -29.98
CA THR F 116 -5.61 24.35 -28.86
C THR F 116 -6.19 23.02 -29.38
N CYS F 117 -6.92 23.06 -30.49
CA CYS F 117 -7.49 21.82 -31.05
C CYS F 117 -6.39 20.92 -31.56
N ALA F 118 -5.35 21.54 -32.15
CA ALA F 118 -4.17 20.86 -32.67
C ALA F 118 -3.38 20.23 -31.52
N PHE F 119 -3.26 20.97 -30.42
CA PHE F 119 -2.62 20.47 -29.19
C PHE F 119 -3.39 19.26 -28.63
N MSE F 120 -4.73 19.36 -28.68
CA MSE F 120 -5.56 18.25 -28.30
C MSE F 120 -5.40 17.02 -29.20
O MSE F 120 -5.40 15.92 -28.69
CB MSE F 120 -7.02 18.67 -28.18
CG MSE F 120 -7.20 19.55 -26.99
SE MSE F 120 -8.99 20.22 -26.68
CE MSE F 120 -9.66 18.62 -25.74
N GLN F 121 -5.27 17.20 -30.52
CA GLN F 121 -5.09 16.06 -31.43
C GLN F 121 -3.71 15.40 -31.25
N ASN F 122 -2.67 16.21 -31.10
CA ASN F 122 -1.36 15.76 -30.67
C ASN F 122 -1.46 14.78 -29.50
N PHE F 123 -2.01 15.25 -28.40
CA PHE F 123 -2.22 14.43 -27.22
C PHE F 123 -2.97 13.11 -27.51
N GLN F 124 -4.08 13.16 -28.25
CA GLN F 124 -4.81 11.90 -28.52
C GLN F 124 -3.92 10.91 -29.24
N LEU F 125 -3.07 11.44 -30.11
CA LEU F 125 -2.13 10.64 -30.91
C LEU F 125 -1.03 10.05 -30.04
N LEU F 126 -0.48 10.89 -29.17
CA LEU F 126 0.60 10.54 -28.27
C LEU F 126 0.12 9.56 -27.21
N ALA F 127 -1.14 9.72 -26.79
CA ALA F 127 -1.70 8.85 -25.79
C ALA F 127 -1.93 7.49 -26.42
N TRP F 128 -2.45 7.50 -27.65
CA TRP F 128 -2.73 6.26 -28.36
C TRP F 128 -1.49 5.38 -28.52
N GLU F 129 -0.35 6.00 -28.80
CA GLU F 129 0.93 5.28 -28.93
C GLU F 129 1.25 4.45 -27.67
N ARG F 130 0.78 4.94 -26.52
CA ARG F 130 1.06 4.35 -25.21
C ARG F 130 -0.03 3.36 -24.74
N GLY F 131 -1.08 3.20 -25.53
CA GLY F 131 -2.18 2.34 -25.15
C GLY F 131 -3.23 3.02 -24.29
N LEU F 132 -3.10 4.34 -24.12
CA LEU F 132 -4.14 5.14 -23.47
C LEU F 132 -5.16 5.51 -24.52
N GLY F 133 -6.42 5.20 -24.27
CA GLY F 133 -7.49 5.67 -25.14
C GLY F 133 -8.11 6.92 -24.56
N CYS F 134 -8.75 7.72 -25.42
CA CYS F 134 -9.60 8.83 -24.93
C CYS F 134 -10.73 9.25 -25.84
N VAL F 135 -11.63 10.02 -25.22
CA VAL F 135 -12.70 10.75 -25.89
C VAL F 135 -12.60 12.19 -25.51
N TRP F 136 -12.88 12.99 -26.52
CA TRP F 136 -12.82 14.43 -26.44
C TRP F 136 -14.28 14.83 -26.38
N LYS F 137 -14.69 15.36 -25.23
CA LYS F 137 -16.07 15.75 -25.02
C LYS F 137 -16.28 17.24 -25.26
N SER F 138 -17.33 17.54 -26.02
CA SER F 138 -17.89 18.88 -26.15
C SER F 138 -19.38 18.81 -25.87
N GLY F 139 -20.08 19.90 -26.08
CA GLY F 139 -21.51 19.81 -25.83
C GLY F 139 -21.80 20.81 -24.78
N GLY F 140 -23.08 21.01 -24.52
CA GLY F 140 -23.58 22.08 -23.67
C GLY F 140 -22.91 22.32 -22.34
N LEU F 141 -22.45 21.24 -21.70
CA LEU F 141 -21.79 21.34 -20.38
C LEU F 141 -20.64 22.37 -20.41
N ASN F 142 -19.87 22.30 -21.49
CA ASN F 142 -18.69 23.12 -21.72
C ASN F 142 -19.01 24.61 -21.88
N TYR F 143 -20.28 24.93 -22.10
CA TYR F 143 -20.73 26.31 -22.33
C TYR F 143 -21.61 26.85 -21.23
N ASN F 144 -21.92 25.98 -20.26
CA ASN F 144 -22.79 26.32 -19.16
C ASN F 144 -22.02 27.17 -18.14
N PRO F 145 -22.41 28.45 -17.94
CA PRO F 145 -21.67 29.26 -16.97
C PRO F 145 -21.59 28.69 -15.56
N LEU F 146 -22.60 27.92 -15.14
CA LEU F 146 -22.60 27.30 -13.82
C LEU F 146 -21.52 26.23 -13.71
N PHE F 147 -21.25 25.53 -14.81
CA PHE F 147 -20.17 24.55 -14.83
C PHE F 147 -18.81 25.23 -14.85
N ILE F 148 -18.70 26.21 -15.72
CA ILE F 148 -17.51 27.01 -15.90
C ILE F 148 -17.07 27.62 -14.59
N GLU F 149 -17.99 28.29 -13.91
CA GLU F 149 -17.64 28.90 -12.63
C GLU F 149 -17.31 27.82 -11.62
N GLY F 150 -18.14 26.78 -11.60
CA GLY F 150 -17.96 25.61 -10.74
C GLY F 150 -16.61 24.92 -10.77
N ILE F 151 -15.88 25.04 -11.89
CA ILE F 151 -14.48 24.50 -11.93
C ILE F 151 -13.46 25.62 -11.76
N GLY F 152 -13.95 26.82 -11.48
CA GLY F 152 -13.06 27.94 -11.17
C GLY F 152 -12.54 28.64 -12.39
N LEU F 153 -13.27 28.58 -13.49
CA LEU F 153 -12.89 29.32 -14.70
C LEU F 153 -13.58 30.68 -14.66
N THR F 154 -12.97 31.68 -15.29
CA THR F 154 -13.56 33.04 -15.35
C THR F 154 -14.33 33.28 -16.66
N ARG F 155 -15.04 34.40 -16.71
CA ARG F 155 -15.67 34.90 -17.94
C ARG F 155 -14.62 35.13 -19.03
N GLY F 156 -14.94 34.73 -20.26
CA GLY F 156 -13.99 34.85 -21.36
C GLY F 156 -12.89 33.79 -21.39
N GLN F 157 -13.07 32.70 -20.65
CA GLN F 157 -12.23 31.51 -20.77
C GLN F 157 -13.06 30.39 -21.42
N ARG F 158 -12.74 30.06 -22.68
N ARG F 158 -12.70 29.99 -22.64
CA ARG F 158 -13.44 29.04 -23.44
CA ARG F 158 -13.49 28.98 -23.35
C ARG F 158 -12.95 27.66 -23.05
C ARG F 158 -12.97 27.56 -23.12
N ILE F 159 -13.84 26.75 -22.71
N ILE F 159 -13.87 26.67 -22.70
CA ILE F 159 -13.39 25.38 -22.67
CA ILE F 159 -13.56 25.25 -22.68
C ILE F 159 -13.54 24.75 -24.07
C ILE F 159 -13.57 24.73 -24.12
N VAL F 160 -12.41 24.30 -24.59
CA VAL F 160 -12.28 23.71 -25.95
C VAL F 160 -12.65 22.21 -25.92
N GLY F 161 -12.49 21.59 -24.75
CA GLY F 161 -12.79 20.19 -24.64
C GLY F 161 -12.52 19.61 -23.26
N ILE F 162 -13.21 18.52 -22.95
CA ILE F 162 -12.81 17.66 -21.83
C ILE F 162 -12.38 16.30 -22.36
N LEU F 163 -11.13 15.95 -22.14
CA LEU F 163 -10.63 14.64 -22.48
C LEU F 163 -10.89 13.67 -21.32
N HIS F 164 -11.51 12.54 -21.62
CA HIS F 164 -11.61 11.43 -20.68
C HIS F 164 -10.59 10.37 -21.09
N ILE F 165 -9.78 9.92 -20.14
CA ILE F 165 -8.60 9.12 -20.48
C ILE F 165 -8.42 7.94 -19.56
N GLY F 166 -8.09 6.79 -20.15
CA GLY F 166 -7.60 5.62 -19.42
C GLY F 166 -7.17 4.53 -20.38
N TYR F 167 -6.72 3.41 -19.81
CA TYR F 167 -6.43 2.22 -20.64
C TYR F 167 -7.74 1.51 -20.91
N PHE F 168 -7.74 0.67 -21.93
CA PHE F 168 -8.97 0.05 -22.41
C PHE F 168 -8.73 -1.35 -22.91
N ASP F 169 -9.84 -2.02 -23.24
CA ASP F 169 -9.84 -3.41 -23.63
C ASP F 169 -9.89 -3.55 -25.15
N LYS F 170 -11.11 -3.47 -25.68
CA LYS F 170 -11.35 -3.66 -27.09
C LYS F 170 -11.25 -2.31 -27.77
N ALA F 171 -10.37 -2.22 -28.78
CA ALA F 171 -10.31 -1.04 -29.64
C ALA F 171 -11.62 -0.97 -30.43
N PRO F 172 -12.39 0.13 -30.28
CA PRO F 172 -13.64 0.28 -31.02
C PRO F 172 -13.45 0.23 -32.53
N GLU F 173 -14.51 -0.19 -33.22
CA GLU F 173 -14.50 -0.26 -34.67
C GLU F 173 -14.42 1.13 -35.27
N GLY F 174 -13.61 1.29 -36.31
CA GLY F 174 -13.57 2.54 -37.06
C GLY F 174 -14.78 2.70 -37.96
N LYS F 175 -15.22 3.95 -38.12
CA LYS F 175 -16.25 4.26 -39.10
C LYS F 175 -15.58 4.68 -40.40
N ALA F 176 -16.01 4.08 -41.51
CA ALA F 176 -15.44 4.38 -42.81
C ALA F 176 -15.43 5.89 -43.13
N ARG F 177 -14.31 6.36 -43.67
CA ARG F 177 -14.15 7.76 -44.05
C ARG F 177 -14.52 8.00 -45.51
N THR F 178 -15.22 9.09 -45.77
CA THR F 178 -15.46 9.46 -47.17
C THR F 178 -14.17 9.99 -47.83
N PRO F 179 -13.91 9.54 -49.08
CA PRO F 179 -12.71 9.93 -49.82
C PRO F 179 -12.67 11.41 -50.09
N ILE F 180 -11.48 11.99 -49.92
CA ILE F 180 -11.30 13.45 -49.97
C ILE F 180 -11.58 13.99 -51.37
N THR F 181 -11.39 13.14 -52.37
CA THR F 181 -11.66 13.50 -53.76
C THR F 181 -13.13 13.92 -53.93
N GLU F 182 -14.00 13.35 -53.10
CA GLU F 182 -15.40 13.77 -53.02
C GLU F 182 -15.64 15.13 -52.35
N LYS F 183 -14.75 15.54 -51.44
CA LYS F 183 -14.93 16.78 -50.66
C LYS F 183 -13.97 17.88 -51.15
N MSE F 184 -13.57 17.78 -52.42
CA MSE F 184 -12.45 18.50 -52.96
C MSE F 184 -12.64 18.94 -54.40
O MSE F 184 -13.31 18.26 -55.19
CB MSE F 184 -11.22 17.61 -52.88
CG MSE F 184 -9.89 18.24 -53.18
SE MSE F 184 -8.48 16.89 -53.09
CE MSE F 184 -7.22 18.17 -52.31
N GLU F 185 -12.05 20.09 -54.74
N GLU F 185 -12.04 20.08 -54.74
CA GLU F 185 -11.88 20.55 -56.11
CA GLU F 185 -11.88 20.49 -56.12
C GLU F 185 -10.38 20.74 -56.36
C GLU F 185 -10.39 20.75 -56.37
N ILE F 186 -9.92 20.35 -57.55
CA ILE F 186 -8.51 20.55 -57.92
C ILE F 186 -8.44 21.57 -59.05
N ILE F 187 -7.58 22.56 -58.85
CA ILE F 187 -7.42 23.66 -59.80
C ILE F 187 -5.97 23.63 -60.32
N GLU F 188 -5.83 23.15 -61.56
CA GLU F 188 -4.54 23.12 -62.28
C GLU F 188 -4.52 24.15 -63.43
N GLY F 189 -5.53 25.00 -63.49
CA GLY F 189 -5.65 25.99 -64.54
C GLY F 189 -6.89 26.86 -64.37
N1 FMN G . 18.93 -30.20 -4.93
C2 FMN G . 19.58 -30.44 -6.13
O2 FMN G . 18.92 -30.60 -7.16
N3 FMN G . 20.96 -30.52 -6.17
C4 FMN G . 21.68 -30.33 -4.98
O4 FMN G . 22.85 -30.64 -4.92
C4A FMN G . 21.01 -30.09 -3.80
N5 FMN G . 21.76 -29.92 -2.64
C5A FMN G . 21.11 -29.68 -1.43
C6 FMN G . 21.91 -29.52 -0.31
C7 FMN G . 21.38 -29.27 0.94
C7M FMN G . 22.34 -28.83 2.01
C8 FMN G . 20.01 -29.19 1.07
C8M FMN G . 19.44 -28.81 2.42
C9 FMN G . 19.17 -29.36 -0.07
C9A FMN G . 19.71 -29.61 -1.34
N10 FMN G . 18.95 -29.80 -2.53
C10 FMN G . 19.62 -30.02 -3.74
C1' FMN G . 17.45 -30.05 -2.51
C2' FMN G . 17.15 -31.55 -2.33
O2' FMN G . 17.65 -32.26 -3.44
C3' FMN G . 15.71 -32.00 -2.03
O3' FMN G . 15.02 -32.59 -3.12
C4' FMN G . 14.76 -30.92 -1.53
O4' FMN G . 15.39 -30.09 -0.59
C5' FMN G . 13.55 -31.61 -0.93
O5' FMN G . 12.43 -31.04 -1.61
P FMN G . 12.04 -29.49 -1.34
O1P FMN G . 11.25 -28.98 -2.52
O2P FMN G . 11.16 -29.49 -0.11
O3P FMN G . 13.24 -28.59 -1.07
S SO4 H . 30.27 -31.60 9.60
O1 SO4 H . 31.70 -31.37 9.35
O2 SO4 H . 29.57 -30.31 9.59
O3 SO4 H . 29.71 -32.48 8.56
O4 SO4 H . 30.13 -32.21 10.92
S SO4 I . 24.39 -25.48 28.75
O1 SO4 I . 24.63 -24.04 28.67
O2 SO4 I . 23.00 -25.77 28.41
O3 SO4 I . 25.31 -26.15 27.83
O4 SO4 I . 24.67 -25.96 30.10
N1 FMN J . 23.63 -19.41 22.59
C2 FMN J . 24.14 -19.73 23.85
O2 FMN J . 23.81 -19.10 24.85
N3 FMN J . 25.01 -20.79 23.99
C4 FMN J . 25.39 -21.53 22.87
O4 FMN J . 26.09 -22.52 23.01
C4A FMN J . 24.88 -21.20 21.61
N5 FMN J . 25.27 -21.93 20.51
C5A FMN J . 24.78 -21.62 19.26
C6 FMN J . 25.20 -22.39 18.20
C7 FMN J . 24.77 -22.20 16.91
C7M FMN J . 24.69 -23.49 16.17
C8 FMN J . 23.90 -21.14 16.67
C8M FMN J . 23.20 -21.05 15.33
C9 FMN J . 23.46 -20.34 17.74
C9A FMN J . 23.89 -20.58 19.06
N10 FMN J . 23.51 -19.77 20.18
C10 FMN J . 23.98 -20.13 21.46
C1' FMN J . 23.74 -18.30 19.98
C2' FMN J . 22.57 -17.49 19.43
O2' FMN J . 21.82 -18.24 18.48
C3' FMN J . 23.18 -16.24 18.79
O3' FMN J . 23.95 -15.51 19.73
C4' FMN J . 22.12 -15.30 18.25
O4' FMN J . 22.45 -14.94 16.93
C5' FMN J . 22.10 -14.04 19.09
O5' FMN J . 21.28 -13.11 18.44
P FMN J . 19.73 -13.47 18.13
O1P FMN J . 19.57 -14.96 17.82
O2P FMN J . 19.37 -12.68 16.88
O3P FMN J . 18.91 -13.09 19.37
S SO4 K . -24.18 -5.31 10.12
O1 SO4 K . -24.99 -4.24 10.72
O2 SO4 K . -24.99 -5.99 9.11
O3 SO4 K . -23.00 -4.73 9.47
O4 SO4 K . -23.76 -6.30 11.12
S SO4 L . -24.95 8.98 25.21
O1 SO4 L . -25.50 10.30 24.88
O2 SO4 L . -24.80 8.83 26.66
O3 SO4 L . -25.84 7.96 24.68
O4 SO4 L . -23.62 8.85 24.58
N1 FMN M . -16.75 -0.94 11.66
N1 FMN M . -17.22 -0.56 10.70
C2 FMN M . -17.70 -1.46 10.78
C2 FMN M . -18.22 -1.14 9.93
O2 FMN M . -17.38 -2.22 9.87
O2 FMN M . -17.94 -1.76 8.91
N3 FMN M . -19.03 -1.12 10.92
N3 FMN M . -19.55 -1.04 10.31
C4 FMN M . -19.40 -0.27 11.93
C4 FMN M . -19.87 -0.35 11.47
O4 FMN M . -20.61 0.12 11.96
O4 FMN M . -21.05 -0.42 11.91
C4A FMN M . -18.46 0.25 12.82
C4A FMN M . -18.86 0.24 12.24
N5 FMN M . -18.84 1.12 13.82
N5 FMN M . -19.19 0.94 13.38
C5A FMN M . -17.92 1.63 14.71
C5A FMN M . -18.22 1.52 14.17
C6 FMN M . -18.37 2.49 15.70
C6 FMN M . -18.62 2.19 15.31
C7 FMN M . -17.50 3.04 16.63
C7 FMN M . -17.69 2.81 16.14
C7M FMN M . -18.14 3.30 17.95
C7M FMN M . -18.15 3.16 17.53
C8 FMN M . -16.14 2.73 16.55
C8 FMN M . -16.33 2.74 15.83
C8M FMN M . -15.17 3.26 17.57
C8M FMN M . -15.30 3.03 16.89
C9 FMN M . -15.68 1.87 15.54
C9 FMN M . -15.95 2.06 14.66
C9A FMN M . -16.56 1.30 14.60
C9A FMN M . -16.87 1.43 13.81
N10 FMN M . -16.14 0.44 13.58
N10 FMN M . -16.49 0.72 12.64
C10 FMN M . -17.10 -0.09 12.69
C10 FMN M . -17.52 0.15 11.86
C1' FMN M . -14.67 0.32 13.26
C1' FMN M . -15.21 -0.10 12.55
C2' FMN M . -14.15 1.48 12.41
C2' FMN M . -13.84 0.49 12.97
O2' FMN M . -15.20 2.00 11.60
O2' FMN M . -13.90 0.79 14.35
C3' FMN M . -12.97 1.15 11.47
C3' FMN M . -13.27 1.67 12.14
O3' FMN M . -13.18 -0.10 10.85
O3' FMN M . -13.33 1.43 10.73
C4' FMN M . -11.56 1.17 12.08
C4' FMN M . -11.84 2.07 12.54
O4' FMN M . -11.46 0.31 13.20
O4' FMN M . -11.04 2.44 11.43
C5' FMN M . -11.06 2.56 12.42
C5' FMN M . -11.08 1.06 13.40
O5' FMN M . -9.95 2.87 11.63
O5' FMN M . -10.46 0.02 12.70
P FMN M . -10.05 3.85 10.35
P FMN M . -9.01 0.28 12.09
O1P FMN M . -9.37 5.16 10.66
O1P FMN M . -9.23 0.96 10.76
O2P FMN M . -11.49 4.08 9.95
O2P FMN M . -8.24 -0.97 11.82
O3P FMN M . -9.34 3.18 9.19
O3P FMN M . -8.25 1.23 13.01
S SO4 N . -12.64 18.42 39.25
O1 SO4 N . -13.94 18.56 38.55
O2 SO4 N . -12.74 17.57 40.45
O3 SO4 N . -11.57 17.99 38.35
O4 SO4 N . -12.28 19.73 39.75
N1 FMN O . -12.44 9.93 38.74
C2 FMN O . -12.59 11.03 39.57
O2 FMN O . -11.89 11.12 40.60
N3 FMN O . -13.55 12.01 39.20
C4 FMN O . -14.30 11.87 38.02
O4 FMN O . -14.92 12.87 37.55
C4A FMN O . -14.12 10.73 37.22
N5 FMN O . -14.86 10.54 36.06
C5A FMN O . -14.67 9.42 35.27
C6 FMN O . -15.45 9.32 34.13
C7 FMN O . -15.34 8.24 33.26
C7M FMN O . -15.79 8.48 31.85
C8 FMN O . -14.43 7.22 33.55
C8M FMN O . -14.37 6.04 32.63
C9 FMN O . -13.63 7.33 34.72
C9A FMN O . -13.74 8.43 35.60
N10 FMN O . -12.95 8.62 36.79
C10 FMN O . -13.17 9.77 37.58
C1' FMN O . -12.13 7.52 37.42
C2' FMN O . -13.11 6.55 38.10
O2' FMN O . -13.63 7.07 39.32
C3' FMN O . -12.63 5.11 38.34
O3' FMN O . -11.98 4.96 39.58
C4' FMN O . -11.94 4.38 37.18
O4' FMN O . -12.22 3.02 37.44
C5' FMN O . -10.42 4.52 37.13
O5' FMN O . -9.64 3.33 37.16
P FMN O . -9.47 2.54 38.54
O1P FMN O . -9.80 1.08 38.18
O2P FMN O . -8.12 2.66 39.21
O3P FMN O . -10.45 3.08 39.56
S SO4 P . -0.70 34.91 -47.00
O1 SO4 P . -1.86 35.80 -47.01
O2 SO4 P . -1.12 33.51 -47.13
O3 SO4 P . 0.16 35.14 -48.15
O4 SO4 P . 0.10 35.20 -45.81
S SO4 Q . -20.41 14.31 -20.72
O1 SO4 Q . -20.87 15.31 -21.70
O2 SO4 Q . -20.87 14.77 -19.42
O3 SO4 Q . -20.96 13.00 -21.02
O4 SO4 Q . -18.95 14.19 -20.67
#